data_2GTD
#
_entry.id   2GTD
#
_cell.length_a   75.112
_cell.length_b   137.788
_cell.length_c   75.221
_cell.angle_alpha   90.000
_cell.angle_beta   109.230
_cell.angle_gamma   90.000
#
_symmetry.space_group_name_H-M   'P 1 21 1'
#
loop_
_entity.id
_entity.type
_entity.pdbx_description
1 polymer 'Type III Pantothenate Kinase'
2 water water
#
_entity_poly.entity_id   1
_entity_poly.type   'polypeptide(L)'
_entity_poly.pdbx_seq_one_letter_code
;GAMDPMYLLVDVGNTHSVFSITEDGKTFRRWRLSTGVFQTEDELFSHLHPLLGDAMREIKGIGVASVVPTQNTVIERFSQ
KYFHISPIWVKAKNGCVKWNVKNPSEVGADRVANVVAFVKEYGKNGIIIDMGTATTVDLVVNGSYEGGAILPGFFMMVHS
LFRGTAKLPLVEVKPADFVVGKDTEENIRLGVVNGSVYALEGIIGRIKEVYGDLPVVLTGGQSKIVKDMIKHEIFDEDLT
IKGVYHFCFGD
;
_entity_poly.pdbx_strand_id   A,B,C,D,E,F
#
# COMPACT_ATOMS: atom_id res chain seq x y z
N MET A 3 -43.86 3.05 -28.64
CA MET A 3 -43.10 3.31 -27.38
C MET A 3 -41.57 3.33 -27.54
N ASP A 4 -40.98 4.03 -26.58
CA ASP A 4 -39.55 4.25 -26.52
C ASP A 4 -39.13 3.81 -25.11
N PRO A 5 -38.92 2.50 -24.90
CA PRO A 5 -38.50 1.97 -23.60
C PRO A 5 -37.20 2.62 -23.14
N MET A 6 -37.10 2.90 -21.85
CA MET A 6 -35.87 3.49 -21.28
C MET A 6 -34.81 2.42 -21.00
N TYR A 7 -33.55 2.65 -21.37
CA TYR A 7 -32.49 1.68 -21.05
C TYR A 7 -31.39 2.31 -20.20
N LEU A 8 -30.91 1.53 -19.22
CA LEU A 8 -29.73 1.92 -18.46
C LEU A 8 -28.52 1.22 -19.06
N LEU A 9 -27.56 2.03 -19.49
CA LEU A 9 -26.32 1.56 -20.02
C LEU A 9 -25.20 1.85 -19.03
N VAL A 10 -24.35 0.87 -18.79
CA VAL A 10 -23.34 0.99 -17.75
C VAL A 10 -21.96 0.70 -18.33
N ASP A 11 -21.00 1.58 -18.07
CA ASP A 11 -19.61 1.32 -18.45
C ASP A 11 -18.75 1.34 -17.19
N VAL A 12 -18.40 0.15 -16.75
CA VAL A 12 -17.61 -0.08 -15.52
C VAL A 12 -16.11 -0.08 -15.83
N GLY A 13 -15.48 1.02 -15.42
CA GLY A 13 -14.04 1.18 -15.52
C GLY A 13 -13.31 0.98 -14.19
N ASN A 14 -11.99 0.91 -14.26
CA ASN A 14 -11.16 0.64 -13.09
C ASN A 14 -11.25 1.73 -12.05
N THR A 15 -11.49 2.92 -12.54
CA THR A 15 -11.47 4.09 -11.72
C THR A 15 -12.89 4.64 -11.51
N HIS A 16 -13.64 4.70 -12.61
CA HIS A 16 -14.93 5.33 -12.63
C HIS A 16 -15.89 4.44 -13.37
N SER A 17 -17.17 4.56 -13.06
CA SER A 17 -18.22 3.89 -13.80
C SER A 17 -19.18 4.95 -14.36
N VAL A 18 -19.54 4.79 -15.63
CA VAL A 18 -20.52 5.64 -16.31
C VAL A 18 -21.91 4.97 -16.33
N PHE A 19 -22.94 5.70 -15.89
CA PHE A 19 -24.32 5.25 -15.95
C PHE A 19 -25.08 6.21 -16.83
N SER A 20 -25.80 5.70 -17.81
CA SER A 20 -26.45 6.55 -18.79
C SER A 20 -27.81 5.99 -19.12
N ILE A 21 -28.79 6.86 -19.36
CA ILE A 21 -30.10 6.41 -19.80
C ILE A 21 -30.43 7.03 -21.15
N THR A 22 -31.12 6.23 -21.96
CA THR A 22 -31.58 6.64 -23.29
C THR A 22 -32.96 6.03 -23.47
N GLU A 23 -33.79 6.70 -24.25
CA GLU A 23 -35.09 6.15 -24.66
C GLU A 23 -35.15 5.96 -26.18
N ASP A 24 -34.04 6.25 -26.84
CA ASP A 24 -33.98 6.17 -28.29
C ASP A 24 -32.65 5.61 -28.84
N GLY A 25 -31.60 5.63 -28.02
CA GLY A 25 -30.29 5.20 -28.48
C GLY A 25 -29.54 6.26 -29.28
N LYS A 26 -30.02 7.51 -29.22
CA LYS A 26 -29.31 8.65 -29.85
C LYS A 26 -29.04 9.80 -28.88
N THR A 27 -29.97 10.03 -27.95
CA THR A 27 -29.75 10.98 -26.88
C THR A 27 -29.49 10.22 -25.60
N PHE A 28 -28.40 10.54 -24.92
CA PHE A 28 -28.01 9.89 -23.65
C PHE A 28 -27.87 10.90 -22.53
N ARG A 29 -28.52 10.65 -21.40
CA ARG A 29 -28.24 11.40 -20.17
C ARG A 29 -27.21 10.61 -19.42
N ARG A 30 -26.17 11.27 -18.94
CA ARG A 30 -25.16 10.47 -18.29
C ARG A 30 -24.64 11.03 -16.98
N TRP A 31 -24.20 10.09 -16.14
CA TRP A 31 -23.59 10.37 -14.86
C TRP A 31 -22.36 9.52 -14.70
N ARG A 32 -21.54 9.87 -13.70
CA ARG A 32 -20.28 9.19 -13.47
C ARG A 32 -20.10 9.11 -11.96
N LEU A 33 -19.64 7.94 -11.51
CA LEU A 33 -19.40 7.62 -10.08
C LEU A 33 -18.08 6.93 -10.03
N SER A 34 -17.41 6.98 -8.88
CA SER A 34 -16.23 6.19 -8.71
C SER A 34 -16.67 4.73 -8.62
N THR A 35 -15.85 3.82 -9.11
CA THR A 35 -16.13 2.41 -9.03
C THR A 35 -15.97 1.94 -7.58
N GLY A 36 -14.93 2.41 -6.92
CA GLY A 36 -14.80 2.13 -5.50
C GLY A 36 -14.39 0.67 -5.36
N VAL A 37 -14.39 0.18 -4.13
CA VAL A 37 -14.07 -1.20 -3.82
C VAL A 37 -15.10 -1.51 -2.74
N PHE A 38 -15.59 -2.75 -2.74
CA PHE A 38 -16.63 -3.23 -1.82
C PHE A 38 -17.96 -2.51 -1.91
N GLN A 39 -18.20 -1.82 -3.04
CA GLN A 39 -19.49 -1.19 -3.24
C GLN A 39 -20.55 -2.31 -3.31
N THR A 40 -21.77 -2.02 -2.84
CA THR A 40 -22.83 -3.00 -2.84
C THR A 40 -23.92 -2.48 -3.74
N GLU A 41 -24.89 -3.34 -4.06
CA GLU A 41 -26.04 -2.94 -4.86
C GLU A 41 -26.92 -1.89 -4.17
N ASP A 42 -27.01 -1.90 -2.85
CA ASP A 42 -27.81 -0.87 -2.18
C ASP A 42 -27.07 0.44 -2.20
N GLU A 43 -25.76 0.39 -2.07
CA GLU A 43 -24.94 1.58 -2.17
C GLU A 43 -25.05 2.21 -3.57
N LEU A 44 -24.96 1.37 -4.60
CA LEU A 44 -25.19 1.81 -5.97
C LEU A 44 -26.57 2.47 -6.15
N PHE A 45 -27.61 1.82 -5.66
CA PHE A 45 -28.97 2.37 -5.73
C PHE A 45 -29.06 3.71 -5.00
N SER A 46 -28.40 3.77 -3.85
CA SER A 46 -28.44 4.98 -3.05
C SER A 46 -27.75 6.10 -3.80
N HIS A 47 -26.60 5.82 -4.43
CA HIS A 47 -25.90 6.87 -5.18
C HIS A 47 -26.70 7.37 -6.40
N LEU A 48 -27.45 6.48 -7.04
CA LEU A 48 -28.14 6.81 -8.30
C LEU A 48 -29.48 7.45 -8.07
N HIS A 49 -30.04 7.19 -6.90
CA HIS A 49 -31.41 7.63 -6.59
C HIS A 49 -31.67 9.13 -6.84
N PRO A 50 -30.90 10.03 -6.19
CA PRO A 50 -31.14 11.46 -6.46
C PRO A 50 -30.64 11.94 -7.81
N LEU A 51 -29.87 11.11 -8.52
CA LEU A 51 -29.37 11.49 -9.83
C LEU A 51 -30.39 11.17 -10.91
N LEU A 52 -30.86 9.93 -10.96
CA LEU A 52 -31.88 9.50 -11.92
C LEU A 52 -33.25 10.07 -11.61
N GLY A 53 -33.50 10.34 -10.34
CA GLY A 53 -34.80 10.86 -9.91
C GLY A 53 -35.91 9.92 -10.34
N ASP A 54 -36.96 10.49 -10.93
CA ASP A 54 -38.13 9.73 -11.38
C ASP A 54 -37.82 8.74 -12.52
N ALA A 55 -36.79 9.03 -13.30
CA ALA A 55 -36.38 8.17 -14.40
C ALA A 55 -36.08 6.75 -13.96
N MET A 56 -35.51 6.61 -12.76
CA MET A 56 -35.17 5.32 -12.19
C MET A 56 -36.28 4.25 -12.36
N ARG A 57 -37.53 4.61 -12.07
CA ARG A 57 -38.63 3.65 -12.19
C ARG A 57 -39.06 3.31 -13.64
N GLU A 58 -38.55 4.04 -14.63
CA GLU A 58 -38.89 3.75 -16.02
C GLU A 58 -37.97 2.75 -16.73
N ILE A 59 -36.90 2.32 -16.05
CA ILE A 59 -35.88 1.49 -16.73
C ILE A 59 -36.39 0.08 -17.09
N LYS A 60 -36.26 -0.30 -18.36
CA LYS A 60 -36.76 -1.58 -18.88
C LYS A 60 -35.67 -2.59 -19.28
N GLY A 61 -34.42 -2.17 -19.32
CA GLY A 61 -33.33 -3.06 -19.62
C GLY A 61 -32.03 -2.46 -19.17
N ILE A 62 -31.08 -3.30 -18.75
CA ILE A 62 -29.77 -2.85 -18.32
C ILE A 62 -28.69 -3.55 -19.17
N GLY A 63 -27.81 -2.77 -19.79
CA GLY A 63 -26.66 -3.31 -20.54
C GLY A 63 -25.37 -2.82 -19.93
N VAL A 64 -24.35 -3.67 -19.93
CA VAL A 64 -23.12 -3.35 -19.22
C VAL A 64 -21.93 -3.78 -20.03
N ALA A 65 -20.94 -2.90 -20.11
CA ALA A 65 -19.57 -3.27 -20.52
C ALA A 65 -18.69 -3.04 -19.30
N SER A 66 -17.96 -4.05 -18.90
CA SER A 66 -17.16 -3.97 -17.70
C SER A 66 -15.77 -4.55 -17.91
N VAL A 67 -14.75 -3.83 -17.44
CA VAL A 67 -13.39 -4.36 -17.39
C VAL A 67 -12.94 -4.63 -15.93
N VAL A 68 -13.91 -4.68 -15.02
CA VAL A 68 -13.64 -4.95 -13.59
C VAL A 68 -14.50 -6.10 -13.12
N PRO A 69 -14.07 -7.34 -13.41
CA PRO A 69 -14.85 -8.54 -13.06
C PRO A 69 -15.35 -8.58 -11.62
N THR A 70 -14.63 -7.99 -10.67
CA THR A 70 -15.04 -7.95 -9.27
C THR A 70 -16.35 -7.19 -9.05
N GLN A 71 -16.62 -6.18 -9.89
CA GLN A 71 -17.82 -5.35 -9.78
C GLN A 71 -19.07 -6.01 -10.39
N ASN A 72 -18.88 -7.08 -11.14
CA ASN A 72 -19.93 -7.63 -11.98
C ASN A 72 -21.08 -8.26 -11.20
N THR A 73 -20.76 -8.95 -10.11
CA THR A 73 -21.85 -9.50 -9.28
C THR A 73 -22.61 -8.40 -8.57
N VAL A 74 -21.97 -7.27 -8.27
CA VAL A 74 -22.70 -6.12 -7.72
C VAL A 74 -23.74 -5.62 -8.73
N ILE A 75 -23.34 -5.41 -10.00
CA ILE A 75 -24.27 -4.93 -11.01
C ILE A 75 -25.40 -5.94 -11.24
N GLU A 76 -25.05 -7.23 -11.26
CA GLU A 76 -26.04 -8.30 -11.42
C GLU A 76 -27.09 -8.22 -10.31
N ARG A 77 -26.62 -8.15 -9.06
CA ARG A 77 -27.49 -8.02 -7.87
C ARG A 77 -28.34 -6.76 -7.88
N PHE A 78 -27.73 -5.65 -8.25
CA PHE A 78 -28.47 -4.39 -8.43
C PHE A 78 -29.63 -4.50 -9.43
N SER A 79 -29.34 -5.05 -10.61
CA SER A 79 -30.36 -5.28 -11.66
C SER A 79 -31.54 -6.14 -11.20
N GLN A 80 -31.21 -7.30 -10.63
CA GLN A 80 -32.22 -8.21 -10.11
C GLN A 80 -33.04 -7.62 -8.96
N LYS A 81 -32.37 -7.01 -7.97
CA LYS A 81 -33.12 -6.52 -6.78
C LYS A 81 -33.98 -5.34 -7.13
N TYR A 82 -33.42 -4.39 -7.87
CA TYR A 82 -34.11 -3.14 -8.08
C TYR A 82 -34.95 -3.13 -9.33
N PHE A 83 -34.63 -4.00 -10.28
CA PHE A 83 -35.36 -3.99 -11.55
C PHE A 83 -35.93 -5.34 -11.98
N HIS A 84 -35.66 -6.38 -11.21
CA HIS A 84 -36.17 -7.72 -11.46
C HIS A 84 -35.79 -8.20 -12.86
N ILE A 85 -34.58 -7.85 -13.28
CA ILE A 85 -34.03 -8.30 -14.56
C ILE A 85 -32.55 -8.60 -14.44
N SER A 86 -32.01 -9.44 -15.32
CA SER A 86 -30.57 -9.63 -15.39
C SER A 86 -30.03 -8.68 -16.45
N PRO A 87 -28.80 -8.15 -16.23
CA PRO A 87 -28.27 -7.24 -17.25
C PRO A 87 -27.74 -8.03 -18.43
N ILE A 88 -27.54 -7.32 -19.53
CA ILE A 88 -26.90 -7.91 -20.70
C ILE A 88 -25.47 -7.45 -20.74
N TRP A 89 -24.55 -8.38 -20.96
CA TRP A 89 -23.12 -8.10 -20.82
C TRP A 89 -22.44 -8.03 -22.19
N VAL A 90 -21.75 -6.92 -22.45
CA VAL A 90 -20.98 -6.74 -23.69
C VAL A 90 -19.80 -7.68 -23.70
N LYS A 91 -19.67 -8.40 -24.82
CA LYS A 91 -18.64 -9.42 -25.01
C LYS A 91 -18.36 -9.47 -26.50
N ALA A 92 -17.16 -9.87 -26.92
CA ALA A 92 -16.90 -10.06 -28.34
C ALA A 92 -17.55 -11.39 -28.75
N LYS A 93 -18.42 -11.33 -29.75
CA LYS A 93 -19.02 -12.51 -30.34
C LYS A 93 -19.13 -12.38 -31.85
N ASN A 94 -19.32 -13.52 -32.52
CA ASN A 94 -19.39 -13.55 -33.98
C ASN A 94 -20.62 -12.81 -34.48
N GLY A 95 -20.52 -12.24 -35.68
CA GLY A 95 -21.60 -11.44 -36.22
C GLY A 95 -21.09 -10.45 -37.25
N CYS A 96 -21.61 -9.23 -37.20
CA CYS A 96 -21.22 -8.20 -38.17
C CYS A 96 -19.81 -7.62 -37.95
N VAL A 97 -19.29 -7.72 -36.73
CA VAL A 97 -17.89 -7.44 -36.50
C VAL A 97 -17.14 -8.75 -36.54
N LYS A 98 -16.11 -8.82 -37.38
CA LYS A 98 -15.15 -9.92 -37.35
C LYS A 98 -14.03 -9.56 -36.39
N TRP A 99 -13.63 -10.50 -35.53
CA TRP A 99 -12.60 -10.22 -34.54
C TRP A 99 -11.30 -10.93 -34.91
N ASN A 100 -10.46 -10.25 -35.69
CA ASN A 100 -9.24 -10.86 -36.25
C ASN A 100 -7.99 -10.73 -35.36
N VAL A 101 -8.06 -11.31 -34.17
CA VAL A 101 -6.98 -11.22 -33.23
C VAL A 101 -6.84 -12.57 -32.58
N LYS A 102 -5.73 -12.80 -31.89
CA LYS A 102 -5.41 -14.10 -31.36
C LYS A 102 -6.49 -14.61 -30.44
N ASN A 103 -6.98 -13.73 -29.57
CA ASN A 103 -8.01 -14.13 -28.63
C ASN A 103 -9.06 -13.06 -28.35
N PRO A 104 -10.15 -13.07 -29.12
CA PRO A 104 -11.18 -12.02 -29.09
C PRO A 104 -11.84 -11.90 -27.72
N SER A 105 -12.00 -13.03 -27.04
CA SER A 105 -12.56 -13.01 -25.69
C SER A 105 -11.67 -12.27 -24.69
N GLU A 106 -10.41 -12.00 -25.02
CA GLU A 106 -9.56 -11.27 -24.11
C GLU A 106 -9.67 -9.76 -24.24
N VAL A 107 -10.33 -9.27 -25.29
CA VAL A 107 -10.39 -7.82 -25.49
C VAL A 107 -11.40 -7.19 -24.55
N GLY A 108 -11.00 -6.07 -23.94
CA GLY A 108 -11.81 -5.41 -22.93
C GLY A 108 -13.17 -5.06 -23.50
N ALA A 109 -14.21 -5.23 -22.67
CA ALA A 109 -15.59 -4.97 -23.11
C ALA A 109 -15.78 -3.53 -23.56
N ASP A 110 -14.97 -2.62 -23.03
CA ASP A 110 -15.05 -1.23 -23.45
C ASP A 110 -14.61 -1.00 -24.90
N ARG A 111 -13.55 -1.68 -25.30
CA ARG A 111 -13.04 -1.63 -26.65
C ARG A 111 -13.98 -2.35 -27.60
N VAL A 112 -14.56 -3.47 -27.16
CA VAL A 112 -15.58 -4.19 -27.95
C VAL A 112 -16.72 -3.24 -28.26
N ALA A 113 -17.21 -2.56 -27.23
CA ALA A 113 -18.29 -1.61 -27.34
C ALA A 113 -17.96 -0.48 -28.29
N ASN A 114 -16.72 0.05 -28.23
CA ASN A 114 -16.34 1.12 -29.14
C ASN A 114 -16.42 0.69 -30.61
N VAL A 115 -15.89 -0.49 -30.89
CA VAL A 115 -15.88 -1.09 -32.22
C VAL A 115 -17.30 -1.38 -32.73
N VAL A 116 -18.17 -1.88 -31.86
CA VAL A 116 -19.59 -2.08 -32.21
C VAL A 116 -20.25 -0.75 -32.57
N ALA A 117 -20.08 0.27 -31.74
CA ALA A 117 -20.68 1.58 -32.00
C ALA A 117 -20.13 2.19 -33.30
N PHE A 118 -18.83 2.01 -33.49
CA PHE A 118 -18.18 2.47 -34.72
C PHE A 118 -18.79 1.88 -35.99
N VAL A 119 -18.82 0.56 -36.07
CA VAL A 119 -19.33 -0.13 -37.26
C VAL A 119 -20.80 0.23 -37.50
N LYS A 120 -21.57 0.33 -36.42
CA LYS A 120 -22.97 0.70 -36.46
C LYS A 120 -23.20 2.15 -36.93
N GLU A 121 -22.38 3.08 -36.47
CA GLU A 121 -22.63 4.49 -36.76
C GLU A 121 -21.71 5.20 -37.77
N TYR A 122 -20.49 4.73 -37.90
CA TYR A 122 -19.48 5.49 -38.65
C TYR A 122 -18.90 4.74 -39.82
N GLY A 123 -19.22 3.47 -39.94
CA GLY A 123 -18.82 2.74 -41.14
C GLY A 123 -17.80 1.69 -40.87
N LYS A 124 -17.15 1.22 -41.92
CA LYS A 124 -16.47 -0.05 -41.85
C LYS A 124 -14.98 0.08 -41.60
N ASN A 125 -14.50 1.31 -41.68
CA ASN A 125 -13.07 1.57 -41.66
C ASN A 125 -12.75 2.72 -40.73
N GLY A 126 -11.88 2.45 -39.76
CA GLY A 126 -11.61 3.48 -38.77
C GLY A 126 -10.58 3.15 -37.72
N ILE A 127 -10.07 4.21 -37.10
CA ILE A 127 -9.12 4.12 -36.01
C ILE A 127 -9.77 4.82 -34.82
N ILE A 128 -9.91 4.10 -33.72
CA ILE A 128 -10.58 4.64 -32.53
C ILE A 128 -9.52 4.93 -31.46
N ILE A 129 -9.52 6.15 -30.94
CA ILE A 129 -8.60 6.53 -29.85
C ILE A 129 -9.45 6.78 -28.63
N ASP A 130 -9.24 5.97 -27.60
CA ASP A 130 -10.02 6.13 -26.40
C ASP A 130 -9.07 6.57 -25.28
N MET A 131 -9.18 7.83 -24.88
CA MET A 131 -8.30 8.38 -23.85
C MET A 131 -8.94 8.29 -22.48
N GLY A 132 -8.68 7.17 -21.80
CA GLY A 132 -9.28 6.89 -20.48
C GLY A 132 -8.21 6.50 -19.46
N THR A 133 -8.54 5.52 -18.59
CA THR A 133 -7.61 5.02 -17.57
C THR A 133 -6.34 4.63 -18.27
N ALA A 134 -6.52 3.85 -19.33
CA ALA A 134 -5.51 3.65 -20.33
C ALA A 134 -5.91 4.39 -21.61
N THR A 135 -4.91 4.70 -22.42
CA THR A 135 -5.11 5.28 -23.72
C THR A 135 -4.97 4.14 -24.70
N THR A 136 -6.04 3.93 -25.46
CA THR A 136 -6.21 2.77 -26.28
C THR A 136 -6.31 3.21 -27.75
N VAL A 137 -5.72 2.44 -28.65
CA VAL A 137 -5.88 2.68 -30.10
C VAL A 137 -6.47 1.40 -30.65
N ASP A 138 -7.51 1.53 -31.45
CA ASP A 138 -8.15 0.34 -32.03
C ASP A 138 -8.44 0.52 -33.53
N LEU A 139 -8.13 -0.51 -34.30
CA LEU A 139 -8.22 -0.45 -35.76
C LEU A 139 -9.32 -1.38 -36.28
N VAL A 140 -10.21 -0.79 -37.06
CA VAL A 140 -11.30 -1.49 -37.76
C VAL A 140 -11.08 -1.38 -39.28
N VAL A 141 -10.84 -2.50 -39.94
CA VAL A 141 -10.67 -2.49 -41.42
C VAL A 141 -11.69 -3.42 -42.07
N ASN A 142 -12.57 -2.84 -42.90
CA ASN A 142 -13.59 -3.62 -43.63
C ASN A 142 -14.52 -4.40 -42.65
N GLY A 143 -14.95 -3.73 -41.57
CA GLY A 143 -15.68 -4.38 -40.47
C GLY A 143 -15.00 -5.54 -39.75
N SER A 144 -13.68 -5.61 -39.82
CA SER A 144 -12.91 -6.56 -39.05
C SER A 144 -12.08 -5.77 -38.01
N TYR A 145 -12.15 -6.20 -36.75
CA TYR A 145 -11.31 -5.63 -35.71
C TYR A 145 -9.95 -6.22 -35.95
N GLU A 146 -8.95 -5.35 -36.12
CA GLU A 146 -7.61 -5.83 -36.48
C GLU A 146 -6.62 -5.78 -35.34
N GLY A 147 -6.97 -5.10 -34.25
CA GLY A 147 -6.06 -4.99 -33.10
C GLY A 147 -5.77 -3.56 -32.73
N GLY A 148 -4.72 -3.32 -31.93
CA GLY A 148 -4.42 -1.97 -31.50
C GLY A 148 -3.19 -1.83 -30.64
N ALA A 149 -3.22 -0.78 -29.82
CA ALA A 149 -2.15 -0.45 -28.88
C ALA A 149 -2.76 0.05 -27.59
N ILE A 150 -2.03 -0.19 -26.51
CA ILE A 150 -2.39 0.30 -25.17
C ILE A 150 -1.19 1.07 -24.59
N LEU A 151 -1.43 2.24 -24.03
CA LEU A 151 -0.43 2.91 -23.21
C LEU A 151 -1.15 3.50 -21.99
N PRO A 152 -0.40 3.79 -20.92
CA PRO A 152 -0.95 4.46 -19.75
C PRO A 152 -1.67 5.75 -20.15
N GLY A 153 -2.79 6.00 -19.50
CA GLY A 153 -3.55 7.23 -19.69
C GLY A 153 -2.83 8.42 -19.06
N PHE A 154 -3.30 9.64 -19.34
CA PHE A 154 -2.60 10.81 -18.86
C PHE A 154 -2.48 10.80 -17.33
N PHE A 155 -3.60 10.60 -16.64
CA PHE A 155 -3.55 10.60 -15.20
C PHE A 155 -2.67 9.52 -14.65
N MET A 156 -2.74 8.32 -15.25
CA MET A 156 -1.90 7.17 -14.87
C MET A 156 -0.41 7.54 -14.93
N MET A 157 -0.02 8.32 -15.93
CA MET A 157 1.38 8.70 -16.15
C MET A 157 1.87 9.65 -15.09
N VAL A 158 1.13 10.74 -14.87
CA VAL A 158 1.53 11.74 -13.87
C VAL A 158 1.53 11.11 -12.46
N HIS A 159 0.57 10.22 -12.21
CA HIS A 159 0.52 9.56 -10.92
C HIS A 159 1.71 8.62 -10.73
N SER A 160 2.09 7.91 -11.81
CA SER A 160 3.22 6.98 -11.76
C SER A 160 4.53 7.67 -11.44
N LEU A 161 4.72 8.87 -11.96
CA LEU A 161 5.91 9.64 -11.72
C LEU A 161 5.91 10.15 -10.27
N PHE A 162 4.75 10.60 -9.81
CA PHE A 162 4.61 11.02 -8.42
C PHE A 162 4.92 9.88 -7.45
N ARG A 163 4.30 8.73 -7.69
CA ARG A 163 4.50 7.59 -6.80
C ARG A 163 5.86 6.87 -6.90
N GLY A 164 6.45 6.87 -8.08
CA GLY A 164 7.62 6.05 -8.37
C GLY A 164 8.92 6.79 -8.14
N THR A 165 8.83 7.94 -7.49
CA THR A 165 9.94 8.86 -7.39
C THR A 165 9.91 9.53 -6.02
N ALA A 166 11.07 9.89 -5.46
CA ALA A 166 11.12 10.64 -4.22
C ALA A 166 10.76 12.10 -4.44
N LYS A 167 11.20 12.69 -5.54
CA LYS A 167 11.20 14.14 -5.70
C LYS A 167 10.14 14.73 -6.64
N LEU A 168 9.58 13.92 -7.54
CA LEU A 168 8.58 14.46 -8.50
C LEU A 168 7.22 14.72 -7.88
N PRO A 169 6.62 15.89 -8.20
CA PRO A 169 5.30 16.22 -7.68
C PRO A 169 4.24 15.57 -8.55
N LEU A 170 3.00 15.59 -8.07
CA LEU A 170 1.88 15.13 -8.88
C LEU A 170 1.40 16.33 -9.68
N VAL A 171 1.50 16.25 -11.00
CA VAL A 171 1.24 17.40 -11.88
C VAL A 171 -0.16 17.33 -12.46
N GLU A 172 -0.82 18.49 -12.56
CA GLU A 172 -2.15 18.60 -13.15
C GLU A 172 -2.01 18.43 -14.65
N VAL A 173 -2.83 17.58 -15.26
CA VAL A 173 -2.74 17.29 -16.70
C VAL A 173 -3.22 18.53 -17.49
N LYS A 174 -2.30 19.14 -18.23
CA LYS A 174 -2.55 20.31 -19.08
C LYS A 174 -1.47 20.37 -20.15
N PRO A 175 -1.85 20.51 -21.43
CA PRO A 175 -0.83 20.48 -22.49
C PRO A 175 0.25 21.56 -22.28
N ALA A 176 1.45 21.31 -22.79
CA ALA A 176 2.52 22.29 -22.71
C ALA A 176 2.41 23.21 -23.93
N ASP A 177 2.77 24.47 -23.75
CA ASP A 177 2.83 25.43 -24.86
C ASP A 177 4.23 25.99 -25.03
N PHE A 178 5.24 25.21 -24.67
CA PHE A 178 6.62 25.61 -24.76
C PHE A 178 7.38 24.43 -25.33
N VAL A 179 8.60 24.68 -25.79
CA VAL A 179 9.35 23.65 -26.50
C VAL A 179 10.14 22.79 -25.51
N VAL A 180 10.55 23.40 -24.39
CA VAL A 180 11.15 22.70 -23.25
C VAL A 180 10.57 23.27 -21.97
N GLY A 181 10.46 22.45 -20.93
CA GLY A 181 9.95 22.93 -19.65
C GLY A 181 11.03 23.62 -18.83
N LYS A 182 10.63 24.64 -18.07
CA LYS A 182 11.56 25.47 -17.29
C LYS A 182 11.42 25.22 -15.79
N ASP A 183 10.48 24.35 -15.40
CA ASP A 183 10.47 23.83 -14.03
C ASP A 183 9.97 22.40 -14.09
N THR A 184 9.91 21.73 -12.95
CA THR A 184 9.57 20.31 -12.97
C THR A 184 8.18 20.04 -13.53
N GLU A 185 7.22 20.84 -13.09
CA GLU A 185 5.84 20.73 -13.52
C GLU A 185 5.73 20.84 -15.05
N GLU A 186 6.41 21.85 -15.61
CA GLU A 186 6.45 22.03 -17.05
C GLU A 186 7.11 20.87 -17.75
N ASN A 187 8.18 20.31 -17.17
CA ASN A 187 8.85 19.18 -17.79
C ASN A 187 7.91 17.99 -17.95
N ILE A 188 7.07 17.79 -16.94
CA ILE A 188 6.17 16.64 -16.93
C ILE A 188 4.97 16.90 -17.84
N ARG A 189 4.42 18.12 -17.84
CA ARG A 189 3.32 18.40 -18.78
C ARG A 189 3.77 18.11 -20.22
N LEU A 190 4.98 18.55 -20.52
CA LEU A 190 5.54 18.37 -21.86
C LEU A 190 5.76 16.92 -22.24
N GLY A 191 6.38 16.15 -21.34
CA GLY A 191 6.65 14.74 -21.57
C GLY A 191 5.40 13.85 -21.57
N VAL A 192 4.49 14.07 -20.62
CA VAL A 192 3.31 13.21 -20.50
C VAL A 192 2.19 13.58 -21.48
N VAL A 193 1.86 14.87 -21.56
CA VAL A 193 0.68 15.29 -22.31
C VAL A 193 1.07 15.41 -23.76
N ASN A 194 2.03 16.31 -24.05
CA ASN A 194 2.45 16.56 -25.42
C ASN A 194 3.08 15.29 -25.94
N GLY A 195 3.87 14.61 -25.11
CA GLY A 195 4.52 13.34 -25.52
C GLY A 195 3.55 12.21 -25.86
N SER A 196 2.48 12.06 -25.09
CA SER A 196 1.46 11.06 -25.41
C SER A 196 0.75 11.41 -26.71
N VAL A 197 0.50 12.70 -26.95
CA VAL A 197 -0.08 13.12 -28.24
C VAL A 197 0.86 12.71 -29.41
N TYR A 198 2.14 13.03 -29.32
CA TYR A 198 3.14 12.53 -30.30
C TYR A 198 3.13 11.00 -30.44
N ALA A 199 3.04 10.28 -29.33
CA ALA A 199 2.98 8.81 -29.34
C ALA A 199 1.81 8.32 -30.19
N LEU A 200 0.63 8.89 -29.94
CA LEU A 200 -0.58 8.54 -30.69
C LEU A 200 -0.42 8.90 -32.16
N GLU A 201 -0.08 10.16 -32.45
CA GLU A 201 0.16 10.58 -33.84
C GLU A 201 1.10 9.61 -34.57
N GLY A 202 2.04 9.03 -33.83
CA GLY A 202 2.99 8.09 -34.37
C GLY A 202 2.45 6.71 -34.68
N ILE A 203 1.61 6.20 -33.79
CA ILE A 203 1.00 4.90 -33.99
C ILE A 203 -0.02 4.98 -35.13
N ILE A 204 -0.80 6.06 -35.16
CA ILE A 204 -1.77 6.31 -36.23
C ILE A 204 -1.05 6.38 -37.59
N GLY A 205 0.05 7.13 -37.63
CA GLY A 205 0.89 7.27 -38.82
C GLY A 205 1.28 5.95 -39.41
N ARG A 206 1.85 5.08 -38.59
CA ARG A 206 2.28 3.79 -39.09
C ARG A 206 1.08 2.95 -39.57
N ILE A 207 -0.06 3.13 -38.89
CA ILE A 207 -1.28 2.41 -39.27
C ILE A 207 -1.69 2.85 -40.68
N LYS A 208 -1.88 4.14 -40.85
CA LYS A 208 -2.22 4.75 -42.13
C LYS A 208 -1.26 4.45 -43.30
N GLU A 209 0.02 4.19 -43.01
CA GLU A 209 0.95 3.80 -44.05
C GLU A 209 0.64 2.39 -44.57
N VAL A 210 0.20 1.51 -43.68
CA VAL A 210 -0.09 0.13 -44.05
C VAL A 210 -1.53 -0.02 -44.53
N TYR A 211 -2.45 0.79 -44.00
CA TYR A 211 -3.88 0.55 -44.26
C TYR A 211 -4.60 1.65 -45.01
N GLY A 212 -3.96 2.80 -45.15
CA GLY A 212 -4.57 3.84 -45.96
C GLY A 212 -4.69 5.19 -45.31
N ASP A 213 -5.92 5.67 -45.20
CA ASP A 213 -6.16 6.98 -44.65
C ASP A 213 -7.49 7.00 -43.91
N LEU A 214 -7.64 6.00 -43.05
CA LEU A 214 -8.84 5.79 -42.25
C LEU A 214 -9.20 7.01 -41.43
N PRO A 215 -10.50 7.27 -41.24
CA PRO A 215 -10.94 8.31 -40.33
C PRO A 215 -10.67 7.95 -38.87
N VAL A 216 -10.43 8.98 -38.07
CA VAL A 216 -10.06 8.84 -36.67
C VAL A 216 -11.19 9.41 -35.81
N VAL A 217 -11.66 8.60 -34.87
CA VAL A 217 -12.66 9.02 -33.89
C VAL A 217 -11.96 9.11 -32.56
N LEU A 218 -12.20 10.19 -31.83
CA LEU A 218 -11.64 10.35 -30.48
C LEU A 218 -12.73 10.24 -29.45
N THR A 219 -12.45 9.54 -28.36
CA THR A 219 -13.37 9.44 -27.26
C THR A 219 -12.59 9.27 -25.95
N GLY A 220 -13.29 9.27 -24.83
CA GLY A 220 -12.70 8.88 -23.54
C GLY A 220 -12.82 10.01 -22.55
N GLY A 221 -12.83 9.67 -21.26
CA GLY A 221 -12.83 10.65 -20.18
C GLY A 221 -11.74 11.71 -20.23
N GLN A 222 -10.58 11.42 -20.82
CA GLN A 222 -9.45 12.36 -20.78
C GLN A 222 -9.20 13.00 -22.15
N SER A 223 -10.14 12.84 -23.07
CA SER A 223 -9.96 13.28 -24.46
C SER A 223 -10.23 14.78 -24.65
N LYS A 224 -11.04 15.35 -23.78
CA LYS A 224 -11.48 16.74 -23.94
C LYS A 224 -10.31 17.73 -23.82
N ILE A 225 -9.36 17.44 -22.94
CA ILE A 225 -8.23 18.33 -22.69
C ILE A 225 -7.28 18.47 -23.88
N VAL A 226 -7.20 17.45 -24.73
CA VAL A 226 -6.25 17.47 -25.85
C VAL A 226 -6.91 17.34 -27.21
N LYS A 227 -8.24 17.44 -27.22
CA LYS A 227 -9.08 17.33 -28.40
C LYS A 227 -8.42 17.85 -29.68
N ASP A 228 -8.20 19.16 -29.72
CA ASP A 228 -7.62 19.90 -30.87
C ASP A 228 -6.27 19.41 -31.36
N MET A 229 -5.49 18.81 -30.45
CA MET A 229 -4.09 18.50 -30.70
C MET A 229 -3.89 17.28 -31.59
N ILE A 230 -4.93 16.46 -31.72
CA ILE A 230 -4.87 15.29 -32.58
C ILE A 230 -5.87 15.51 -33.69
N LYS A 231 -5.42 15.34 -34.93
CA LYS A 231 -6.27 15.50 -36.12
C LYS A 231 -7.28 14.37 -36.13
N HIS A 232 -8.56 14.73 -36.11
CA HIS A 232 -9.58 13.71 -36.06
C HIS A 232 -10.82 14.11 -36.85
N GLU A 233 -11.48 13.09 -37.38
CA GLU A 233 -12.68 13.25 -38.18
C GLU A 233 -13.91 13.35 -37.27
N ILE A 234 -13.95 12.51 -36.23
CA ILE A 234 -15.11 12.46 -35.35
C ILE A 234 -14.70 12.60 -33.89
N PHE A 235 -15.38 13.46 -33.15
CA PHE A 235 -15.28 13.49 -31.71
C PHE A 235 -16.60 13.00 -31.13
N ASP A 236 -16.57 11.89 -30.37
CA ASP A 236 -17.80 11.33 -29.80
C ASP A 236 -17.56 10.80 -28.39
N GLU A 237 -17.88 11.59 -27.38
CA GLU A 237 -17.74 11.17 -26.00
C GLU A 237 -18.63 9.98 -25.57
N ASP A 238 -19.68 9.69 -26.35
CA ASP A 238 -20.65 8.67 -26.00
C ASP A 238 -20.39 7.36 -26.75
N LEU A 239 -19.24 7.24 -27.42
CA LEU A 239 -18.98 6.05 -28.22
C LEU A 239 -19.16 4.72 -27.47
N THR A 240 -18.54 4.59 -26.30
CA THR A 240 -18.66 3.35 -25.51
C THR A 240 -20.12 3.03 -25.11
N ILE A 241 -20.80 3.99 -24.51
CA ILE A 241 -22.18 3.80 -24.11
C ILE A 241 -23.11 3.53 -25.32
N LYS A 242 -22.85 4.18 -26.46
CA LYS A 242 -23.53 3.84 -27.69
C LYS A 242 -23.32 2.36 -28.03
N GLY A 243 -22.07 1.90 -27.91
CA GLY A 243 -21.75 0.49 -28.15
C GLY A 243 -22.50 -0.49 -27.26
N VAL A 244 -22.64 -0.14 -25.98
CA VAL A 244 -23.40 -0.96 -25.03
C VAL A 244 -24.86 -1.00 -25.54
N TYR A 245 -25.38 0.16 -25.87
CA TYR A 245 -26.73 0.24 -26.30
C TYR A 245 -26.94 -0.64 -27.53
N HIS A 246 -26.06 -0.52 -28.53
CA HIS A 246 -26.27 -1.23 -29.79
C HIS A 246 -26.10 -2.72 -29.60
N PHE A 247 -25.11 -3.10 -28.81
CA PHE A 247 -24.86 -4.50 -28.56
C PHE A 247 -26.03 -5.16 -27.88
N CYS A 248 -26.55 -4.51 -26.85
CA CYS A 248 -27.57 -5.15 -25.98
C CYS A 248 -28.95 -4.99 -26.52
N PHE A 249 -29.24 -3.81 -27.06
CA PHE A 249 -30.62 -3.46 -27.42
C PHE A 249 -30.82 -3.14 -28.91
N GLY A 250 -29.75 -3.32 -29.68
CA GLY A 250 -29.82 -3.28 -31.12
C GLY A 250 -30.16 -1.92 -31.69
N MET B 3 50.68 9.66 -10.01
CA MET B 3 49.64 8.74 -9.42
C MET B 3 48.25 8.90 -10.02
N ASP B 4 47.46 7.85 -9.81
CA ASP B 4 46.17 7.67 -10.41
C ASP B 4 45.21 7.27 -9.28
N PRO B 5 44.82 8.26 -8.44
CA PRO B 5 43.95 7.93 -7.29
C PRO B 5 42.61 7.36 -7.74
N MET B 6 42.12 6.38 -6.98
CA MET B 6 40.84 5.75 -7.29
C MET B 6 39.69 6.51 -6.63
N TYR B 7 38.66 6.74 -7.41
CA TYR B 7 37.48 7.44 -6.97
C TYR B 7 36.28 6.50 -7.10
N LEU B 8 35.42 6.53 -6.09
CA LEU B 8 34.14 5.88 -6.17
C LEU B 8 33.08 6.90 -6.59
N LEU B 9 32.29 6.57 -7.61
CA LEU B 9 31.24 7.44 -8.09
C LEU B 9 29.92 6.73 -7.85
N VAL B 10 28.93 7.46 -7.35
CA VAL B 10 27.66 6.85 -6.97
C VAL B 10 26.54 7.61 -7.64
N ASP B 11 25.61 6.88 -8.25
CA ASP B 11 24.38 7.44 -8.79
C ASP B 11 23.21 6.77 -8.08
N VAL B 12 22.68 7.48 -7.09
CA VAL B 12 21.51 7.00 -6.34
C VAL B 12 20.20 7.36 -7.03
N GLY B 13 19.50 6.32 -7.48
CA GLY B 13 18.22 6.46 -8.15
C GLY B 13 17.11 5.89 -7.29
N ASN B 14 15.86 6.15 -7.69
CA ASN B 14 14.69 5.63 -6.94
C ASN B 14 14.60 4.14 -6.83
N THR B 15 14.98 3.41 -7.86
CA THR B 15 14.96 1.94 -7.76
C THR B 15 16.33 1.30 -7.62
N HIS B 16 17.33 1.88 -8.27
CA HIS B 16 18.67 1.31 -8.26
C HIS B 16 19.72 2.37 -8.01
N SER B 17 20.86 1.94 -7.50
CA SER B 17 21.99 2.82 -7.28
C SER B 17 23.14 2.19 -8.01
N VAL B 18 23.87 3.00 -8.76
CA VAL B 18 25.07 2.56 -9.50
C VAL B 18 26.32 2.97 -8.74
N PHE B 19 27.26 2.02 -8.58
CA PHE B 19 28.52 2.25 -7.92
C PHE B 19 29.59 1.95 -8.95
N SER B 20 30.48 2.90 -9.17
CA SER B 20 31.52 2.75 -10.17
C SER B 20 32.87 3.23 -9.62
N ILE B 21 33.95 2.58 -10.05
CA ILE B 21 35.30 3.06 -9.67
C ILE B 21 36.10 3.46 -10.90
N THR B 22 36.84 4.54 -10.78
CA THR B 22 37.77 4.94 -11.83
C THR B 22 39.06 5.44 -11.22
N GLU B 23 40.14 5.26 -11.99
CA GLU B 23 41.47 5.79 -11.64
C GLU B 23 41.84 6.90 -12.58
N ASP B 24 41.03 7.11 -13.63
CA ASP B 24 41.40 8.07 -14.66
C ASP B 24 40.25 8.92 -15.17
N GLY B 25 39.03 8.59 -14.75
CA GLY B 25 37.82 9.23 -15.29
C GLY B 25 37.57 8.97 -16.77
N LYS B 26 38.25 7.98 -17.34
CA LYS B 26 38.05 7.66 -18.76
C LYS B 26 37.55 6.24 -18.92
N THR B 27 38.02 5.32 -18.08
CA THR B 27 37.47 3.96 -17.98
C THR B 27 36.87 3.72 -16.59
N PHE B 28 35.76 2.98 -16.53
CA PHE B 28 35.01 2.79 -15.28
C PHE B 28 34.63 1.32 -15.10
N ARG B 29 34.73 0.80 -13.88
CA ARG B 29 34.14 -0.49 -13.55
C ARG B 29 32.87 -0.17 -12.77
N ARG B 30 31.79 -0.87 -13.07
CA ARG B 30 30.53 -0.53 -12.45
C ARG B 30 29.78 -1.73 -11.93
N TRP B 31 29.04 -1.47 -10.85
CA TRP B 31 28.11 -2.40 -10.25
C TRP B 31 26.78 -1.67 -10.05
N ARG B 32 25.69 -2.41 -9.92
CA ARG B 32 24.38 -1.86 -9.69
C ARG B 32 23.71 -2.67 -8.59
N LEU B 33 22.99 -1.96 -7.70
CA LEU B 33 22.31 -2.57 -6.55
C LEU B 33 20.93 -1.93 -6.38
N SER B 34 20.00 -2.62 -5.75
CA SER B 34 18.74 -1.96 -5.47
C SER B 34 18.99 -0.85 -4.47
N THR B 35 18.21 0.21 -4.56
CA THR B 35 18.35 1.29 -3.59
C THR B 35 17.75 0.86 -2.25
N GLY B 36 16.63 0.17 -2.27
CA GLY B 36 16.11 -0.40 -1.01
C GLY B 36 15.47 0.71 -0.20
N VAL B 37 14.95 0.36 0.97
CA VAL B 37 14.49 1.38 1.91
C VAL B 37 15.12 0.95 3.23
N PHE B 38 15.54 1.92 4.03
CA PHE B 38 16.05 1.62 5.38
C PHE B 38 17.43 0.95 5.41
N GLN B 39 18.09 0.94 4.26
CA GLN B 39 19.48 0.49 4.18
C GLN B 39 20.35 1.35 5.08
N THR B 40 21.39 0.73 5.60
CA THR B 40 22.34 1.40 6.47
C THR B 40 23.70 1.41 5.81
N GLU B 41 24.62 2.22 6.36
CA GLU B 41 25.99 2.25 5.86
C GLU B 41 26.71 0.91 5.98
N ASP B 42 26.45 0.17 7.06
CA ASP B 42 27.03 -1.19 7.23
C ASP B 42 26.48 -2.19 6.23
N GLU B 43 25.20 -2.11 5.95
CA GLU B 43 24.58 -2.92 4.90
C GLU B 43 25.13 -2.61 3.50
N LEU B 44 25.32 -1.33 3.20
CA LEU B 44 25.97 -0.94 1.94
C LEU B 44 27.39 -1.54 1.84
N PHE B 45 28.16 -1.40 2.91
CA PHE B 45 29.54 -1.91 2.91
C PHE B 45 29.52 -3.41 2.68
N SER B 46 28.64 -4.10 3.40
CA SER B 46 28.48 -5.54 3.27
C SER B 46 28.14 -5.96 1.83
N HIS B 47 27.21 -5.26 1.18
CA HIS B 47 26.91 -5.52 -0.24
C HIS B 47 28.09 -5.25 -1.20
N LEU B 48 28.83 -4.17 -0.95
CA LEU B 48 29.94 -3.82 -1.84
C LEU B 48 31.17 -4.66 -1.65
N HIS B 49 31.34 -5.21 -0.45
CA HIS B 49 32.59 -5.85 -0.05
C HIS B 49 33.08 -6.95 -1.02
N PRO B 50 32.20 -7.93 -1.37
CA PRO B 50 32.67 -8.95 -2.31
C PRO B 50 32.68 -8.48 -3.76
N LEU B 51 32.03 -7.36 -4.07
CA LEU B 51 32.03 -6.81 -5.42
C LEU B 51 33.28 -6.00 -5.74
N LEU B 52 33.58 -5.03 -4.88
CA LEU B 52 34.74 -4.16 -5.08
C LEU B 52 36.02 -4.90 -4.72
N GLY B 53 35.92 -5.83 -3.76
CA GLY B 53 37.07 -6.65 -3.39
C GLY B 53 38.24 -5.81 -2.90
N ASP B 54 39.43 -6.08 -3.47
CA ASP B 54 40.66 -5.40 -3.08
C ASP B 54 40.64 -3.90 -3.36
N ALA B 55 39.92 -3.52 -4.42
CA ALA B 55 39.85 -2.13 -4.83
C ALA B 55 39.31 -1.20 -3.74
N MET B 56 38.50 -1.74 -2.84
CA MET B 56 37.83 -0.95 -1.80
C MET B 56 38.79 -0.18 -0.91
N ARG B 57 39.95 -0.78 -0.63
CA ARG B 57 41.02 -0.14 0.14
C ARG B 57 41.64 1.08 -0.54
N GLU B 58 41.63 1.09 -1.87
CA GLU B 58 42.32 2.10 -2.68
C GLU B 58 41.54 3.40 -2.89
N ILE B 59 40.28 3.42 -2.44
CA ILE B 59 39.39 4.56 -2.70
C ILE B 59 39.81 5.83 -1.97
N LYS B 60 40.05 6.89 -2.73
CA LYS B 60 40.51 8.16 -2.18
C LYS B 60 39.48 9.30 -2.19
N GLY B 61 38.38 9.15 -2.94
CA GLY B 61 37.35 10.18 -2.99
C GLY B 61 36.02 9.57 -3.39
N ILE B 62 34.92 10.11 -2.88
CA ILE B 62 33.60 9.60 -3.21
C ILE B 62 32.75 10.77 -3.73
N GLY B 63 32.20 10.60 -4.92
CA GLY B 63 31.33 11.58 -5.53
C GLY B 63 29.97 10.98 -5.76
N VAL B 64 28.92 11.78 -5.57
CA VAL B 64 27.56 11.22 -5.54
C VAL B 64 26.58 12.14 -6.23
N ALA B 65 25.78 11.57 -7.13
CA ALA B 65 24.57 12.24 -7.61
C ALA B 65 23.40 11.43 -7.07
N SER B 66 22.50 12.09 -6.36
CA SER B 66 21.36 11.40 -5.76
C SER B 66 20.06 12.12 -5.99
N VAL B 67 19.03 11.36 -6.36
CA VAL B 67 17.67 11.87 -6.44
C VAL B 67 16.77 11.31 -5.32
N VAL B 68 17.40 10.77 -4.27
CA VAL B 68 16.66 10.15 -3.16
C VAL B 68 17.21 10.70 -1.86
N PRO B 69 16.70 11.86 -1.43
CA PRO B 69 17.27 12.56 -0.27
C PRO B 69 17.36 11.71 0.99
N THR B 70 16.43 10.78 1.19
CA THR B 70 16.48 9.98 2.41
C THR B 70 17.68 9.03 2.42
N GLN B 71 18.22 8.68 1.24
CA GLN B 71 19.42 7.87 1.16
C GLN B 71 20.73 8.60 1.47
N ASN B 72 20.69 9.93 1.46
CA ASN B 72 21.94 10.69 1.45
C ASN B 72 22.70 10.58 2.74
N THR B 73 21.99 10.58 3.86
CA THR B 73 22.63 10.42 5.15
C THR B 73 23.31 9.04 5.25
N VAL B 74 22.75 8.04 4.59
CA VAL B 74 23.36 6.72 4.56
C VAL B 74 24.69 6.75 3.80
N ILE B 75 24.69 7.40 2.64
CA ILE B 75 25.91 7.58 1.89
C ILE B 75 26.98 8.41 2.66
N GLU B 76 26.56 9.51 3.27
CA GLU B 76 27.45 10.33 4.12
C GLU B 76 28.09 9.48 5.21
N ARG B 77 27.28 8.72 5.94
CA ARG B 77 27.80 7.89 7.03
C ARG B 77 28.71 6.74 6.53
N PHE B 78 28.35 6.13 5.41
CA PHE B 78 29.20 5.13 4.74
C PHE B 78 30.58 5.69 4.44
N SER B 79 30.62 6.83 3.73
CA SER B 79 31.87 7.52 3.41
C SER B 79 32.74 7.84 4.66
N GLN B 80 32.16 8.50 5.65
CA GLN B 80 32.87 8.86 6.85
C GLN B 80 33.33 7.60 7.64
N LYS B 81 32.44 6.64 7.84
CA LYS B 81 32.85 5.43 8.60
C LYS B 81 33.93 4.60 7.91
N TYR B 82 33.80 4.35 6.61
CA TYR B 82 34.66 3.35 5.98
C TYR B 82 35.82 3.94 5.25
N PHE B 83 35.73 5.25 4.97
CA PHE B 83 36.78 5.94 4.22
C PHE B 83 37.31 7.22 4.84
N HIS B 84 36.68 7.63 5.95
CA HIS B 84 37.08 8.80 6.72
C HIS B 84 37.10 10.09 5.86
N ILE B 85 36.12 10.19 4.95
CA ILE B 85 35.99 11.37 4.08
C ILE B 85 34.52 11.73 3.97
N SER B 86 34.21 12.98 3.62
CA SER B 86 32.85 13.31 3.28
C SER B 86 32.71 13.15 1.76
N PRO B 87 31.52 12.72 1.30
CA PRO B 87 31.33 12.68 -0.14
C PRO B 87 31.13 14.09 -0.76
N ILE B 88 31.38 14.19 -2.05
CA ILE B 88 31.09 15.41 -2.81
C ILE B 88 29.79 15.17 -3.53
N TRP B 89 28.86 16.14 -3.40
CA TRP B 89 27.49 16.02 -3.87
C TRP B 89 27.33 16.83 -5.13
N VAL B 90 26.80 16.19 -6.18
CA VAL B 90 26.55 16.87 -7.44
C VAL B 90 25.36 17.77 -7.27
N LYS B 91 25.49 19.00 -7.76
CA LYS B 91 24.52 20.08 -7.56
C LYS B 91 24.68 21.00 -8.75
N ALA B 92 23.59 21.61 -9.18
CA ALA B 92 23.70 22.69 -10.14
C ALA B 92 24.39 23.89 -9.50
N LYS B 93 25.51 24.30 -10.05
CA LYS B 93 26.11 25.56 -9.63
C LYS B 93 26.71 26.31 -10.81
N ASN B 94 26.97 27.60 -10.61
CA ASN B 94 27.62 28.40 -11.64
C ASN B 94 29.01 27.90 -11.97
N GLY B 95 29.35 27.97 -13.24
CA GLY B 95 30.61 27.45 -13.75
C GLY B 95 30.53 27.31 -15.26
N CYS B 96 30.99 26.18 -15.77
CA CYS B 96 30.95 25.87 -17.19
C CYS B 96 29.54 25.77 -17.78
N VAL B 97 28.55 25.54 -16.93
CA VAL B 97 27.18 25.44 -17.35
C VAL B 97 26.39 26.61 -16.76
N LYS B 98 25.52 27.17 -17.57
CA LYS B 98 24.60 28.17 -17.15
C LYS B 98 23.24 27.48 -17.00
N TRP B 99 22.70 27.54 -15.79
CA TRP B 99 21.45 26.84 -15.49
C TRP B 99 20.24 27.75 -15.70
N ASN B 100 19.80 27.83 -16.96
CA ASN B 100 18.78 28.78 -17.37
C ASN B 100 17.32 28.27 -17.24
N VAL B 101 16.93 28.01 -16.00
CA VAL B 101 15.60 27.50 -15.71
C VAL B 101 15.15 28.20 -14.44
N LYS B 102 13.88 28.02 -14.07
CA LYS B 102 13.32 28.73 -12.91
C LYS B 102 14.06 28.44 -11.59
N ASN B 103 14.19 27.17 -11.21
CA ASN B 103 14.90 26.81 -9.99
C ASN B 103 15.96 25.75 -10.26
N PRO B 104 17.21 26.17 -10.52
CA PRO B 104 18.27 25.22 -10.82
C PRO B 104 18.49 24.20 -9.72
N SER B 105 18.23 24.59 -8.47
CA SER B 105 18.48 23.65 -7.38
C SER B 105 17.43 22.53 -7.37
N GLU B 106 16.41 22.68 -8.20
CA GLU B 106 15.36 21.68 -8.29
C GLU B 106 15.60 20.64 -9.40
N VAL B 107 16.59 20.86 -10.26
CA VAL B 107 16.84 19.86 -11.27
C VAL B 107 17.54 18.65 -10.62
N GLY B 108 17.08 17.45 -10.97
CA GLY B 108 17.67 16.21 -10.46
C GLY B 108 19.18 16.14 -10.66
N ALA B 109 19.90 15.62 -9.66
CA ALA B 109 21.39 15.57 -9.70
C ALA B 109 21.85 14.69 -10.84
N ASP B 110 21.01 13.73 -11.20
CA ASP B 110 21.32 12.86 -12.32
C ASP B 110 21.37 13.64 -13.64
N ARG B 111 20.43 14.53 -13.82
CA ARG B 111 20.37 15.38 -15.01
C ARG B 111 21.46 16.45 -15.02
N VAL B 112 21.70 17.05 -13.86
CA VAL B 112 22.87 17.92 -13.67
C VAL B 112 24.14 17.21 -14.14
N ALA B 113 24.39 16.00 -13.63
CA ALA B 113 25.58 15.25 -14.00
C ALA B 113 25.61 14.94 -15.49
N ASN B 114 24.47 14.61 -16.09
CA ASN B 114 24.45 14.38 -17.54
C ASN B 114 24.90 15.60 -18.34
N VAL B 115 24.42 16.77 -17.97
CA VAL B 115 24.76 18.05 -18.62
C VAL B 115 26.24 18.38 -18.40
N VAL B 116 26.72 18.24 -17.16
CA VAL B 116 28.15 18.43 -16.86
C VAL B 116 29.02 17.55 -17.76
N ALA B 117 28.73 16.25 -17.81
CA ALA B 117 29.49 15.33 -18.67
C ALA B 117 29.42 15.71 -20.16
N PHE B 118 28.23 16.08 -20.61
CA PHE B 118 28.07 16.43 -22.02
C PHE B 118 28.91 17.67 -22.41
N VAL B 119 28.83 18.71 -21.61
CA VAL B 119 29.50 19.98 -21.90
C VAL B 119 31.01 19.80 -21.78
N LYS B 120 31.43 18.98 -20.81
CA LYS B 120 32.84 18.68 -20.65
C LYS B 120 33.35 17.76 -21.79
N GLU B 121 32.52 16.82 -22.22
CA GLU B 121 32.98 15.77 -23.10
C GLU B 121 32.57 15.91 -24.58
N TYR B 122 31.44 16.55 -24.85
CA TYR B 122 30.84 16.51 -26.18
C TYR B 122 30.51 17.87 -26.80
N GLY B 123 30.59 18.96 -26.05
CA GLY B 123 30.37 20.24 -26.68
C GLY B 123 29.33 21.07 -26.01
N LYS B 124 29.09 22.25 -26.57
CA LYS B 124 28.26 23.28 -25.95
C LYS B 124 26.80 23.18 -26.39
N ASN B 125 26.52 22.23 -27.28
CA ASN B 125 25.21 22.16 -27.94
C ASN B 125 24.75 20.73 -28.06
N GLY B 126 23.58 20.46 -27.52
CA GLY B 126 23.11 19.08 -27.54
C GLY B 126 21.78 18.82 -26.87
N ILE B 127 21.29 17.60 -27.09
CA ILE B 127 20.04 17.07 -26.54
C ILE B 127 20.35 15.73 -25.89
N ILE B 128 20.05 15.60 -24.61
CA ILE B 128 20.39 14.37 -23.87
C ILE B 128 19.11 13.60 -23.56
N ILE B 129 19.07 12.33 -23.96
CA ILE B 129 17.97 11.44 -23.66
C ILE B 129 18.46 10.40 -22.67
N ASP B 130 17.83 10.36 -21.52
CA ASP B 130 18.23 9.44 -20.46
C ASP B 130 17.05 8.54 -20.20
N MET B 131 17.17 7.29 -20.58
CA MET B 131 16.07 6.34 -20.44
C MET B 131 16.26 5.46 -19.18
N GLY B 132 15.68 5.89 -18.07
CA GLY B 132 15.80 5.18 -16.78
C GLY B 132 14.46 5.09 -16.08
N THR B 133 14.45 5.31 -14.76
CA THR B 133 13.21 5.30 -13.98
C THR B 133 12.16 6.12 -14.68
N ALA B 134 12.49 7.39 -14.87
CA ALA B 134 11.81 8.23 -15.83
C ALA B 134 12.65 8.30 -17.08
N THR B 135 12.00 8.72 -18.16
CA THR B 135 12.68 9.04 -19.40
C THR B 135 12.71 10.55 -19.46
N THR B 136 13.92 11.06 -19.60
CA THR B 136 14.20 12.47 -19.49
C THR B 136 14.79 12.97 -20.81
N VAL B 137 14.43 14.20 -21.17
CA VAL B 137 15.04 14.93 -22.29
C VAL B 137 15.62 16.21 -21.74
N ASP B 138 16.89 16.49 -22.02
CA ASP B 138 17.49 17.75 -21.59
C ASP B 138 18.20 18.47 -22.72
N LEU B 139 18.05 19.78 -22.73
CA LEU B 139 18.57 20.61 -23.81
C LEU B 139 19.69 21.52 -23.33
N VAL B 140 20.82 21.49 -24.04
CA VAL B 140 21.90 22.44 -23.75
C VAL B 140 22.21 23.28 -25.00
N VAL B 141 22.15 24.61 -24.86
CA VAL B 141 22.42 25.52 -25.99
C VAL B 141 23.47 26.55 -25.63
N ASN B 142 24.55 26.56 -26.41
CA ASN B 142 25.72 27.40 -26.12
C ASN B 142 26.18 27.35 -24.63
N GLY B 143 26.26 26.15 -24.08
CA GLY B 143 26.70 25.97 -22.70
C GLY B 143 25.66 26.30 -21.64
N SER B 144 24.43 26.59 -22.08
CA SER B 144 23.35 26.94 -21.18
C SER B 144 22.31 25.81 -21.19
N TYR B 145 22.07 25.22 -20.01
CA TYR B 145 21.00 24.26 -19.80
C TYR B 145 19.68 25.00 -19.93
N GLU B 146 18.84 24.56 -20.85
CA GLU B 146 17.62 25.30 -21.18
C GLU B 146 16.34 24.67 -20.61
N GLY B 147 16.43 23.40 -20.24
CA GLY B 147 15.31 22.70 -19.65
C GLY B 147 15.09 21.40 -20.36
N GLY B 148 13.92 20.81 -20.17
CA GLY B 148 13.59 19.59 -20.86
C GLY B 148 12.21 19.02 -20.63
N ALA B 149 12.12 17.71 -20.76
CA ALA B 149 10.87 16.95 -20.63
C ALA B 149 11.09 15.76 -19.69
N ILE B 150 10.05 15.32 -18.99
CA ILE B 150 10.08 14.07 -18.18
C ILE B 150 8.84 13.25 -18.55
N LEU B 151 9.01 11.97 -18.82
CA LEU B 151 7.88 11.04 -18.92
C LEU B 151 8.22 9.76 -18.15
N PRO B 152 7.23 8.90 -17.86
CA PRO B 152 7.51 7.61 -17.20
C PRO B 152 8.46 6.79 -18.05
N GLY B 153 9.36 6.04 -17.41
CA GLY B 153 10.25 5.14 -18.15
C GLY B 153 9.48 3.91 -18.62
N PHE B 154 10.14 3.02 -19.37
CA PHE B 154 9.44 1.87 -19.94
C PHE B 154 8.83 0.97 -18.86
N PHE B 155 9.61 0.57 -17.87
CA PHE B 155 9.13 -0.31 -16.84
C PHE B 155 8.06 0.35 -15.98
N MET B 156 8.26 1.62 -15.66
CA MET B 156 7.27 2.40 -14.94
C MET B 156 5.92 2.33 -15.70
N MET B 157 5.94 2.48 -17.02
CA MET B 157 4.70 2.42 -17.83
C MET B 157 4.01 1.06 -17.77
N VAL B 158 4.74 -0.01 -18.05
CA VAL B 158 4.13 -1.36 -18.03
C VAL B 158 3.60 -1.75 -16.64
N HIS B 159 4.32 -1.33 -15.61
CA HIS B 159 3.86 -1.57 -14.24
C HIS B 159 2.62 -0.71 -13.90
N SER B 160 2.58 0.52 -14.39
CA SER B 160 1.42 1.38 -14.11
C SER B 160 0.14 0.77 -14.68
N LEU B 161 0.25 0.11 -15.84
CA LEU B 161 -0.89 -0.56 -16.47
C LEU B 161 -1.35 -1.78 -15.70
N PHE B 162 -0.37 -2.57 -15.22
CA PHE B 162 -0.61 -3.73 -14.39
C PHE B 162 -1.26 -3.34 -13.07
N ARG B 163 -0.69 -2.39 -12.35
CA ARG B 163 -1.21 -2.00 -11.05
C ARG B 163 -2.52 -1.25 -11.09
N GLY B 164 -2.70 -0.40 -12.11
CA GLY B 164 -3.85 0.51 -12.17
C GLY B 164 -5.08 -0.08 -12.87
N THR B 165 -5.03 -1.37 -13.13
CA THR B 165 -6.02 -2.03 -13.94
C THR B 165 -6.36 -3.37 -13.32
N ALA B 166 -7.60 -3.83 -13.47
CA ALA B 166 -8.03 -5.14 -13.01
C ALA B 166 -7.53 -6.24 -13.94
N LYS B 167 -7.57 -5.98 -15.23
CA LYS B 167 -7.33 -7.00 -16.23
C LYS B 167 -5.94 -7.07 -16.90
N LEU B 168 -5.22 -5.95 -17.02
CA LEU B 168 -3.96 -5.92 -17.81
C LEU B 168 -2.80 -6.61 -17.12
N PRO B 169 -2.06 -7.46 -17.87
CA PRO B 169 -0.90 -8.18 -17.36
C PRO B 169 0.29 -7.25 -17.21
N LEU B 170 1.28 -7.65 -16.43
CA LEU B 170 2.56 -6.97 -16.39
C LEU B 170 3.39 -7.49 -17.56
N VAL B 171 3.78 -6.61 -18.47
CA VAL B 171 4.41 -7.02 -19.72
C VAL B 171 5.92 -6.75 -19.73
N GLU B 172 6.67 -7.68 -20.33
CA GLU B 172 8.11 -7.52 -20.56
C GLU B 172 8.38 -6.50 -21.67
N VAL B 173 9.29 -5.55 -21.42
CA VAL B 173 9.57 -4.46 -22.35
C VAL B 173 10.42 -4.96 -23.51
N LYS B 174 9.93 -4.74 -24.73
CA LYS B 174 10.53 -5.22 -25.97
C LYS B 174 9.77 -4.55 -27.12
N PRO B 175 10.48 -3.99 -28.11
CA PRO B 175 9.84 -3.25 -29.20
C PRO B 175 8.88 -4.06 -30.06
N ALA B 176 7.90 -3.40 -30.64
CA ALA B 176 6.94 -4.02 -31.53
C ALA B 176 7.43 -3.99 -32.96
N ASP B 177 7.40 -5.16 -33.58
CA ASP B 177 7.75 -5.39 -34.97
C ASP B 177 6.46 -5.56 -35.77
N PHE B 178 5.48 -4.70 -35.51
CA PHE B 178 4.14 -4.79 -36.13
C PHE B 178 3.35 -3.49 -35.96
N VAL B 179 2.38 -3.31 -36.85
CA VAL B 179 1.63 -2.06 -36.97
C VAL B 179 0.48 -1.96 -35.96
N VAL B 180 -0.09 -3.11 -35.59
CA VAL B 180 -1.08 -3.21 -34.50
C VAL B 180 -0.88 -4.49 -33.75
N GLY B 181 -1.17 -4.49 -32.45
CA GLY B 181 -0.97 -5.67 -31.64
C GLY B 181 -2.18 -6.57 -31.78
N LYS B 182 -1.94 -7.89 -31.75
CA LYS B 182 -2.99 -8.88 -31.95
C LYS B 182 -3.33 -9.64 -30.67
N ASP B 183 -2.70 -9.24 -29.57
CA ASP B 183 -3.03 -9.75 -28.25
C ASP B 183 -2.62 -8.72 -27.21
N THR B 184 -2.98 -8.92 -25.95
CA THR B 184 -2.82 -7.85 -24.95
C THR B 184 -1.35 -7.45 -24.84
N GLU B 185 -0.50 -8.46 -24.74
CA GLU B 185 0.93 -8.24 -24.61
C GLU B 185 1.49 -7.42 -25.76
N GLU B 186 1.07 -7.71 -26.99
CA GLU B 186 1.49 -6.94 -28.16
C GLU B 186 0.97 -5.52 -28.19
N ASN B 187 -0.27 -5.32 -27.73
CA ASN B 187 -0.85 -3.99 -27.67
C ASN B 187 -0.02 -3.09 -26.75
N ILE B 188 0.40 -3.64 -25.62
CA ILE B 188 1.16 -2.88 -24.63
C ILE B 188 2.59 -2.56 -25.11
N ARG B 189 3.27 -3.53 -25.68
CA ARG B 189 4.56 -3.32 -26.28
C ARG B 189 4.54 -2.20 -27.31
N LEU B 190 3.52 -2.20 -28.16
CA LEU B 190 3.41 -1.17 -29.18
C LEU B 190 3.16 0.21 -28.57
N GLY B 191 2.28 0.28 -27.58
CA GLY B 191 1.94 1.57 -27.02
C GLY B 191 3.05 2.18 -26.16
N VAL B 192 3.66 1.33 -25.33
CA VAL B 192 4.67 1.77 -24.35
C VAL B 192 6.04 1.94 -24.99
N VAL B 193 6.49 0.91 -25.71
CA VAL B 193 7.85 0.96 -26.27
C VAL B 193 7.86 1.84 -27.51
N ASN B 194 7.18 1.41 -28.56
CA ASN B 194 7.16 2.21 -29.79
C ASN B 194 6.58 3.58 -29.52
N GLY B 195 5.49 3.64 -28.76
CA GLY B 195 4.88 4.93 -28.45
C GLY B 195 5.84 5.90 -27.75
N SER B 196 6.61 5.41 -26.79
CA SER B 196 7.60 6.27 -26.10
C SER B 196 8.69 6.78 -27.07
N VAL B 197 9.13 5.94 -27.99
CA VAL B 197 10.07 6.33 -29.06
C VAL B 197 9.46 7.48 -29.88
N TYR B 198 8.20 7.34 -30.29
CA TYR B 198 7.50 8.42 -30.97
C TYR B 198 7.39 9.70 -30.15
N ALA B 199 7.13 9.54 -28.84
CA ALA B 199 7.03 10.68 -27.96
C ALA B 199 8.34 11.47 -27.98
N LEU B 200 9.44 10.73 -27.89
CA LEU B 200 10.77 11.29 -27.80
C LEU B 200 11.07 11.96 -29.11
N GLU B 201 10.77 11.28 -30.22
CA GLU B 201 11.02 11.87 -31.56
C GLU B 201 10.26 13.16 -31.78
N GLY B 202 9.03 13.23 -31.31
CA GLY B 202 8.23 14.43 -31.45
C GLY B 202 8.73 15.59 -30.61
N ILE B 203 9.20 15.30 -29.41
CA ILE B 203 9.76 16.35 -28.54
C ILE B 203 11.08 16.86 -29.11
N ILE B 204 11.92 15.93 -29.55
CA ILE B 204 13.22 16.29 -30.11
C ILE B 204 13.00 17.09 -31.39
N GLY B 205 12.10 16.60 -32.24
CA GLY B 205 11.73 17.29 -33.49
C GLY B 205 11.39 18.74 -33.25
N ARG B 206 10.47 19.00 -32.34
CA ARG B 206 10.12 20.37 -31.99
C ARG B 206 11.28 21.20 -31.41
N ILE B 207 12.16 20.58 -30.63
CA ILE B 207 13.39 21.26 -30.16
C ILE B 207 14.29 21.68 -31.35
N LYS B 208 14.54 20.73 -32.24
CA LYS B 208 15.26 20.92 -33.50
C LYS B 208 14.72 22.05 -34.40
N GLU B 209 13.39 22.11 -34.55
CA GLU B 209 12.75 23.21 -35.27
C GLU B 209 13.17 24.57 -34.74
N VAL B 210 13.21 24.71 -33.40
CA VAL B 210 13.52 25.98 -32.76
C VAL B 210 15.04 26.27 -32.72
N TYR B 211 15.84 25.26 -32.36
CA TYR B 211 17.24 25.46 -31.99
C TYR B 211 18.21 24.89 -32.99
N GLY B 212 17.70 24.26 -34.03
CA GLY B 212 18.54 23.74 -35.10
C GLY B 212 18.92 22.30 -34.83
N ASP B 213 19.68 21.73 -35.76
CA ASP B 213 20.08 20.32 -35.73
C ASP B 213 21.13 19.93 -34.68
N LEU B 214 20.71 19.84 -33.43
CA LEU B 214 21.64 19.58 -32.34
C LEU B 214 21.99 18.09 -32.24
N PRO B 215 23.24 17.75 -31.88
CA PRO B 215 23.55 16.33 -31.68
C PRO B 215 22.76 15.75 -30.49
N VAL B 216 22.42 14.47 -30.60
CA VAL B 216 21.65 13.76 -29.58
C VAL B 216 22.49 12.63 -28.95
N VAL B 217 22.53 12.62 -27.62
CA VAL B 217 23.17 11.54 -26.84
C VAL B 217 22.11 10.69 -26.22
N LEU B 218 22.27 9.37 -26.33
CA LEU B 218 21.39 8.43 -25.62
C LEU B 218 22.11 7.81 -24.46
N THR B 219 21.44 7.74 -23.34
CA THR B 219 22.00 7.08 -22.17
C THR B 219 20.91 6.44 -21.30
N GLY B 220 21.31 5.69 -20.28
CA GLY B 220 20.38 5.22 -19.26
C GLY B 220 20.22 3.72 -19.28
N GLY B 221 19.69 3.19 -18.19
CA GLY B 221 19.58 1.74 -18.04
C GLY B 221 18.56 1.03 -18.90
N GLN B 222 17.59 1.76 -19.48
CA GLN B 222 16.61 1.13 -20.36
C GLN B 222 16.87 1.55 -21.81
N SER B 223 18.07 2.07 -22.06
CA SER B 223 18.36 2.67 -23.36
C SER B 223 18.85 1.69 -24.44
N LYS B 224 19.40 0.54 -24.01
CA LYS B 224 19.96 -0.44 -24.95
C LYS B 224 18.93 -0.87 -25.99
N ILE B 225 17.76 -1.26 -25.51
CA ILE B 225 16.78 -1.94 -26.35
C ILE B 225 16.28 -1.07 -27.50
N VAL B 226 16.48 0.23 -27.38
CA VAL B 226 15.79 1.19 -28.23
C VAL B 226 16.73 2.08 -29.08
N LYS B 227 18.05 1.92 -28.92
CA LYS B 227 19.02 2.73 -29.67
C LYS B 227 18.87 2.59 -31.17
N ASP B 228 18.61 1.37 -31.61
CA ASP B 228 18.34 1.11 -33.02
C ASP B 228 17.04 1.73 -33.54
N MET B 229 16.31 2.46 -32.69
CA MET B 229 15.05 3.13 -33.07
C MET B 229 15.12 4.66 -33.04
N ILE B 230 16.04 5.22 -32.24
CA ILE B 230 16.18 6.66 -32.17
C ILE B 230 17.44 7.11 -32.91
N LYS B 231 17.34 8.17 -33.69
CA LYS B 231 18.51 8.79 -34.30
C LYS B 231 19.33 9.48 -33.21
N HIS B 232 20.58 9.06 -33.09
CA HIS B 232 21.49 9.63 -32.11
C HIS B 232 22.92 9.62 -32.64
N GLU B 233 23.71 10.61 -32.22
CA GLU B 233 25.08 10.76 -32.63
C GLU B 233 26.04 10.15 -31.64
N ILE B 234 25.60 10.05 -30.37
CA ILE B 234 26.40 9.50 -29.28
C ILE B 234 25.55 8.53 -28.45
N PHE B 235 26.06 7.33 -28.27
CA PHE B 235 25.49 6.42 -27.30
C PHE B 235 26.53 6.26 -26.19
N ASP B 236 26.18 6.68 -24.95
CA ASP B 236 27.12 6.67 -23.82
C ASP B 236 26.42 6.27 -22.52
N GLU B 237 26.53 5.01 -22.16
CA GLU B 237 25.90 4.50 -20.94
C GLU B 237 26.54 5.00 -19.61
N ASP B 238 27.69 5.65 -19.72
CA ASP B 238 28.45 6.11 -18.57
C ASP B 238 28.29 7.58 -18.35
N LEU B 239 27.40 8.23 -19.10
CA LEU B 239 27.23 9.67 -19.05
C LEU B 239 27.04 10.24 -17.63
N THR B 240 26.15 9.63 -16.85
CA THR B 240 25.87 10.15 -15.51
C THR B 240 27.07 10.00 -14.59
N ILE B 241 27.64 8.80 -14.55
CA ILE B 241 28.88 8.53 -13.79
C ILE B 241 30.04 9.43 -14.25
N LYS B 242 30.15 9.67 -15.55
CA LYS B 242 31.18 10.61 -16.02
C LYS B 242 30.91 12.01 -15.45
N GLY B 243 29.66 12.44 -15.46
CA GLY B 243 29.29 13.75 -14.90
C GLY B 243 29.65 13.86 -13.41
N VAL B 244 29.42 12.77 -12.68
CA VAL B 244 29.78 12.69 -11.30
C VAL B 244 31.30 12.88 -11.14
N TYR B 245 32.07 12.10 -11.92
CA TYR B 245 33.51 12.24 -11.90
C TYR B 245 33.99 13.69 -12.24
N HIS B 246 33.55 14.23 -13.37
CA HIS B 246 33.94 15.60 -13.77
C HIS B 246 33.55 16.64 -12.74
N PHE B 247 32.31 16.60 -12.24
CA PHE B 247 31.89 17.59 -11.23
C PHE B 247 32.76 17.56 -9.97
N CYS B 248 33.01 16.35 -9.46
CA CYS B 248 33.63 16.18 -8.13
C CYS B 248 35.14 16.22 -8.22
N PHE B 249 35.69 15.58 -9.25
CA PHE B 249 37.14 15.35 -9.33
C PHE B 249 37.86 16.00 -10.51
N GLY B 250 37.13 16.70 -11.38
CA GLY B 250 37.78 17.60 -12.33
C GLY B 250 38.15 16.82 -13.55
N MET C 3 34.29 -37.41 -13.81
CA MET C 3 33.96 -36.16 -13.05
C MET C 3 32.51 -35.98 -12.60
N ASP C 4 32.38 -35.10 -11.62
CA ASP C 4 31.15 -34.88 -10.90
C ASP C 4 31.02 -33.36 -10.93
N PRO C 5 30.62 -32.80 -12.10
CA PRO C 5 30.53 -31.35 -12.21
C PRO C 5 29.42 -30.85 -11.28
N MET C 6 29.67 -29.69 -10.69
CA MET C 6 28.74 -29.00 -9.78
C MET C 6 27.68 -28.20 -10.53
N TYR C 7 26.41 -28.36 -10.16
CA TYR C 7 25.31 -27.59 -10.77
C TYR C 7 24.62 -26.73 -9.69
N LEU C 8 24.29 -25.48 -10.07
CA LEU C 8 23.50 -24.60 -9.23
C LEU C 8 22.04 -24.70 -9.68
N LEU C 9 21.16 -24.98 -8.73
CA LEU C 9 19.73 -25.09 -8.94
C LEU C 9 19.04 -23.99 -8.15
N VAL C 10 18.06 -23.36 -8.79
CA VAL C 10 17.38 -22.19 -8.23
C VAL C 10 15.86 -22.39 -8.28
N ASP C 11 15.21 -22.07 -7.17
CA ASP C 11 13.78 -22.08 -7.11
C ASP C 11 13.31 -20.70 -6.67
N VAL C 12 12.89 -19.91 -7.66
CA VAL C 12 12.44 -18.54 -7.43
C VAL C 12 10.95 -18.52 -7.06
N GLY C 13 10.71 -18.23 -5.79
CA GLY C 13 9.36 -18.09 -5.31
C GLY C 13 9.01 -16.64 -5.10
N ASN C 14 7.73 -16.40 -4.83
CA ASN C 14 7.23 -15.05 -4.58
C ASN C 14 7.84 -14.36 -3.38
N THR C 15 8.09 -15.11 -2.33
CA THR C 15 8.69 -14.55 -1.13
C THR C 15 10.20 -14.86 -0.98
N HIS C 16 10.58 -16.10 -1.30
CA HIS C 16 11.91 -16.60 -1.06
C HIS C 16 12.42 -17.31 -2.30
N SER C 17 13.73 -17.32 -2.46
CA SER C 17 14.35 -18.06 -3.52
C SER C 17 15.32 -19.02 -2.86
N VAL C 18 15.32 -20.27 -3.33
CA VAL C 18 16.20 -21.31 -2.83
C VAL C 18 17.29 -21.46 -3.84
N PHE C 19 18.54 -21.51 -3.34
CA PHE C 19 19.73 -21.78 -4.15
C PHE C 19 20.37 -23.03 -3.60
N SER C 20 20.61 -23.99 -4.48
CA SER C 20 21.19 -25.27 -4.07
C SER C 20 22.30 -25.70 -5.01
N ILE C 21 23.27 -26.43 -4.48
CA ILE C 21 24.33 -27.00 -5.30
C ILE C 21 24.41 -28.53 -5.07
N THR C 22 24.72 -29.24 -6.15
CA THR C 22 24.92 -30.69 -6.12
C THR C 22 26.02 -31.10 -7.09
N GLU C 23 26.68 -32.22 -6.81
CA GLU C 23 27.57 -32.82 -7.80
C GLU C 23 27.21 -34.23 -8.18
N ASP C 24 26.02 -34.69 -7.78
CA ASP C 24 25.57 -36.02 -8.13
C ASP C 24 24.06 -36.10 -8.33
N GLY C 25 23.37 -35.03 -7.98
CA GLY C 25 21.94 -34.98 -8.10
C GLY C 25 21.26 -35.86 -7.09
N LYS C 26 21.99 -36.22 -6.02
CA LYS C 26 21.46 -37.04 -4.91
C LYS C 26 21.56 -36.30 -3.58
N THR C 27 22.70 -35.66 -3.35
CA THR C 27 22.90 -34.83 -2.17
C THR C 27 22.97 -33.36 -2.61
N PHE C 28 22.31 -32.49 -1.84
CA PHE C 28 22.17 -31.08 -2.19
C PHE C 28 22.59 -30.21 -0.97
N ARG C 29 23.33 -29.13 -1.18
CA ARG C 29 23.55 -28.13 -0.13
C ARG C 29 22.66 -26.97 -0.48
N ARG C 30 21.97 -26.41 0.49
CA ARG C 30 20.97 -25.44 0.11
C ARG C 30 20.95 -24.21 0.98
N TRP C 31 20.51 -23.12 0.37
CA TRP C 31 20.38 -21.85 1.03
C TRP C 31 19.07 -21.19 0.61
N ARG C 32 18.63 -20.19 1.38
CA ARG C 32 17.38 -19.54 1.10
C ARG C 32 17.52 -18.05 1.36
N LEU C 33 17.10 -17.25 0.38
CA LEU C 33 17.21 -15.76 0.45
C LEU C 33 15.84 -15.23 0.14
N SER C 34 15.55 -14.00 0.56
CA SER C 34 14.30 -13.39 0.13
C SER C 34 14.44 -13.08 -1.36
N THR C 35 13.33 -13.07 -2.06
CA THR C 35 13.32 -12.76 -3.49
C THR C 35 13.41 -11.22 -3.65
N GLY C 36 12.73 -10.49 -2.78
CA GLY C 36 12.88 -9.04 -2.77
C GLY C 36 12.30 -8.42 -4.03
N VAL C 37 12.58 -7.15 -4.24
CA VAL C 37 12.12 -6.43 -5.40
C VAL C 37 13.32 -5.62 -5.85
N PHE C 38 13.46 -5.50 -7.17
CA PHE C 38 14.55 -4.75 -7.80
C PHE C 38 15.93 -5.30 -7.49
N GLN C 39 16.00 -6.56 -7.05
CA GLN C 39 17.29 -7.19 -6.87
C GLN C 39 18.00 -7.21 -8.24
N THR C 40 19.31 -7.03 -8.23
CA THR C 40 20.13 -7.01 -9.44
C THR C 40 21.03 -8.22 -9.38
N GLU C 41 21.67 -8.53 -10.50
CA GLU C 41 22.59 -9.64 -10.57
C GLU C 41 23.80 -9.46 -9.64
N ASP C 42 24.30 -8.23 -9.52
CA ASP C 42 25.45 -7.98 -8.62
C ASP C 42 25.08 -8.17 -7.16
N GLU C 43 23.86 -7.78 -6.83
CA GLU C 43 23.32 -7.98 -5.48
C GLU C 43 23.16 -9.46 -5.11
N LEU C 44 22.69 -10.23 -6.07
CA LEU C 44 22.58 -11.67 -5.91
C LEU C 44 23.93 -12.34 -5.67
N PHE C 45 24.91 -11.99 -6.50
CA PHE C 45 26.30 -12.44 -6.33
C PHE C 45 26.82 -12.07 -4.94
N SER C 46 26.61 -10.81 -4.57
CA SER C 46 27.01 -10.34 -3.26
C SER C 46 26.41 -11.16 -2.08
N HIS C 47 25.11 -11.42 -2.12
CA HIS C 47 24.46 -12.27 -1.12
C HIS C 47 24.99 -13.70 -1.10
N LEU C 48 25.23 -14.28 -2.28
CA LEU C 48 25.62 -15.69 -2.40
C LEU C 48 27.08 -15.90 -2.07
N HIS C 49 27.87 -14.87 -2.29
CA HIS C 49 29.33 -14.97 -2.17
C HIS C 49 29.81 -15.64 -0.86
N PRO C 50 29.45 -15.06 0.31
CA PRO C 50 29.80 -15.72 1.59
C PRO C 50 29.21 -17.10 1.84
N LEU C 51 28.11 -17.45 1.16
CA LEU C 51 27.37 -18.67 1.43
C LEU C 51 27.96 -19.82 0.64
N LEU C 52 28.15 -19.61 -0.65
CA LEU C 52 28.71 -20.62 -1.52
C LEU C 52 30.21 -20.75 -1.29
N GLY C 53 30.88 -19.65 -0.97
CA GLY C 53 32.32 -19.69 -0.71
C GLY C 53 33.13 -20.19 -1.91
N ASP C 54 34.10 -21.08 -1.65
CA ASP C 54 34.98 -21.61 -2.70
C ASP C 54 34.17 -22.34 -3.79
N ALA C 55 33.03 -22.89 -3.39
CA ALA C 55 32.18 -23.67 -4.29
C ALA C 55 31.74 -22.89 -5.52
N MET C 56 31.58 -21.57 -5.38
CA MET C 56 31.04 -20.74 -6.43
C MET C 56 31.81 -20.85 -7.75
N ARG C 57 33.13 -20.93 -7.67
CA ARG C 57 33.98 -20.96 -8.87
C ARG C 57 33.91 -22.32 -9.63
N GLU C 58 33.22 -23.30 -9.05
CA GLU C 58 33.15 -24.66 -9.58
C GLU C 58 31.82 -25.01 -10.29
N ILE C 59 30.84 -24.10 -10.21
CA ILE C 59 29.55 -24.25 -10.92
C ILE C 59 29.69 -24.35 -12.45
N LYS C 60 29.17 -25.43 -13.02
CA LYS C 60 29.27 -25.70 -14.45
C LYS C 60 27.94 -25.56 -15.22
N GLY C 61 26.83 -25.49 -14.48
CA GLY C 61 25.50 -25.34 -15.06
C GLY C 61 24.53 -24.71 -14.07
N ILE C 62 23.57 -23.96 -14.57
CA ILE C 62 22.55 -23.31 -13.74
C ILE C 62 21.16 -23.70 -14.26
N GLY C 63 20.34 -24.29 -13.40
CA GLY C 63 18.97 -24.64 -13.72
C GLY C 63 18.03 -23.85 -12.83
N VAL C 64 16.87 -23.46 -13.34
CA VAL C 64 15.96 -22.56 -12.60
C VAL C 64 14.51 -22.89 -12.87
N ALA C 65 13.74 -22.99 -11.80
CA ALA C 65 12.29 -23.00 -11.84
C ALA C 65 11.84 -21.68 -11.19
N SER C 66 11.03 -20.91 -11.89
CA SER C 66 10.65 -19.60 -11.39
C SER C 66 9.18 -19.35 -11.59
N VAL C 67 8.53 -18.82 -10.55
CA VAL C 67 7.16 -18.34 -10.70
C VAL C 67 7.09 -16.81 -10.58
N VAL C 68 8.22 -16.13 -10.71
CA VAL C 68 8.28 -14.66 -10.63
C VAL C 68 8.98 -14.11 -11.88
N PRO C 69 8.22 -13.95 -12.97
CA PRO C 69 8.78 -13.50 -14.26
C PRO C 69 9.67 -12.28 -14.18
N THR C 70 9.40 -11.32 -13.28
CA THR C 70 10.27 -10.15 -13.17
C THR C 70 11.69 -10.45 -12.68
N GLN C 71 11.85 -11.54 -11.92
CA GLN C 71 13.17 -11.97 -11.48
C GLN C 71 14.01 -12.69 -12.55
N ASN C 72 13.38 -13.13 -13.63
CA ASN C 72 14.06 -14.04 -14.55
C ASN C 72 15.20 -13.36 -15.29
N THR C 73 14.99 -12.10 -15.67
CA THR C 73 15.98 -11.27 -16.35
C THR C 73 17.22 -11.04 -15.45
N VAL C 74 17.00 -10.97 -14.14
CA VAL C 74 18.10 -10.87 -13.17
C VAL C 74 18.89 -12.18 -13.10
N ILE C 75 18.21 -13.30 -13.10
CA ILE C 75 18.87 -14.60 -13.04
C ILE C 75 19.67 -14.88 -14.31
N GLU C 76 19.10 -14.51 -15.44
CA GLU C 76 19.78 -14.59 -16.73
C GLU C 76 21.08 -13.77 -16.74
N ARG C 77 20.99 -12.49 -16.38
CA ARG C 77 22.17 -11.63 -16.22
C ARG C 77 23.21 -12.14 -15.24
N PHE C 78 22.78 -12.69 -14.10
CA PHE C 78 23.69 -13.26 -13.09
C PHE C 78 24.46 -14.44 -13.69
N SER C 79 23.74 -15.35 -14.34
CA SER C 79 24.38 -16.51 -14.99
C SER C 79 25.39 -16.08 -16.03
N GLN C 80 25.01 -15.14 -16.89
CA GLN C 80 25.90 -14.74 -17.99
C GLN C 80 27.11 -14.04 -17.43
N LYS C 81 26.88 -13.12 -16.48
CA LYS C 81 27.97 -12.28 -15.99
C LYS C 81 28.96 -13.06 -15.18
N TYR C 82 28.44 -13.88 -14.27
CA TYR C 82 29.33 -14.52 -13.31
C TYR C 82 29.76 -15.92 -13.70
N PHE C 83 29.04 -16.54 -14.63
CA PHE C 83 29.39 -17.90 -15.05
C PHE C 83 29.54 -18.09 -16.57
N HIS C 84 29.27 -17.03 -17.33
CA HIS C 84 29.41 -17.07 -18.78
C HIS C 84 28.52 -18.13 -19.43
N ILE C 85 27.36 -18.37 -18.84
CA ILE C 85 26.42 -19.33 -19.40
C ILE C 85 25.00 -18.80 -19.27
N SER C 86 24.08 -19.33 -20.08
CA SER C 86 22.68 -19.05 -19.92
C SER C 86 22.09 -20.15 -19.03
N PRO C 87 21.10 -19.78 -18.18
CA PRO C 87 20.47 -20.82 -17.36
C PRO C 87 19.51 -21.65 -18.20
N ILE C 88 19.20 -22.83 -17.69
CA ILE C 88 18.20 -23.69 -18.27
C ILE C 88 16.91 -23.51 -17.45
N TRP C 89 15.82 -23.25 -18.14
CA TRP C 89 14.56 -22.92 -17.49
C TRP C 89 13.57 -24.08 -17.43
N VAL C 90 13.10 -24.42 -16.22
CA VAL C 90 12.03 -25.44 -16.09
C VAL C 90 10.71 -24.98 -16.70
N LYS C 91 10.19 -25.83 -17.57
CA LYS C 91 9.03 -25.54 -18.41
C LYS C 91 8.26 -26.87 -18.56
N ALA C 92 6.94 -26.87 -18.65
CA ALA C 92 6.27 -28.11 -19.01
C ALA C 92 6.51 -28.42 -20.50
N LYS C 93 6.94 -29.63 -20.79
CA LYS C 93 7.13 -30.04 -22.18
C LYS C 93 6.83 -31.53 -22.37
N ASN C 94 6.44 -31.88 -23.59
CA ASN C 94 6.10 -33.26 -23.93
C ASN C 94 7.32 -34.15 -23.75
N GLY C 95 7.14 -35.38 -23.27
CA GLY C 95 8.27 -36.28 -22.98
C GLY C 95 8.04 -37.33 -21.90
N CYS C 96 8.75 -37.19 -20.78
CA CYS C 96 8.66 -38.15 -19.66
C CYS C 96 7.33 -38.00 -18.88
N VAL C 97 6.74 -36.83 -18.94
CA VAL C 97 5.49 -36.57 -18.27
C VAL C 97 4.49 -36.20 -19.34
N LYS C 98 3.28 -36.69 -19.21
CA LYS C 98 2.21 -36.23 -20.06
C LYS C 98 1.48 -35.17 -19.26
N TRP C 99 1.08 -34.10 -19.92
CA TRP C 99 0.47 -32.98 -19.22
C TRP C 99 -1.00 -32.87 -19.63
N ASN C 100 -1.86 -33.62 -18.94
CA ASN C 100 -3.31 -33.75 -19.25
C ASN C 100 -4.22 -32.68 -18.65
N VAL C 101 -3.89 -31.43 -18.91
CA VAL C 101 -4.67 -30.30 -18.47
C VAL C 101 -4.83 -29.34 -19.65
N LYS C 102 -5.71 -28.36 -19.51
CA LYS C 102 -6.09 -27.44 -20.57
C LYS C 102 -4.93 -26.63 -21.16
N ASN C 103 -4.08 -26.09 -20.28
CA ASN C 103 -2.92 -25.32 -20.74
C ASN C 103 -1.66 -25.63 -19.91
N PRO C 104 -0.91 -26.67 -20.31
CA PRO C 104 0.31 -27.04 -19.58
C PRO C 104 1.26 -25.86 -19.34
N SER C 105 1.37 -24.96 -20.31
CA SER C 105 2.30 -23.87 -20.19
C SER C 105 1.91 -22.87 -19.09
N GLU C 106 0.68 -22.97 -18.56
CA GLU C 106 0.28 -22.09 -17.46
C GLU C 106 0.59 -22.64 -16.06
N VAL C 107 0.96 -23.92 -15.98
CA VAL C 107 1.29 -24.54 -14.71
C VAL C 107 2.64 -24.02 -14.22
N GLY C 108 2.67 -23.55 -12.98
CA GLY C 108 3.86 -22.96 -12.37
C GLY C 108 5.06 -23.87 -12.42
N ALA C 109 6.24 -23.29 -12.68
CA ALA C 109 7.45 -24.10 -12.90
C ALA C 109 7.80 -24.91 -11.67
N ASP C 110 7.37 -24.43 -10.51
CA ASP C 110 7.61 -25.17 -9.26
C ASP C 110 6.85 -26.49 -9.27
N ARG C 111 5.60 -26.43 -9.67
CA ARG C 111 4.75 -27.59 -9.71
C ARG C 111 5.23 -28.54 -10.83
N VAL C 112 5.68 -27.99 -11.95
CA VAL C 112 6.32 -28.83 -12.98
C VAL C 112 7.51 -29.58 -12.42
N ALA C 113 8.42 -28.88 -11.72
CA ALA C 113 9.61 -29.47 -11.17
C ALA C 113 9.25 -30.59 -10.21
N ASN C 114 8.23 -30.37 -9.38
CA ASN C 114 7.78 -31.42 -8.44
C ASN C 114 7.33 -32.70 -9.13
N VAL C 115 6.52 -32.57 -10.17
CA VAL C 115 6.01 -33.71 -10.93
C VAL C 115 7.16 -34.46 -11.63
N VAL C 116 8.09 -33.71 -12.21
CA VAL C 116 9.28 -34.29 -12.86
C VAL C 116 10.05 -35.12 -11.85
N ALA C 117 10.35 -34.55 -10.68
CA ALA C 117 11.10 -35.25 -9.64
C ALA C 117 10.35 -36.48 -9.16
N PHE C 118 9.03 -36.35 -9.02
CA PHE C 118 8.23 -37.47 -8.59
C PHE C 118 8.36 -38.66 -9.52
N VAL C 119 8.13 -38.39 -10.80
CA VAL C 119 8.08 -39.44 -11.80
C VAL C 119 9.47 -40.07 -11.94
N LYS C 120 10.52 -39.28 -11.74
CA LYS C 120 11.89 -39.78 -11.82
C LYS C 120 12.27 -40.68 -10.65
N GLU C 121 11.91 -40.26 -9.43
CA GLU C 121 12.39 -40.91 -8.21
C GLU C 121 11.35 -41.77 -7.49
N TYR C 122 10.07 -41.50 -7.68
CA TYR C 122 9.09 -42.15 -6.82
C TYR C 122 8.02 -42.96 -7.51
N GLY C 123 7.84 -42.78 -8.82
CA GLY C 123 6.87 -43.58 -9.56
C GLY C 123 5.92 -42.81 -10.43
N LYS C 124 5.05 -43.57 -11.09
CA LYS C 124 4.10 -43.06 -12.07
C LYS C 124 2.80 -42.56 -11.48
N ASN C 125 2.55 -42.88 -10.20
CA ASN C 125 1.29 -42.58 -9.53
C ASN C 125 1.49 -41.95 -8.17
N GLY C 126 0.90 -40.78 -7.96
CA GLY C 126 1.12 -40.10 -6.68
C GLY C 126 0.40 -38.78 -6.50
N ILE C 127 0.35 -38.33 -5.24
CA ILE C 127 -0.26 -37.06 -4.87
C ILE C 127 0.81 -36.19 -4.21
N ILE C 128 1.06 -35.01 -4.75
CA ILE C 128 2.12 -34.13 -4.24
C ILE C 128 1.48 -32.95 -3.51
N ILE C 129 1.85 -32.77 -2.25
CA ILE C 129 1.41 -31.65 -1.46
C ILE C 129 2.64 -30.75 -1.26
N ASP C 130 2.56 -29.52 -1.72
CA ASP C 130 3.66 -28.57 -1.57
C ASP C 130 3.14 -27.40 -0.72
N MET C 131 3.60 -27.33 0.52
CA MET C 131 3.17 -26.24 1.43
C MET C 131 4.14 -25.09 1.36
N GLY C 132 3.87 -24.16 0.45
CA GLY C 132 4.72 -22.99 0.25
C GLY C 132 3.92 -21.70 0.39
N THR C 133 4.22 -20.72 -0.48
CA THR C 133 3.48 -19.46 -0.49
C THR C 133 2.00 -19.76 -0.63
N ALA C 134 1.68 -20.60 -1.61
CA ALA C 134 0.37 -21.24 -1.68
C ALA C 134 0.59 -22.69 -1.28
N THR C 135 -0.47 -23.33 -0.81
CA THR C 135 -0.45 -24.76 -0.58
C THR C 135 -1.09 -25.39 -1.82
N THR C 136 -0.40 -26.36 -2.36
CA THR C 136 -0.70 -26.91 -3.67
C THR C 136 -0.84 -28.42 -3.55
N VAL C 137 -1.80 -28.98 -4.28
CA VAL C 137 -1.99 -30.42 -4.42
C VAL C 137 -1.85 -30.75 -5.88
N ASP C 138 -1.06 -31.77 -6.21
CA ASP C 138 -0.89 -32.12 -7.60
C ASP C 138 -1.05 -33.62 -7.79
N LEU C 139 -1.78 -33.98 -8.85
CA LEU C 139 -2.09 -35.40 -9.09
C LEU C 139 -1.36 -35.94 -10.32
N VAL C 140 -0.62 -37.03 -10.15
CA VAL C 140 0.05 -37.72 -11.23
C VAL C 140 -0.51 -39.16 -11.31
N VAL C 141 -1.07 -39.52 -12.45
CA VAL C 141 -1.65 -40.86 -12.65
C VAL C 141 -1.07 -41.48 -13.91
N ASN C 142 -0.43 -42.62 -13.73
CA ASN C 142 0.25 -43.31 -14.83
C ASN C 142 1.19 -42.39 -15.64
N GLY C 143 2.01 -41.62 -14.92
CA GLY C 143 2.95 -40.63 -15.50
C GLY C 143 2.30 -39.48 -16.26
N SER C 144 1.00 -39.30 -16.05
CA SER C 144 0.27 -38.18 -16.60
C SER C 144 -0.07 -37.20 -15.45
N TYR C 145 0.23 -35.92 -15.65
CA TYR C 145 -0.20 -34.89 -14.71
C TYR C 145 -1.67 -34.60 -14.98
N GLU C 146 -2.47 -34.68 -13.92
CA GLU C 146 -3.94 -34.65 -14.09
C GLU C 146 -4.57 -33.37 -13.60
N GLY C 147 -3.81 -32.57 -12.85
CA GLY C 147 -4.36 -31.33 -12.28
C GLY C 147 -4.22 -31.31 -10.79
N GLY C 148 -4.96 -30.41 -10.15
CA GLY C 148 -4.80 -30.26 -8.70
C GLY C 148 -5.63 -29.17 -8.07
N ALA C 149 -5.14 -28.65 -6.96
CA ALA C 149 -5.81 -27.63 -6.17
C ALA C 149 -4.78 -26.66 -5.63
N ILE C 150 -5.21 -25.42 -5.45
CA ILE C 150 -4.40 -24.34 -4.87
C ILE C 150 -5.22 -23.72 -3.74
N LEU C 151 -4.60 -23.56 -2.56
CA LEU C 151 -5.20 -22.75 -1.50
C LEU C 151 -4.09 -21.85 -0.96
N PRO C 152 -4.46 -20.79 -0.22
CA PRO C 152 -3.44 -19.96 0.42
C PRO C 152 -2.63 -20.80 1.39
N GLY C 153 -1.34 -20.51 1.51
CA GLY C 153 -0.45 -21.19 2.46
C GLY C 153 -0.68 -20.62 3.85
N PHE C 154 -0.04 -21.21 4.85
CA PHE C 154 -0.35 -20.91 6.23
C PHE C 154 -0.05 -19.47 6.57
N PHE C 155 1.15 -19.00 6.22
CA PHE C 155 1.50 -17.61 6.50
C PHE C 155 0.61 -16.65 5.71
N MET C 156 0.30 -16.98 4.46
CA MET C 156 -0.59 -16.12 3.66
C MET C 156 -1.93 -15.95 4.41
N MET C 157 -2.41 -17.04 5.01
CA MET C 157 -3.70 -17.05 5.70
C MET C 157 -3.67 -16.16 6.94
N VAL C 158 -2.68 -16.36 7.83
CA VAL C 158 -2.62 -15.55 9.05
C VAL C 158 -2.36 -14.12 8.73
N HIS C 159 -1.54 -13.87 7.73
CA HIS C 159 -1.32 -12.48 7.37
C HIS C 159 -2.58 -11.84 6.78
N SER C 160 -3.39 -12.60 6.04
CA SER C 160 -4.59 -12.03 5.44
C SER C 160 -5.63 -11.62 6.48
N LEU C 161 -5.71 -12.37 7.57
CA LEU C 161 -6.60 -12.03 8.67
C LEU C 161 -6.13 -10.79 9.45
N PHE C 162 -4.82 -10.71 9.71
CA PHE C 162 -4.19 -9.55 10.36
C PHE C 162 -4.43 -8.30 9.50
N ARG C 163 -4.07 -8.37 8.23
CA ARG C 163 -4.20 -7.24 7.32
C ARG C 163 -5.62 -6.84 6.96
N GLY C 164 -6.50 -7.81 6.92
CA GLY C 164 -7.87 -7.62 6.41
C GLY C 164 -8.89 -7.29 7.48
N THR C 165 -8.46 -7.13 8.73
CA THR C 165 -9.39 -6.88 9.81
C THR C 165 -8.82 -5.81 10.71
N ALA C 166 -9.69 -5.11 11.44
CA ALA C 166 -9.22 -4.13 12.42
C ALA C 166 -8.64 -4.81 13.67
N LYS C 167 -9.28 -5.90 14.11
CA LYS C 167 -9.05 -6.46 15.45
C LYS C 167 -8.09 -7.66 15.52
N LEU C 168 -7.99 -8.44 14.46
CA LEU C 168 -7.20 -9.71 14.54
C LEU C 168 -5.69 -9.51 14.50
N PRO C 169 -4.95 -10.18 15.42
CA PRO C 169 -3.50 -10.09 15.54
C PRO C 169 -2.82 -10.94 14.47
N LEU C 170 -1.52 -10.72 14.24
CA LEU C 170 -0.75 -11.61 13.38
C LEU C 170 -0.33 -12.78 14.26
N VAL C 171 -0.81 -13.97 13.92
CA VAL C 171 -0.56 -15.15 14.74
C VAL C 171 0.57 -16.01 14.17
N GLU C 172 1.43 -16.54 15.05
CA GLU C 172 2.49 -17.46 14.64
C GLU C 172 1.94 -18.84 14.30
N VAL C 173 2.41 -19.41 13.19
CA VAL C 173 1.82 -20.65 12.66
C VAL C 173 2.28 -21.86 13.46
N LYS C 174 1.37 -22.43 14.23
CA LYS C 174 1.65 -23.52 15.16
C LYS C 174 0.37 -24.32 15.31
N PRO C 175 0.43 -25.65 15.13
CA PRO C 175 -0.76 -26.50 15.27
C PRO C 175 -1.53 -26.29 16.57
N ALA C 176 -2.84 -26.47 16.52
CA ALA C 176 -3.69 -26.43 17.70
C ALA C 176 -3.85 -27.85 18.29
N ASP C 177 -3.75 -27.97 19.60
CA ASP C 177 -4.13 -29.22 20.26
C ASP C 177 -5.30 -28.98 21.18
N PHE C 178 -6.34 -28.36 20.65
CA PHE C 178 -7.58 -28.17 21.35
C PHE C 178 -8.65 -28.20 20.30
N VAL C 179 -9.86 -28.51 20.75
CA VAL C 179 -11.03 -28.72 19.92
C VAL C 179 -11.70 -27.39 19.55
N VAL C 180 -11.54 -26.38 20.42
CA VAL C 180 -11.96 -24.99 20.18
C VAL C 180 -10.95 -24.08 20.83
N GLY C 181 -10.70 -22.91 20.24
CA GLY C 181 -9.78 -21.93 20.81
C GLY C 181 -10.43 -21.10 21.89
N LYS C 182 -9.66 -20.67 22.89
CA LYS C 182 -10.21 -19.93 24.02
C LYS C 182 -9.68 -18.51 24.05
N ASP C 183 -8.90 -18.15 23.04
CA ASP C 183 -8.51 -16.76 22.79
C ASP C 183 -8.31 -16.60 21.27
N THR C 184 -8.08 -15.38 20.81
CA THR C 184 -8.04 -15.11 19.40
C THR C 184 -6.90 -15.87 18.70
N GLU C 185 -5.72 -15.88 19.33
CA GLU C 185 -4.59 -16.59 18.76
C GLU C 185 -4.92 -18.06 18.53
N GLU C 186 -5.62 -18.65 19.50
CA GLU C 186 -5.94 -20.06 19.46
C GLU C 186 -7.02 -20.35 18.45
N ASN C 187 -7.99 -19.43 18.33
CA ASN C 187 -9.01 -19.51 17.30
C ASN C 187 -8.44 -19.60 15.89
N ILE C 188 -7.46 -18.74 15.65
CA ILE C 188 -6.82 -18.66 14.33
C ILE C 188 -5.90 -19.85 14.07
N ARG C 189 -5.14 -20.28 15.08
CA ARG C 189 -4.31 -21.49 14.95
C ARG C 189 -5.18 -22.66 14.55
N LEU C 190 -6.28 -22.83 15.26
CA LEU C 190 -7.24 -23.87 14.90
C LEU C 190 -7.84 -23.74 13.48
N GLY C 191 -8.33 -22.56 13.12
CA GLY C 191 -8.92 -22.38 11.81
C GLY C 191 -7.91 -22.49 10.67
N VAL C 192 -6.75 -21.85 10.84
CA VAL C 192 -5.79 -21.78 9.73
C VAL C 192 -4.95 -23.05 9.63
N VAL C 193 -4.35 -23.47 10.74
CA VAL C 193 -3.42 -24.59 10.71
C VAL C 193 -4.18 -25.89 10.61
N ASN C 194 -4.94 -26.24 11.66
CA ASN C 194 -5.69 -27.48 11.66
C ASN C 194 -6.67 -27.52 10.51
N GLY C 195 -7.34 -26.39 10.27
CA GLY C 195 -8.30 -26.29 9.18
C GLY C 195 -7.69 -26.53 7.81
N SER C 196 -6.51 -25.96 7.56
CA SER C 196 -5.87 -26.21 6.26
C SER C 196 -5.50 -27.67 6.10
N VAL C 197 -5.13 -28.32 7.20
CA VAL C 197 -4.83 -29.76 7.20
C VAL C 197 -6.08 -30.58 6.89
N TYR C 198 -7.19 -30.25 7.54
CA TYR C 198 -8.47 -30.89 7.21
C TYR C 198 -8.87 -30.69 5.75
N ALA C 199 -8.62 -29.50 5.23
CA ALA C 199 -8.90 -29.18 3.84
C ALA C 199 -8.09 -30.11 2.94
N LEU C 200 -6.78 -30.18 3.19
CA LEU C 200 -5.89 -31.08 2.45
C LEU C 200 -6.39 -32.52 2.52
N GLU C 201 -6.71 -32.98 3.72
CA GLU C 201 -7.16 -34.37 3.92
C GLU C 201 -8.43 -34.65 3.14
N GLY C 202 -9.32 -33.64 3.05
CA GLY C 202 -10.55 -33.78 2.28
C GLY C 202 -10.32 -33.89 0.78
N ILE C 203 -9.44 -33.05 0.25
CA ILE C 203 -9.12 -33.06 -1.17
C ILE C 203 -8.41 -34.38 -1.56
N ILE C 204 -7.46 -34.79 -0.73
CA ILE C 204 -6.76 -36.07 -0.92
C ILE C 204 -7.73 -37.23 -0.87
N GLY C 205 -8.66 -37.21 0.11
CA GLY C 205 -9.66 -38.26 0.29
C GLY C 205 -10.50 -38.49 -0.94
N ARG C 206 -10.98 -37.40 -1.50
CA ARG C 206 -11.81 -37.45 -2.67
C ARG C 206 -11.02 -37.91 -3.92
N ILE C 207 -9.75 -37.56 -3.97
CA ILE C 207 -8.91 -37.96 -5.10
C ILE C 207 -8.77 -39.48 -5.07
N LYS C 208 -8.43 -40.00 -3.89
CA LYS C 208 -8.28 -41.43 -3.65
C LYS C 208 -9.58 -42.23 -3.82
N GLU C 209 -10.73 -41.60 -3.58
CA GLU C 209 -12.00 -42.22 -3.93
C GLU C 209 -12.04 -42.60 -5.40
N VAL C 210 -11.68 -41.66 -6.26
CA VAL C 210 -11.70 -41.83 -7.70
C VAL C 210 -10.51 -42.62 -8.23
N TYR C 211 -9.32 -42.41 -7.69
CA TYR C 211 -8.09 -42.95 -8.30
C TYR C 211 -7.40 -44.05 -7.51
N GLY C 212 -7.90 -44.34 -6.31
CA GLY C 212 -7.28 -45.35 -5.48
C GLY C 212 -6.30 -44.77 -4.48
N ASP C 213 -5.73 -45.65 -3.65
CA ASP C 213 -4.87 -45.22 -2.54
C ASP C 213 -3.44 -44.84 -2.97
N LEU C 214 -3.32 -43.79 -3.78
CA LEU C 214 -2.02 -43.33 -4.28
C LEU C 214 -1.10 -42.82 -3.16
N PRO C 215 0.21 -43.05 -3.27
CA PRO C 215 1.16 -42.50 -2.30
C PRO C 215 1.16 -40.97 -2.29
N VAL C 216 1.24 -40.39 -1.09
CA VAL C 216 1.32 -38.94 -0.95
C VAL C 216 2.74 -38.54 -0.56
N VAL C 217 3.29 -37.57 -1.30
CA VAL C 217 4.56 -36.90 -0.97
C VAL C 217 4.29 -35.51 -0.43
N LEU C 218 4.94 -35.16 0.67
CA LEU C 218 4.89 -33.81 1.21
C LEU C 218 6.19 -33.10 1.00
N THR C 219 6.11 -31.84 0.63
CA THR C 219 7.28 -30.99 0.49
C THR C 219 6.90 -29.55 0.75
N GLY C 220 7.88 -28.65 0.75
CA GLY C 220 7.58 -27.22 0.89
C GLY C 220 8.12 -26.59 2.15
N GLY C 221 8.42 -25.30 2.04
CA GLY C 221 9.00 -24.53 3.16
C GLY C 221 8.12 -24.50 4.41
N GLN C 222 6.82 -24.73 4.26
CA GLN C 222 5.93 -24.71 5.43
C GLN C 222 5.43 -26.09 5.82
N SER C 223 5.97 -27.17 5.22
CA SER C 223 5.46 -28.52 5.47
C SER C 223 5.93 -29.15 6.79
N LYS C 224 7.13 -28.84 7.24
CA LYS C 224 7.69 -29.52 8.42
C LYS C 224 6.86 -29.31 9.68
N ILE C 225 6.26 -28.13 9.81
CA ILE C 225 5.43 -27.78 10.96
C ILE C 225 4.23 -28.68 11.13
N VAL C 226 3.72 -29.23 10.04
CA VAL C 226 2.47 -30.00 10.09
C VAL C 226 2.60 -31.42 9.57
N LYS C 227 3.82 -31.85 9.23
CA LYS C 227 3.99 -33.12 8.57
C LYS C 227 3.44 -34.28 9.42
N ASP C 228 3.60 -34.17 10.74
CA ASP C 228 3.15 -35.18 11.67
C ASP C 228 1.61 -35.23 11.79
N MET C 229 0.92 -34.26 11.19
CA MET C 229 -0.55 -34.21 11.21
C MET C 229 -1.21 -34.81 9.95
N ILE C 230 -0.46 -34.96 8.86
CA ILE C 230 -1.01 -35.56 7.64
C ILE C 230 -0.40 -36.91 7.43
N LYS C 231 -1.23 -37.88 7.09
CA LYS C 231 -0.74 -39.14 6.61
C LYS C 231 0.00 -38.91 5.30
N HIS C 232 1.24 -39.40 5.23
CA HIS C 232 2.00 -39.36 3.99
C HIS C 232 3.00 -40.51 3.93
N GLU C 233 3.33 -40.92 2.71
CA GLU C 233 4.28 -41.98 2.43
C GLU C 233 5.70 -41.44 2.24
N ILE C 234 5.83 -40.22 1.70
CA ILE C 234 7.14 -39.64 1.46
C ILE C 234 7.22 -38.20 1.93
N PHE C 235 8.28 -37.87 2.67
CA PHE C 235 8.57 -36.49 3.02
C PHE C 235 9.88 -36.08 2.36
N ASP C 236 9.80 -35.15 1.41
CA ASP C 236 10.99 -34.74 0.65
C ASP C 236 11.09 -33.23 0.47
N GLU C 237 11.87 -32.60 1.33
CA GLU C 237 12.08 -31.16 1.31
C GLU C 237 12.81 -30.67 0.07
N ASP C 238 13.49 -31.60 -0.61
CA ASP C 238 14.25 -31.28 -1.81
C ASP C 238 13.53 -31.57 -3.12
N LEU C 239 12.23 -31.91 -3.04
CA LEU C 239 11.50 -32.32 -4.23
C LEU C 239 11.63 -31.32 -5.41
N THR C 240 11.40 -30.04 -5.14
CA THR C 240 11.42 -29.04 -6.22
C THR C 240 12.81 -28.89 -6.84
N ILE C 241 13.84 -28.77 -6.01
CA ILE C 241 15.23 -28.68 -6.45
C ILE C 241 15.67 -29.93 -7.22
N LYS C 242 15.22 -31.10 -6.76
CA LYS C 242 15.49 -32.36 -7.46
C LYS C 242 14.88 -32.32 -8.85
N GLY C 243 13.69 -31.73 -8.93
CA GLY C 243 12.99 -31.58 -10.21
C GLY C 243 13.75 -30.68 -11.17
N VAL C 244 14.26 -29.54 -10.66
CA VAL C 244 15.13 -28.64 -11.42
C VAL C 244 16.35 -29.42 -11.95
N TYR C 245 16.99 -30.18 -11.07
CA TYR C 245 18.13 -30.96 -11.44
C TYR C 245 17.81 -31.93 -12.59
N HIS C 246 16.76 -32.72 -12.42
CA HIS C 246 16.42 -33.75 -13.37
C HIS C 246 16.00 -33.19 -14.73
N PHE C 247 15.17 -32.14 -14.69
CA PHE C 247 14.78 -31.43 -15.91
C PHE C 247 15.98 -30.91 -16.71
N CYS C 248 16.89 -30.23 -16.02
CA CYS C 248 17.96 -29.47 -16.70
C CYS C 248 19.18 -30.32 -17.03
N PHE C 249 19.53 -31.23 -16.13
CA PHE C 249 20.80 -31.97 -16.17
C PHE C 249 20.64 -33.46 -16.09
N GLY C 250 19.39 -33.91 -16.18
CA GLY C 250 19.07 -35.35 -16.37
C GLY C 250 19.49 -36.29 -15.27
N MET D 3 -48.08 -0.30 21.00
CA MET D 3 -47.07 0.16 19.99
C MET D 3 -45.97 -0.88 19.72
N ASP D 4 -45.36 -0.71 18.55
CA ASP D 4 -44.34 -1.59 18.03
C ASP D 4 -43.26 -0.61 17.58
N PRO D 5 -42.45 -0.14 18.53
CA PRO D 5 -41.45 0.85 18.14
C PRO D 5 -40.46 0.25 17.16
N MET D 6 -39.99 1.08 16.24
CA MET D 6 -39.05 0.61 15.22
C MET D 6 -37.59 0.74 15.72
N TYR D 7 -36.79 -0.33 15.54
CA TYR D 7 -35.41 -0.26 15.99
C TYR D 7 -34.49 -0.40 14.77
N LEU D 8 -33.41 0.37 14.79
CA LEU D 8 -32.35 0.22 13.81
C LEU D 8 -31.23 -0.65 14.42
N LEU D 9 -30.91 -1.72 13.71
CA LEU D 9 -29.84 -2.63 14.09
C LEU D 9 -28.69 -2.53 13.09
N VAL D 10 -27.48 -2.38 13.61
CA VAL D 10 -26.31 -2.18 12.75
C VAL D 10 -25.30 -3.27 13.09
N ASP D 11 -24.68 -3.81 12.05
CA ASP D 11 -23.59 -4.75 12.19
C ASP D 11 -22.44 -4.24 11.33
N VAL D 12 -21.46 -3.64 12.00
CA VAL D 12 -20.32 -3.00 11.36
C VAL D 12 -19.17 -3.99 11.26
N GLY D 13 -18.90 -4.40 10.02
CA GLY D 13 -17.80 -5.30 9.71
C GLY D 13 -16.66 -4.56 9.00
N ASN D 14 -15.54 -5.25 8.81
CA ASN D 14 -14.36 -4.67 8.18
C ASN D 14 -14.54 -4.18 6.74
N THR D 15 -15.33 -4.89 5.95
CA THR D 15 -15.59 -4.48 4.56
C THR D 15 -17.00 -3.95 4.35
N HIS D 16 -17.97 -4.52 5.04
CA HIS D 16 -19.38 -4.11 4.93
C HIS D 16 -20.10 -3.90 6.26
N SER D 17 -21.16 -3.12 6.22
CA SER D 17 -21.97 -2.86 7.39
C SER D 17 -23.38 -3.17 6.97
N VAL D 18 -24.09 -3.91 7.82
CA VAL D 18 -25.50 -4.22 7.61
C VAL D 18 -26.34 -3.30 8.48
N PHE D 19 -27.37 -2.71 7.88
CA PHE D 19 -28.34 -1.88 8.56
C PHE D 19 -29.70 -2.55 8.41
N SER D 20 -30.39 -2.74 9.53
CA SER D 20 -31.68 -3.42 9.49
C SER D 20 -32.69 -2.71 10.36
N ILE D 21 -33.97 -2.73 9.94
CA ILE D 21 -35.02 -2.17 10.75
C ILE D 21 -35.99 -3.29 11.08
N THR D 22 -36.52 -3.24 12.30
CA THR D 22 -37.58 -4.13 12.75
C THR D 22 -38.55 -3.38 13.66
N GLU D 23 -39.78 -3.86 13.68
CA GLU D 23 -40.79 -3.34 14.58
C GLU D 23 -41.24 -4.42 15.56
N ASP D 24 -40.63 -5.62 15.45
CA ASP D 24 -41.08 -6.74 16.29
C ASP D 24 -39.93 -7.67 16.70
N GLY D 25 -38.75 -7.44 16.14
CA GLY D 25 -37.65 -8.37 16.30
C GLY D 25 -37.91 -9.73 15.68
N LYS D 26 -38.94 -9.83 14.85
CA LYS D 26 -39.28 -11.09 14.19
C LYS D 26 -39.09 -11.06 12.67
N THR D 27 -39.51 -9.98 12.03
CA THR D 27 -39.16 -9.74 10.63
C THR D 27 -38.24 -8.50 10.53
N PHE D 28 -37.30 -8.53 9.58
CA PHE D 28 -36.30 -7.51 9.45
C PHE D 28 -36.25 -7.05 8.02
N ARG D 29 -36.17 -5.74 7.80
CA ARG D 29 -35.81 -5.21 6.49
C ARG D 29 -34.32 -4.87 6.55
N ARG D 30 -33.56 -5.21 5.51
CA ARG D 30 -32.12 -5.07 5.60
C ARG D 30 -31.46 -4.49 4.36
N TRP D 31 -30.35 -3.78 4.59
CA TRP D 31 -29.52 -3.15 3.57
C TRP D 31 -28.04 -3.37 3.95
N ARG D 32 -27.17 -3.35 2.95
CA ARG D 32 -25.76 -3.54 3.19
C ARG D 32 -25.00 -2.49 2.41
N LEU D 33 -23.98 -1.90 3.05
CA LEU D 33 -23.17 -0.83 2.44
C LEU D 33 -21.73 -1.14 2.74
N SER D 34 -20.80 -0.57 1.97
CA SER D 34 -19.40 -0.68 2.36
C SER D 34 -19.15 0.09 3.67
N THR D 35 -18.23 -0.42 4.49
CA THR D 35 -17.84 0.28 5.70
C THR D 35 -16.98 1.49 5.35
N GLY D 36 -16.11 1.36 4.37
CA GLY D 36 -15.39 2.54 3.91
C GLY D 36 -14.33 2.93 4.92
N VAL D 37 -13.77 4.11 4.72
CA VAL D 37 -12.74 4.66 5.59
C VAL D 37 -13.08 6.14 5.61
N PHE D 38 -12.94 6.75 6.78
CA PHE D 38 -13.18 8.18 6.96
C PHE D 38 -14.63 8.62 6.71
N GLN D 39 -15.57 7.67 6.74
CA GLN D 39 -16.98 8.02 6.69
C GLN D 39 -17.39 8.84 7.89
N THR D 40 -18.35 9.71 7.66
CA THR D 40 -18.83 10.63 8.65
C THR D 40 -20.30 10.29 8.93
N GLU D 41 -20.87 10.86 9.99
CA GLU D 41 -22.27 10.66 10.29
C GLU D 41 -23.17 11.20 9.18
N ASP D 42 -22.83 12.34 8.60
CA ASP D 42 -23.64 12.91 7.50
C ASP D 42 -23.58 12.03 6.26
N GLU D 43 -22.42 11.47 5.98
CA GLU D 43 -22.30 10.54 4.86
C GLU D 43 -23.16 9.28 5.02
N LEU D 44 -23.19 8.72 6.23
CA LEU D 44 -24.07 7.59 6.53
C LEU D 44 -25.53 7.96 6.36
N PHE D 45 -25.93 9.10 6.93
CA PHE D 45 -27.29 9.55 6.80
C PHE D 45 -27.65 9.63 5.30
N SER D 46 -26.78 10.29 4.55
CA SER D 46 -26.96 10.47 3.11
C SER D 46 -27.12 9.14 2.39
N HIS D 47 -26.26 8.18 2.71
CA HIS D 47 -26.38 6.83 2.15
C HIS D 47 -27.70 6.14 2.49
N LEU D 48 -28.12 6.28 3.75
CA LEU D 48 -29.29 5.55 4.23
C LEU D 48 -30.59 6.19 3.81
N HIS D 49 -30.55 7.49 3.58
CA HIS D 49 -31.74 8.28 3.30
C HIS D 49 -32.71 7.76 2.22
N PRO D 50 -32.21 7.52 0.99
CA PRO D 50 -33.11 6.95 -0.01
C PRO D 50 -33.39 5.46 0.19
N LEU D 51 -32.62 4.77 1.05
CA LEU D 51 -32.89 3.35 1.30
C LEU D 51 -34.02 3.13 2.29
N LEU D 52 -33.92 3.79 3.44
CA LEU D 52 -34.87 3.61 4.51
C LEU D 52 -36.11 4.45 4.25
N GLY D 53 -35.98 5.48 3.42
CA GLY D 53 -37.12 6.34 3.09
C GLY D 53 -37.86 6.81 4.33
N ASP D 54 -39.18 6.69 4.34
CA ASP D 54 -39.95 7.29 5.41
C ASP D 54 -39.86 6.54 6.72
N ALA D 55 -39.38 5.30 6.63
CA ALA D 55 -39.04 4.50 7.80
C ALA D 55 -38.15 5.27 8.78
N MET D 56 -37.19 6.03 8.27
CA MET D 56 -36.19 6.74 9.11
C MET D 56 -36.70 7.56 10.27
N ARG D 57 -37.75 8.36 10.02
CA ARG D 57 -38.40 9.17 11.05
C ARG D 57 -38.90 8.33 12.24
N GLU D 58 -39.20 7.07 11.98
CA GLU D 58 -39.81 6.16 12.96
C GLU D 58 -38.85 5.51 13.97
N ILE D 59 -37.54 5.66 13.75
CA ILE D 59 -36.55 4.96 14.57
C ILE D 59 -36.47 5.47 16.02
N LYS D 60 -36.65 4.55 16.97
CA LYS D 60 -36.72 4.89 18.38
C LYS D 60 -35.53 4.33 19.18
N GLY D 61 -34.81 3.37 18.59
CA GLY D 61 -33.61 2.83 19.24
C GLY D 61 -32.61 2.35 18.21
N ILE D 62 -31.32 2.44 18.55
CA ILE D 62 -30.24 1.97 17.67
C ILE D 62 -29.35 1.03 18.46
N GLY D 63 -29.24 -0.19 17.96
CA GLY D 63 -28.35 -1.19 18.53
C GLY D 63 -27.27 -1.55 17.54
N VAL D 64 -26.04 -1.74 18.02
CA VAL D 64 -24.88 -1.89 17.14
C VAL D 64 -23.94 -3.00 17.63
N ALA D 65 -23.54 -3.90 16.73
CA ALA D 65 -22.40 -4.78 17.01
C ALA D 65 -21.34 -4.35 16.05
N SER D 66 -20.15 -4.03 16.53
CA SER D 66 -19.10 -3.54 15.66
C SER D 66 -17.77 -4.20 15.95
N VAL D 67 -17.03 -4.55 14.90
CA VAL D 67 -15.66 -5.07 15.04
C VAL D 67 -14.64 -4.07 14.44
N VAL D 68 -15.08 -2.83 14.20
CA VAL D 68 -14.21 -1.78 13.66
C VAL D 68 -14.28 -0.57 14.58
N PRO D 69 -13.43 -0.53 15.61
CA PRO D 69 -13.49 0.52 16.65
C PRO D 69 -13.40 1.93 16.10
N THR D 70 -12.67 2.11 15.01
CA THR D 70 -12.62 3.40 14.31
C THR D 70 -13.97 3.91 13.80
N GLN D 71 -14.89 3.00 13.45
CA GLN D 71 -16.24 3.41 13.01
C GLN D 71 -17.18 3.83 14.13
N ASN D 72 -16.87 3.42 15.34
CA ASN D 72 -17.83 3.52 16.42
C ASN D 72 -18.17 4.98 16.74
N THR D 73 -17.19 5.87 16.68
CA THR D 73 -17.46 7.28 16.91
C THR D 73 -18.45 7.84 15.89
N VAL D 74 -18.42 7.34 14.66
CA VAL D 74 -19.29 7.81 13.58
C VAL D 74 -20.73 7.38 13.87
N ILE D 75 -20.90 6.13 14.32
CA ILE D 75 -22.22 5.60 14.59
C ILE D 75 -22.81 6.37 15.80
N GLU D 76 -21.98 6.58 16.80
CA GLU D 76 -22.37 7.35 17.97
C GLU D 76 -22.86 8.77 17.57
N ARG D 77 -22.08 9.49 16.78
CA ARG D 77 -22.47 10.83 16.26
C ARG D 77 -23.69 10.83 15.35
N PHE D 78 -23.78 9.83 14.47
CA PHE D 78 -24.98 9.60 13.66
C PHE D 78 -26.23 9.47 14.53
N SER D 79 -26.16 8.59 15.54
CA SER D 79 -27.31 8.39 16.42
C SER D 79 -27.74 9.68 17.16
N GLN D 80 -26.79 10.39 17.74
CA GLN D 80 -27.05 11.62 18.48
C GLN D 80 -27.53 12.76 17.60
N LYS D 81 -26.89 12.93 16.43
CA LYS D 81 -27.27 14.04 15.55
C LYS D 81 -28.65 13.82 14.94
N TYR D 82 -28.89 12.64 14.39
CA TYR D 82 -30.10 12.38 13.64
C TYR D 82 -31.28 11.76 14.43
N PHE D 83 -31.00 11.17 15.58
CA PHE D 83 -32.07 10.56 16.38
C PHE D 83 -32.13 10.98 17.85
N HIS D 84 -31.16 11.80 18.26
CA HIS D 84 -31.08 12.34 19.62
C HIS D 84 -30.98 11.23 20.67
N ILE D 85 -30.31 10.14 20.30
CA ILE D 85 -30.11 9.06 21.25
C ILE D 85 -28.70 8.52 21.16
N SER D 86 -28.27 7.78 22.18
CA SER D 86 -26.99 7.09 22.13
C SER D 86 -27.31 5.68 21.74
N PRO D 87 -26.44 5.05 20.89
CA PRO D 87 -26.65 3.66 20.52
C PRO D 87 -26.35 2.74 21.69
N ILE D 88 -26.90 1.52 21.63
CA ILE D 88 -26.54 0.47 22.59
C ILE D 88 -25.54 -0.48 21.94
N TRP D 89 -24.43 -0.75 22.63
CA TRP D 89 -23.31 -1.46 22.01
C TRP D 89 -23.28 -2.86 22.49
N VAL D 90 -23.30 -3.82 21.55
CA VAL D 90 -23.25 -5.26 21.88
C VAL D 90 -21.90 -5.61 22.42
N LYS D 91 -21.88 -6.32 23.55
CA LYS D 91 -20.62 -6.71 24.20
C LYS D 91 -20.87 -7.95 25.05
N ALA D 92 -19.81 -8.70 25.37
CA ALA D 92 -19.97 -9.87 26.22
C ALA D 92 -20.16 -9.36 27.63
N LYS D 93 -21.19 -9.85 28.27
CA LYS D 93 -21.49 -9.45 29.61
C LYS D 93 -22.16 -10.64 30.33
N ASN D 94 -22.03 -10.70 31.66
CA ASN D 94 -22.72 -11.75 32.42
C ASN D 94 -24.21 -11.60 32.33
N GLY D 95 -24.87 -12.74 32.34
CA GLY D 95 -26.32 -12.82 32.25
C GLY D 95 -26.61 -14.25 31.86
N CYS D 96 -27.35 -14.41 30.77
CA CYS D 96 -27.81 -15.73 30.39
C CYS D 96 -26.81 -16.46 29.47
N VAL D 97 -25.73 -15.79 29.09
CA VAL D 97 -24.63 -16.50 28.45
C VAL D 97 -23.47 -16.44 29.42
N LYS D 98 -22.85 -17.60 29.67
CA LYS D 98 -21.57 -17.63 30.33
C LYS D 98 -20.52 -17.58 29.23
N TRP D 99 -19.47 -16.81 29.46
CA TRP D 99 -18.40 -16.67 28.49
C TRP D 99 -17.16 -17.37 29.02
N ASN D 100 -17.07 -18.66 28.72
CA ASN D 100 -15.94 -19.46 29.21
C ASN D 100 -14.74 -19.39 28.28
N VAL D 101 -14.13 -18.21 28.22
CA VAL D 101 -12.94 -18.00 27.40
C VAL D 101 -12.00 -17.06 28.15
N LYS D 102 -10.73 -17.10 27.79
CA LYS D 102 -9.71 -16.38 28.51
C LYS D 102 -10.10 -14.90 28.72
N ASN D 103 -10.63 -14.27 27.67
CA ASN D 103 -10.87 -12.84 27.68
C ASN D 103 -12.13 -12.47 26.91
N PRO D 104 -13.31 -12.59 27.57
CA PRO D 104 -14.58 -12.36 26.90
C PRO D 104 -14.71 -11.00 26.19
N SER D 105 -14.12 -9.95 26.75
CA SER D 105 -14.16 -8.64 26.09
C SER D 105 -13.48 -8.61 24.71
N GLU D 106 -12.66 -9.62 24.43
CA GLU D 106 -11.90 -9.67 23.18
C GLU D 106 -12.65 -10.40 22.06
N VAL D 107 -13.71 -11.10 22.43
CA VAL D 107 -14.57 -11.79 21.46
C VAL D 107 -15.26 -10.71 20.59
N GLY D 108 -15.20 -10.86 19.28
CA GLY D 108 -15.85 -9.92 18.37
C GLY D 108 -17.33 -9.75 18.65
N ALA D 109 -17.85 -8.51 18.50
CA ALA D 109 -19.26 -8.23 18.86
C ALA D 109 -20.22 -8.96 17.95
N ASP D 110 -19.77 -9.24 16.74
CA ASP D 110 -20.55 -10.08 15.81
C ASP D 110 -20.78 -11.50 16.30
N ARG D 111 -19.71 -12.11 16.78
CA ARG D 111 -19.79 -13.44 17.38
C ARG D 111 -20.62 -13.45 18.67
N VAL D 112 -20.44 -12.44 19.51
CA VAL D 112 -21.32 -12.27 20.68
C VAL D 112 -22.79 -12.23 20.25
N ALA D 113 -23.13 -11.40 19.28
CA ALA D 113 -24.52 -11.31 18.83
C ALA D 113 -25.04 -12.64 18.29
N ASN D 114 -24.20 -13.39 17.57
CA ASN D 114 -24.65 -14.68 17.06
C ASN D 114 -25.05 -15.62 18.21
N VAL D 115 -24.23 -15.63 19.25
CA VAL D 115 -24.43 -16.53 20.40
C VAL D 115 -25.67 -16.08 21.16
N VAL D 116 -25.82 -14.77 21.38
CA VAL D 116 -27.03 -14.24 22.03
C VAL D 116 -28.27 -14.70 21.25
N ALA D 117 -28.29 -14.46 19.95
CA ALA D 117 -29.40 -14.88 19.08
C ALA D 117 -29.69 -16.37 19.16
N PHE D 118 -28.62 -17.16 19.09
CA PHE D 118 -28.77 -18.59 19.12
C PHE D 118 -29.43 -19.07 20.43
N VAL D 119 -28.89 -18.65 21.56
CA VAL D 119 -29.40 -19.07 22.89
C VAL D 119 -30.85 -18.59 23.10
N LYS D 120 -31.18 -17.44 22.53
CA LYS D 120 -32.51 -16.87 22.65
C LYS D 120 -33.54 -17.60 21.79
N GLU D 121 -33.14 -17.98 20.58
CA GLU D 121 -34.06 -18.53 19.60
C GLU D 121 -33.92 -20.03 19.30
N TYR D 122 -32.73 -20.59 19.50
CA TYR D 122 -32.53 -21.97 19.05
C TYR D 122 -32.11 -22.97 20.11
N GLY D 123 -31.74 -22.52 21.29
CA GLY D 123 -31.41 -23.45 22.34
C GLY D 123 -30.05 -23.28 22.96
N LYS D 124 -29.74 -24.16 23.90
CA LYS D 124 -28.58 -23.99 24.75
C LYS D 124 -27.32 -24.62 24.17
N ASN D 125 -27.48 -25.39 23.09
CA ASN D 125 -26.35 -26.14 22.53
C ASN D 125 -26.29 -25.98 21.03
N GLY D 126 -25.13 -25.53 20.54
CA GLY D 126 -25.05 -25.40 19.10
C GLY D 126 -23.69 -25.04 18.58
N ILE D 127 -23.53 -25.22 17.28
CA ILE D 127 -22.32 -24.82 16.56
C ILE D 127 -22.74 -23.77 15.54
N ILE D 128 -22.15 -22.58 15.61
CA ILE D 128 -22.52 -21.50 14.68
C ILE D 128 -21.39 -21.32 13.67
N ILE D 129 -21.72 -21.44 12.39
CA ILE D 129 -20.79 -21.12 11.32
C ILE D 129 -21.21 -19.82 10.65
N ASP D 130 -20.34 -18.83 10.74
CA ASP D 130 -20.63 -17.54 10.13
C ASP D 130 -19.60 -17.33 9.02
N MET D 131 -20.08 -17.41 7.78
CA MET D 131 -19.24 -17.23 6.61
C MET D 131 -19.31 -15.79 6.08
N GLY D 132 -18.36 -14.97 6.51
CA GLY D 132 -18.31 -13.54 6.12
C GLY D 132 -16.88 -13.19 5.79
N THR D 133 -16.44 -12.00 6.20
CA THR D 133 -15.05 -11.53 5.99
C THR D 133 -14.08 -12.62 6.41
N ALA D 134 -14.18 -12.98 7.68
CA ALA D 134 -13.64 -14.23 8.15
C ALA D 134 -14.75 -15.27 8.23
N THR D 135 -14.36 -16.53 8.14
CA THR D 135 -15.25 -17.64 8.42
C THR D 135 -14.94 -18.07 9.86
N THR D 136 -15.97 -18.05 10.70
CA THR D 136 -15.85 -18.40 12.11
C THR D 136 -16.73 -19.58 12.47
N VAL D 137 -16.29 -20.32 13.48
CA VAL D 137 -17.05 -21.35 14.15
C VAL D 137 -17.14 -20.96 15.62
N ASP D 138 -18.36 -20.96 16.15
CA ASP D 138 -18.60 -20.61 17.53
C ASP D 138 -19.31 -21.78 18.20
N LEU D 139 -18.86 -22.14 19.41
CA LEU D 139 -19.43 -23.29 20.12
C LEU D 139 -20.15 -22.82 21.36
N VAL D 140 -21.40 -23.29 21.51
CA VAL D 140 -22.21 -23.03 22.70
C VAL D 140 -22.70 -24.33 23.32
N VAL D 141 -22.34 -24.60 24.56
CA VAL D 141 -22.72 -25.83 25.25
C VAL D 141 -23.40 -25.47 26.56
N ASN D 142 -24.66 -25.88 26.73
CA ASN D 142 -25.38 -25.57 27.99
C ASN D 142 -25.38 -24.07 28.32
N GLY D 143 -25.44 -23.24 27.27
CA GLY D 143 -25.54 -21.80 27.41
C GLY D 143 -24.22 -21.16 27.79
N SER D 144 -23.13 -21.91 27.65
CA SER D 144 -21.79 -21.38 27.85
C SER D 144 -21.14 -21.26 26.44
N TYR D 145 -20.60 -20.09 26.13
CA TYR D 145 -19.81 -19.92 24.93
C TYR D 145 -18.49 -20.57 25.23
N GLU D 146 -18.11 -21.57 24.44
CA GLU D 146 -16.90 -22.33 24.77
C GLU D 146 -15.68 -21.95 23.94
N GLY D 147 -15.90 -21.11 22.93
CA GLY D 147 -14.81 -20.66 22.06
C GLY D 147 -15.04 -21.07 20.63
N GLY D 148 -13.99 -21.02 19.83
CA GLY D 148 -14.17 -21.31 18.42
C GLY D 148 -12.92 -21.40 17.56
N ALA D 149 -13.13 -21.21 16.26
CA ALA D 149 -12.10 -21.21 15.24
C ALA D 149 -12.32 -20.00 14.35
N ILE D 150 -11.23 -19.42 13.84
CA ILE D 150 -11.29 -18.35 12.84
C ILE D 150 -10.41 -18.77 11.64
N LEU D 151 -10.96 -18.65 10.44
CA LEU D 151 -10.22 -18.87 9.20
C LEU D 151 -10.56 -17.75 8.19
N PRO D 152 -9.67 -17.46 7.21
CA PRO D 152 -10.03 -16.42 6.21
C PRO D 152 -11.29 -16.80 5.46
N GLY D 153 -12.16 -15.83 5.16
CA GLY D 153 -13.32 -16.09 4.33
C GLY D 153 -12.95 -16.43 2.88
N PHE D 154 -13.94 -16.82 2.07
CA PHE D 154 -13.70 -17.22 0.69
C PHE D 154 -13.08 -16.07 -0.10
N PHE D 155 -13.68 -14.86 -0.02
CA PHE D 155 -13.15 -13.75 -0.77
C PHE D 155 -11.76 -13.34 -0.28
N MET D 156 -11.58 -13.31 1.03
CA MET D 156 -10.26 -13.06 1.60
C MET D 156 -9.20 -14.04 1.04
N MET D 157 -9.54 -15.32 0.94
CA MET D 157 -8.63 -16.37 0.42
C MET D 157 -8.26 -16.12 -1.08
N VAL D 158 -9.24 -15.94 -1.93
CA VAL D 158 -8.96 -15.73 -3.36
C VAL D 158 -8.20 -14.43 -3.58
N HIS D 159 -8.50 -13.43 -2.76
CA HIS D 159 -7.76 -12.19 -2.87
C HIS D 159 -6.30 -12.31 -2.41
N SER D 160 -6.04 -13.07 -1.33
CA SER D 160 -4.68 -13.27 -0.84
C SER D 160 -3.80 -13.96 -1.90
N LEU D 161 -4.39 -14.82 -2.70
CA LEU D 161 -3.63 -15.60 -3.67
C LEU D 161 -3.27 -14.70 -4.83
N PHE D 162 -4.20 -13.85 -5.19
CA PHE D 162 -3.99 -12.82 -6.21
C PHE D 162 -2.92 -11.81 -5.75
N ARG D 163 -3.09 -11.25 -4.56
CA ARG D 163 -2.16 -10.25 -4.07
C ARG D 163 -0.76 -10.80 -3.82
N GLY D 164 -0.70 -12.01 -3.28
CA GLY D 164 0.55 -12.57 -2.75
C GLY D 164 1.41 -13.32 -3.76
N THR D 165 0.99 -13.31 -5.02
CA THR D 165 1.62 -14.13 -6.05
C THR D 165 1.82 -13.27 -7.31
N ALA D 166 2.92 -13.47 -8.05
CA ALA D 166 3.13 -12.80 -9.34
C ALA D 166 2.13 -13.27 -10.36
N LYS D 167 1.74 -14.53 -10.28
CA LYS D 167 1.08 -15.21 -11.39
C LYS D 167 -0.38 -15.61 -11.21
N LEU D 168 -0.86 -15.78 -9.98
CA LEU D 168 -2.24 -16.30 -9.82
C LEU D 168 -3.31 -15.22 -10.10
N PRO D 169 -4.39 -15.59 -10.83
CA PRO D 169 -5.52 -14.69 -11.07
C PRO D 169 -6.36 -14.49 -9.83
N LEU D 170 -7.25 -13.49 -9.87
CA LEU D 170 -8.28 -13.30 -8.86
C LEU D 170 -9.48 -14.09 -9.34
N VAL D 171 -9.85 -15.11 -8.57
CA VAL D 171 -10.88 -16.03 -9.00
C VAL D 171 -12.23 -15.72 -8.34
N GLU D 172 -13.32 -15.88 -9.12
CA GLU D 172 -14.66 -15.74 -8.59
C GLU D 172 -14.99 -16.95 -7.75
N VAL D 173 -15.68 -16.74 -6.62
CA VAL D 173 -15.90 -17.78 -5.65
C VAL D 173 -17.08 -18.69 -6.04
N LYS D 174 -16.76 -19.92 -6.46
CA LYS D 174 -17.76 -20.89 -6.94
C LYS D 174 -17.26 -22.30 -6.66
N PRO D 175 -18.13 -23.18 -6.12
CA PRO D 175 -17.73 -24.56 -5.81
C PRO D 175 -17.19 -25.31 -7.04
N ALA D 176 -16.20 -26.17 -6.83
CA ALA D 176 -15.73 -27.08 -7.86
C ALA D 176 -16.63 -28.30 -7.87
N ASP D 177 -17.02 -28.71 -9.06
CA ASP D 177 -17.75 -29.98 -9.24
C ASP D 177 -16.84 -31.01 -9.90
N PHE D 178 -15.56 -30.99 -9.54
CA PHE D 178 -14.55 -31.89 -10.08
C PHE D 178 -13.55 -32.33 -8.99
N VAL D 179 -12.87 -33.44 -9.23
CA VAL D 179 -12.00 -33.98 -8.20
C VAL D 179 -10.61 -33.33 -8.21
N VAL D 180 -10.15 -32.88 -9.37
CA VAL D 180 -8.95 -32.02 -9.50
C VAL D 180 -9.21 -30.95 -10.54
N GLY D 181 -8.63 -29.77 -10.36
CA GLY D 181 -8.79 -28.69 -11.32
C GLY D 181 -7.90 -28.86 -12.52
N LYS D 182 -8.36 -28.42 -13.69
CA LYS D 182 -7.62 -28.60 -14.94
C LYS D 182 -7.08 -27.31 -15.54
N ASP D 183 -7.34 -26.19 -14.86
CA ASP D 183 -6.73 -24.90 -15.12
C ASP D 183 -6.58 -24.16 -13.80
N THR D 184 -6.01 -22.96 -13.81
CA THR D 184 -5.63 -22.30 -12.57
C THR D 184 -6.87 -21.92 -11.79
N GLU D 185 -7.85 -21.40 -12.50
CA GLU D 185 -9.09 -20.97 -11.91
C GLU D 185 -9.79 -22.12 -11.19
N GLU D 186 -9.87 -23.27 -11.86
CA GLU D 186 -10.44 -24.41 -11.17
C GLU D 186 -9.61 -25.01 -10.05
N ASN D 187 -8.28 -24.91 -10.14
CA ASN D 187 -7.40 -25.25 -9.02
C ASN D 187 -7.78 -24.48 -7.76
N ILE D 188 -8.00 -23.16 -7.93
CA ILE D 188 -8.28 -22.24 -6.82
C ILE D 188 -9.69 -22.46 -6.25
N ARG D 189 -10.67 -22.68 -7.13
CA ARG D 189 -12.04 -22.96 -6.67
C ARG D 189 -12.04 -24.23 -5.80
N LEU D 190 -11.33 -25.24 -6.26
CA LEU D 190 -11.25 -26.48 -5.50
C LEU D 190 -10.60 -26.30 -4.12
N GLY D 191 -9.44 -25.65 -4.08
CA GLY D 191 -8.68 -25.44 -2.86
C GLY D 191 -9.38 -24.49 -1.89
N VAL D 192 -9.90 -23.38 -2.40
CA VAL D 192 -10.51 -22.35 -1.54
C VAL D 192 -11.93 -22.71 -1.12
N VAL D 193 -12.79 -23.09 -2.07
CA VAL D 193 -14.21 -23.30 -1.74
C VAL D 193 -14.40 -24.69 -1.15
N ASN D 194 -14.10 -25.74 -1.91
CA ASN D 194 -14.33 -27.09 -1.42
C ASN D 194 -13.42 -27.30 -0.23
N GLY D 195 -12.19 -26.76 -0.32
CA GLY D 195 -11.24 -26.85 0.75
C GLY D 195 -11.73 -26.18 2.04
N SER D 196 -12.30 -24.98 1.94
CA SER D 196 -12.81 -24.35 3.18
C SER D 196 -13.93 -25.18 3.82
N VAL D 197 -14.82 -25.72 2.99
CA VAL D 197 -15.88 -26.63 3.45
C VAL D 197 -15.31 -27.87 4.16
N TYR D 198 -14.33 -28.53 3.54
CA TYR D 198 -13.64 -29.62 4.22
C TYR D 198 -13.08 -29.17 5.56
N ALA D 199 -12.51 -27.97 5.60
CA ALA D 199 -11.92 -27.45 6.81
C ALA D 199 -12.98 -27.34 7.91
N LEU D 200 -14.11 -26.75 7.57
CA LEU D 200 -15.22 -26.62 8.53
C LEU D 200 -15.74 -27.97 9.00
N GLU D 201 -15.99 -28.86 8.05
CA GLU D 201 -16.40 -30.23 8.40
C GLU D 201 -15.46 -30.93 9.38
N GLY D 202 -14.16 -30.76 9.18
CA GLY D 202 -13.17 -31.35 10.07
C GLY D 202 -13.21 -30.72 11.46
N ILE D 203 -13.36 -29.40 11.52
CA ILE D 203 -13.44 -28.71 12.80
C ILE D 203 -14.72 -29.10 13.53
N ILE D 204 -15.84 -29.10 12.82
CA ILE D 204 -17.14 -29.51 13.35
C ILE D 204 -17.13 -30.95 13.82
N GLY D 205 -16.53 -31.83 13.01
CA GLY D 205 -16.46 -33.27 13.30
C GLY D 205 -15.74 -33.51 14.60
N ARG D 206 -14.63 -32.81 14.80
CA ARG D 206 -13.84 -32.91 16.01
C ARG D 206 -14.56 -32.32 17.25
N ILE D 207 -15.29 -31.23 17.02
CA ILE D 207 -16.11 -30.65 18.07
C ILE D 207 -17.15 -31.67 18.53
N LYS D 208 -17.84 -32.31 17.58
CA LYS D 208 -18.93 -33.24 17.83
C LYS D 208 -18.52 -34.56 18.50
N GLU D 209 -17.28 -34.99 18.29
CA GLU D 209 -16.74 -36.18 18.94
C GLU D 209 -16.57 -35.95 20.44
N VAL D 210 -16.35 -34.71 20.83
CA VAL D 210 -16.06 -34.37 22.21
C VAL D 210 -17.33 -33.92 22.93
N TYR D 211 -18.24 -33.28 22.19
CA TYR D 211 -19.41 -32.63 22.78
C TYR D 211 -20.73 -33.22 22.34
N GLY D 212 -20.75 -34.07 21.32
CA GLY D 212 -21.99 -34.70 20.86
C GLY D 212 -22.54 -34.08 19.60
N ASP D 213 -23.64 -34.62 19.10
CA ASP D 213 -24.22 -34.20 17.82
C ASP D 213 -25.01 -32.87 17.88
N LEU D 214 -24.31 -31.79 18.20
CA LEU D 214 -24.96 -30.49 18.36
C LEU D 214 -25.51 -29.93 17.04
N PRO D 215 -26.65 -29.24 17.11
CA PRO D 215 -27.23 -28.62 15.93
C PRO D 215 -26.26 -27.57 15.35
N VAL D 216 -26.22 -27.47 14.03
CA VAL D 216 -25.35 -26.54 13.30
C VAL D 216 -26.21 -25.51 12.61
N VAL D 217 -25.93 -24.23 12.90
CA VAL D 217 -26.54 -23.12 12.19
C VAL D 217 -25.53 -22.46 11.26
N LEU D 218 -26.02 -22.12 10.09
CA LEU D 218 -25.25 -21.49 9.06
C LEU D 218 -25.71 -20.06 8.86
N THR D 219 -24.78 -19.12 8.89
CA THR D 219 -25.09 -17.72 8.62
C THR D 219 -23.95 -17.02 7.87
N GLY D 220 -24.17 -15.78 7.49
CA GLY D 220 -23.08 -14.96 6.97
C GLY D 220 -23.30 -14.65 5.51
N GLY D 221 -22.71 -13.56 5.06
CA GLY D 221 -22.88 -13.11 3.68
C GLY D 221 -22.42 -14.08 2.62
N GLN D 222 -21.48 -14.99 2.94
CA GLN D 222 -20.93 -15.89 1.91
C GLN D 222 -21.47 -17.32 2.09
N SER D 223 -22.42 -17.49 3.00
CA SER D 223 -22.94 -18.81 3.34
C SER D 223 -23.87 -19.43 2.29
N LYS D 224 -24.52 -18.60 1.50
CA LYS D 224 -25.51 -19.16 0.57
C LYS D 224 -24.86 -20.08 -0.48
N ILE D 225 -23.66 -19.74 -0.91
CA ILE D 225 -22.97 -20.49 -1.96
C ILE D 225 -22.63 -21.92 -1.57
N VAL D 226 -22.54 -22.19 -0.27
CA VAL D 226 -22.11 -23.52 0.19
C VAL D 226 -23.12 -24.22 1.08
N LYS D 227 -24.28 -23.59 1.23
CA LYS D 227 -25.41 -24.13 1.98
C LYS D 227 -25.63 -25.62 1.70
N ASP D 228 -25.66 -25.99 0.43
CA ASP D 228 -25.93 -27.39 0.09
C ASP D 228 -24.71 -28.34 0.14
N MET D 229 -23.59 -27.86 0.68
CA MET D 229 -22.35 -28.64 0.84
C MET D 229 -22.01 -28.95 2.29
N ILE D 230 -22.65 -28.24 3.22
CA ILE D 230 -22.36 -28.44 4.63
C ILE D 230 -23.64 -28.93 5.27
N LYS D 231 -23.56 -29.95 6.10
CA LYS D 231 -24.74 -30.37 6.79
C LYS D 231 -25.08 -29.40 7.92
N HIS D 232 -26.34 -28.97 7.94
CA HIS D 232 -26.78 -28.01 8.94
C HIS D 232 -28.26 -28.20 9.19
N GLU D 233 -28.67 -27.87 10.41
CA GLU D 233 -30.03 -27.96 10.89
C GLU D 233 -30.78 -26.63 10.74
N ILE D 234 -30.04 -25.52 10.75
CA ILE D 234 -30.63 -24.17 10.71
C ILE D 234 -29.86 -23.32 9.71
N PHE D 235 -30.57 -22.64 8.82
CA PHE D 235 -29.95 -21.65 7.97
C PHE D 235 -30.60 -20.33 8.30
N ASP D 236 -29.83 -19.36 8.78
CA ASP D 236 -30.45 -18.09 9.23
C ASP D 236 -29.52 -16.94 8.96
N GLU D 237 -29.74 -16.31 7.81
CA GLU D 237 -28.95 -15.17 7.41
C GLU D 237 -29.05 -13.92 8.34
N ASP D 238 -30.11 -13.85 9.14
CA ASP D 238 -30.35 -12.72 10.06
C ASP D 238 -29.85 -12.97 11.47
N LEU D 239 -29.07 -14.03 11.67
CA LEU D 239 -28.65 -14.41 13.01
C LEU D 239 -28.00 -13.25 13.76
N THR D 240 -27.02 -12.58 13.13
CA THR D 240 -26.28 -11.49 13.82
C THR D 240 -27.18 -10.30 14.19
N ILE D 241 -27.98 -9.89 13.23
CA ILE D 241 -28.89 -8.77 13.44
C ILE D 241 -29.95 -9.10 14.51
N LYS D 242 -30.47 -10.33 14.50
CA LYS D 242 -31.32 -10.80 15.60
C LYS D 242 -30.61 -10.66 16.95
N GLY D 243 -29.34 -11.06 16.99
CA GLY D 243 -28.52 -10.94 18.20
C GLY D 243 -28.44 -9.51 18.71
N VAL D 244 -28.27 -8.59 17.78
CA VAL D 244 -28.24 -7.17 18.11
C VAL D 244 -29.59 -6.76 18.75
N TYR D 245 -30.68 -7.15 18.10
CA TYR D 245 -32.01 -6.85 18.60
C TYR D 245 -32.21 -7.42 20.01
N HIS D 246 -31.90 -8.70 20.20
CA HIS D 246 -32.07 -9.33 21.52
C HIS D 246 -31.25 -8.73 22.65
N PHE D 247 -29.95 -8.52 22.42
CA PHE D 247 -29.07 -7.86 23.38
C PHE D 247 -29.55 -6.46 23.82
N CYS D 248 -29.96 -5.65 22.84
CA CYS D 248 -30.24 -4.23 23.03
C CYS D 248 -31.66 -3.97 23.48
N PHE D 249 -32.61 -4.69 22.88
CA PHE D 249 -34.03 -4.39 22.98
C PHE D 249 -34.87 -5.54 23.46
N GLY D 250 -34.23 -6.67 23.75
CA GLY D 250 -34.85 -7.73 24.53
C GLY D 250 -35.95 -8.43 23.78
N MET E 3 39.30 -20.62 27.67
CA MET E 3 38.55 -20.09 26.48
C MET E 3 37.96 -18.71 26.77
N ASP E 4 37.93 -17.88 25.74
CA ASP E 4 37.56 -16.49 25.91
C ASP E 4 36.06 -16.27 25.62
N PRO E 5 35.34 -15.61 26.56
CA PRO E 5 33.90 -15.36 26.33
C PRO E 5 33.67 -14.31 25.24
N MET E 6 32.67 -14.54 24.38
CA MET E 6 32.26 -13.54 23.38
C MET E 6 30.75 -13.65 23.16
N TYR E 7 30.07 -12.51 23.29
CA TYR E 7 28.65 -12.50 23.20
C TYR E 7 28.21 -11.70 22.01
N LEU E 8 27.29 -12.26 21.23
CA LEU E 8 26.56 -11.49 20.23
C LEU E 8 25.24 -10.98 20.85
N LEU E 9 25.02 -9.69 20.80
CA LEU E 9 23.81 -9.10 21.33
C LEU E 9 23.03 -8.51 20.18
N VAL E 10 21.72 -8.78 20.15
CA VAL E 10 20.87 -8.39 19.01
C VAL E 10 19.68 -7.59 19.51
N ASP E 11 19.44 -6.43 18.90
CA ASP E 11 18.26 -5.66 19.20
C ASP E 11 17.46 -5.53 17.90
N VAL E 12 16.38 -6.29 17.79
CA VAL E 12 15.56 -6.30 16.59
C VAL E 12 14.47 -5.29 16.73
N GLY E 13 14.56 -4.24 15.93
CA GLY E 13 13.56 -3.17 15.87
C GLY E 13 12.75 -3.24 14.57
N ASN E 14 11.67 -2.48 14.52
CA ASN E 14 10.76 -2.48 13.38
C ASN E 14 11.43 -2.08 12.08
N THR E 15 12.39 -1.16 12.17
CA THR E 15 12.99 -0.59 10.99
C THR E 15 14.42 -1.11 10.81
N HIS E 16 15.16 -1.20 11.92
CA HIS E 16 16.56 -1.58 11.89
C HIS E 16 16.88 -2.59 13.02
N SER E 17 17.89 -3.41 12.81
CA SER E 17 18.39 -4.29 13.85
C SER E 17 19.85 -4.01 14.12
N VAL E 18 20.18 -3.91 15.41
CA VAL E 18 21.53 -3.67 15.91
C VAL E 18 22.11 -5.00 16.38
N PHE E 19 23.32 -5.29 15.91
CA PHE E 19 24.13 -6.48 16.23
C PHE E 19 25.41 -5.99 16.91
N SER E 20 25.71 -6.52 18.06
CA SER E 20 26.86 -6.06 18.79
C SER E 20 27.62 -7.21 19.38
N ILE E 21 28.94 -7.07 19.44
CA ILE E 21 29.79 -8.09 20.06
C ILE E 21 30.49 -7.47 21.30
N THR E 22 30.53 -8.25 22.38
CA THR E 22 31.26 -7.86 23.57
C THR E 22 31.91 -9.09 24.20
N GLU E 23 33.08 -8.90 24.77
CA GLU E 23 33.70 -10.00 25.51
C GLU E 23 33.40 -9.86 26.97
N ASP E 24 33.18 -8.63 27.42
CA ASP E 24 33.17 -8.32 28.85
C ASP E 24 31.93 -7.56 29.31
N GLY E 25 31.08 -7.16 28.39
CA GLY E 25 29.92 -6.35 28.79
C GLY E 25 30.27 -4.92 29.15
N LYS E 26 31.49 -4.51 28.80
CA LYS E 26 31.99 -3.15 29.05
C LYS E 26 32.23 -2.41 27.74
N THR E 27 32.92 -3.07 26.82
CA THR E 27 33.24 -2.53 25.51
C THR E 27 32.42 -3.29 24.46
N PHE E 28 31.80 -2.52 23.57
CA PHE E 28 30.90 -3.04 22.56
C PHE E 28 31.30 -2.58 21.17
N ARG E 29 31.41 -3.53 20.24
CA ARG E 29 31.52 -3.25 18.84
C ARG E 29 30.11 -3.42 18.29
N ARG E 30 29.69 -2.53 17.37
CA ARG E 30 28.31 -2.57 16.90
C ARG E 30 28.13 -2.23 15.44
N TRP E 31 27.03 -2.75 14.90
CA TRP E 31 26.64 -2.63 13.50
C TRP E 31 25.13 -2.55 13.45
N ARG E 32 24.61 -1.98 12.38
CA ARG E 32 23.17 -1.82 12.24
C ARG E 32 22.80 -2.19 10.85
N LEU E 33 21.73 -2.95 10.73
CA LEU E 33 21.22 -3.42 9.45
C LEU E 33 19.73 -3.12 9.39
N SER E 34 19.16 -3.07 8.20
CA SER E 34 17.71 -2.93 8.12
C SER E 34 17.11 -4.25 8.55
N THR E 35 15.96 -4.20 9.21
CA THR E 35 15.25 -5.40 9.62
C THR E 35 14.65 -6.18 8.44
N GLY E 36 13.99 -5.46 7.53
CA GLY E 36 13.52 -6.06 6.28
C GLY E 36 12.21 -6.80 6.44
N VAL E 37 11.88 -7.56 5.41
CA VAL E 37 10.72 -8.45 5.40
C VAL E 37 11.23 -9.73 4.74
N PHE E 38 10.80 -10.86 5.25
CA PHE E 38 11.12 -12.16 4.65
C PHE E 38 12.63 -12.46 4.61
N GLN E 39 13.40 -11.80 5.47
CA GLN E 39 14.81 -12.11 5.58
C GLN E 39 14.98 -13.49 6.16
N THR E 40 16.01 -14.20 5.73
CA THR E 40 16.22 -15.53 6.21
C THR E 40 17.50 -15.57 7.00
N GLU E 41 17.76 -16.73 7.61
CA GLU E 41 18.96 -16.92 8.39
C GLU E 41 20.20 -16.84 7.53
N ASP E 42 20.11 -17.33 6.28
CA ASP E 42 21.26 -17.28 5.37
C ASP E 42 21.56 -15.86 4.94
N GLU E 43 20.51 -15.09 4.73
CA GLU E 43 20.62 -13.68 4.40
C GLU E 43 21.28 -12.88 5.54
N LEU E 44 20.87 -13.17 6.77
CA LEU E 44 21.44 -12.52 7.93
C LEU E 44 22.93 -12.87 8.04
N PHE E 45 23.26 -14.16 7.94
CA PHE E 45 24.65 -14.57 7.96
C PHE E 45 25.46 -13.87 6.86
N SER E 46 24.93 -13.85 5.67
CA SER E 46 25.58 -13.20 4.55
C SER E 46 25.87 -11.71 4.81
N HIS E 47 24.91 -10.99 5.38
CA HIS E 47 25.13 -9.57 5.69
C HIS E 47 26.18 -9.34 6.76
N LEU E 48 26.20 -10.21 7.78
CA LEU E 48 27.09 -10.01 8.90
C LEU E 48 28.51 -10.48 8.61
N HIS E 49 28.63 -11.42 7.68
CA HIS E 49 29.92 -12.07 7.41
C HIS E 49 31.08 -11.07 7.23
N PRO E 50 30.99 -10.11 6.28
CA PRO E 50 32.12 -9.18 6.17
C PRO E 50 32.17 -8.10 7.24
N LEU E 51 31.15 -8.02 8.08
CA LEU E 51 31.16 -7.05 9.17
C LEU E 51 31.81 -7.63 10.43
N LEU E 52 31.41 -8.83 10.82
CA LEU E 52 31.96 -9.50 12.02
C LEU E 52 33.31 -10.13 11.74
N GLY E 53 33.62 -10.42 10.48
CA GLY E 53 34.92 -10.98 10.14
C GLY E 53 35.25 -12.16 11.05
N ASP E 54 36.49 -12.18 11.57
CA ASP E 54 36.96 -13.31 12.39
C ASP E 54 36.16 -13.58 13.68
N ALA E 55 35.49 -12.55 14.20
CA ALA E 55 34.69 -12.69 15.40
C ALA E 55 33.51 -13.68 15.33
N MET E 56 32.98 -13.90 14.13
CA MET E 56 31.86 -14.83 13.97
C MET E 56 32.15 -16.19 14.63
N ARG E 57 33.36 -16.68 14.42
CA ARG E 57 33.76 -18.01 14.87
C ARG E 57 34.04 -18.09 16.37
N GLU E 58 34.08 -16.94 17.03
CA GLU E 58 34.37 -16.88 18.46
C GLU E 58 33.13 -16.74 19.33
N ILE E 59 32.01 -16.40 18.69
CA ILE E 59 30.74 -16.21 19.41
C ILE E 59 30.34 -17.46 20.22
N LYS E 60 30.08 -17.24 21.51
CA LYS E 60 29.80 -18.32 22.46
C LYS E 60 28.36 -18.27 22.92
N GLY E 61 27.74 -17.09 22.85
CA GLY E 61 26.42 -16.87 23.43
C GLY E 61 25.72 -15.78 22.66
N ILE E 62 24.39 -15.87 22.55
CA ILE E 62 23.59 -14.93 21.75
C ILE E 62 22.39 -14.50 22.59
N GLY E 63 22.23 -13.20 22.75
CA GLY E 63 21.15 -12.61 23.54
C GLY E 63 20.41 -11.64 22.63
N VAL E 64 19.08 -11.64 22.72
CA VAL E 64 18.24 -10.91 21.80
C VAL E 64 17.14 -10.12 22.50
N ALA E 65 16.97 -8.85 22.13
CA ALA E 65 15.76 -8.13 22.48
C ALA E 65 15.02 -7.82 21.19
N SER E 66 13.77 -8.23 21.10
CA SER E 66 13.05 -8.15 19.84
C SER E 66 11.65 -7.62 20.07
N VAL E 67 11.29 -6.63 19.25
CA VAL E 67 9.91 -6.16 19.20
C VAL E 67 9.25 -6.54 17.88
N VAL E 68 9.83 -7.49 17.15
CA VAL E 68 9.25 -7.94 15.86
C VAL E 68 9.13 -9.46 15.86
N PRO E 69 8.03 -9.98 16.39
CA PRO E 69 7.88 -11.44 16.53
C PRO E 69 8.06 -12.23 15.24
N THR E 70 7.66 -11.69 14.10
CA THR E 70 7.96 -12.35 12.84
C THR E 70 9.44 -12.70 12.66
N GLN E 71 10.33 -11.83 13.14
CA GLN E 71 11.78 -12.03 12.97
C GLN E 71 12.38 -13.03 13.94
N ASN E 72 11.64 -13.45 14.95
CA ASN E 72 12.25 -14.27 15.98
C ASN E 72 12.65 -15.64 15.52
N THR E 73 11.87 -16.23 14.61
CA THR E 73 12.22 -17.53 14.07
C THR E 73 13.47 -17.48 13.20
N VAL E 74 13.69 -16.37 12.51
CA VAL E 74 14.88 -16.17 11.72
C VAL E 74 16.11 -16.14 12.65
N ILE E 75 16.01 -15.38 13.75
CA ILE E 75 17.13 -15.28 14.66
C ILE E 75 17.41 -16.65 15.31
N GLU E 76 16.35 -17.34 15.71
CA GLU E 76 16.52 -18.69 16.26
C GLU E 76 17.26 -19.58 15.30
N ARG E 77 16.79 -19.59 14.06
CA ARG E 77 17.36 -20.43 13.01
C ARG E 77 18.82 -20.06 12.72
N PHE E 78 19.08 -18.76 12.70
CA PHE E 78 20.45 -18.26 12.51
C PHE E 78 21.40 -18.78 13.60
N SER E 79 20.96 -18.66 14.85
CA SER E 79 21.76 -19.07 16.00
C SER E 79 22.02 -20.56 15.98
N GLN E 80 21.00 -21.32 15.65
CA GLN E 80 21.09 -22.76 15.61
C GLN E 80 22.02 -23.24 14.49
N LYS E 81 21.83 -22.70 13.29
CA LYS E 81 22.52 -23.22 12.12
C LYS E 81 23.99 -22.82 12.10
N TYR E 82 24.25 -21.58 12.40
CA TYR E 82 25.59 -21.09 12.26
C TYR E 82 26.41 -21.19 13.52
N PHE E 83 25.78 -21.52 14.64
CA PHE E 83 26.50 -21.52 15.91
C PHE E 83 26.15 -22.68 16.84
N HIS E 84 25.05 -23.37 16.53
CA HIS E 84 24.41 -24.35 17.44
C HIS E 84 24.22 -23.76 18.83
N ILE E 85 23.64 -22.56 18.84
CA ILE E 85 23.40 -21.83 20.08
C ILE E 85 21.91 -21.66 20.21
N SER E 86 21.42 -21.87 21.43
CA SER E 86 20.10 -21.42 21.83
C SER E 86 20.22 -19.98 22.35
N PRO E 87 19.63 -19.01 21.62
CA PRO E 87 19.62 -17.61 22.05
C PRO E 87 18.71 -17.31 23.27
N ILE E 88 19.10 -16.33 24.08
CA ILE E 88 18.35 -15.94 25.30
C ILE E 88 17.54 -14.72 24.88
N TRP E 89 16.27 -14.71 25.26
CA TRP E 89 15.36 -13.70 24.79
C TRP E 89 15.02 -12.76 25.95
N VAL E 90 15.23 -11.46 25.75
CA VAL E 90 14.93 -10.47 26.79
C VAL E 90 13.43 -10.35 26.92
N LYS E 91 12.96 -10.41 28.18
CA LYS E 91 11.54 -10.23 28.51
C LYS E 91 11.41 -9.83 29.99
N ALA E 92 10.31 -9.19 30.37
CA ALA E 92 10.14 -8.71 31.75
C ALA E 92 10.02 -9.92 32.69
N LYS E 93 11.03 -10.08 33.53
CA LYS E 93 11.18 -11.26 34.39
C LYS E 93 11.13 -10.80 35.86
N ASN E 94 10.27 -11.45 36.65
CA ASN E 94 10.27 -11.33 38.12
C ASN E 94 11.59 -11.81 38.67
N GLY E 95 12.23 -10.96 39.47
CA GLY E 95 13.56 -11.25 40.01
C GLY E 95 14.59 -10.27 39.48
N CYS E 96 14.23 -9.64 38.36
CA CYS E 96 15.13 -8.79 37.61
C CYS E 96 14.40 -7.48 37.34
N VAL E 97 14.58 -6.50 38.24
CA VAL E 97 13.75 -5.29 38.30
C VAL E 97 12.30 -5.65 38.68
N LYS E 98 11.65 -4.80 39.48
CA LYS E 98 10.25 -4.96 39.77
C LYS E 98 9.49 -4.26 38.67
N TRP E 99 8.48 -4.93 38.12
CA TRP E 99 7.70 -4.41 37.00
C TRP E 99 6.32 -3.94 37.46
N ASN E 100 6.23 -2.72 37.97
CA ASN E 100 4.98 -2.22 38.56
C ASN E 100 4.01 -1.64 37.53
N VAL E 101 3.64 -2.44 36.55
CA VAL E 101 2.64 -2.04 35.56
C VAL E 101 1.64 -3.17 35.40
N LYS E 102 0.58 -2.94 34.62
CA LYS E 102 -0.54 -3.88 34.54
C LYS E 102 -0.15 -5.27 34.06
N ASN E 103 0.55 -5.34 32.93
CA ASN E 103 0.95 -6.61 32.36
C ASN E 103 2.40 -6.47 31.90
N PRO E 104 3.34 -6.81 32.79
CA PRO E 104 4.77 -6.78 32.46
C PRO E 104 5.11 -7.49 31.16
N SER E 105 4.36 -8.54 30.83
CA SER E 105 4.66 -9.33 29.63
C SER E 105 4.39 -8.52 28.37
N GLU E 106 3.70 -7.41 28.52
CA GLU E 106 3.42 -6.56 27.36
C GLU E 106 4.45 -5.47 27.12
N VAL E 107 5.39 -5.29 28.03
CA VAL E 107 6.36 -4.22 27.82
C VAL E 107 7.41 -4.68 26.80
N GLY E 108 7.60 -3.86 25.78
CA GLY E 108 8.54 -4.17 24.70
C GLY E 108 9.91 -4.52 25.23
N ALA E 109 10.55 -5.51 24.61
CA ALA E 109 11.84 -6.05 25.08
C ALA E 109 12.93 -5.00 25.01
N ASP E 110 12.74 -4.01 24.15
CA ASP E 110 13.71 -2.92 24.04
C ASP E 110 13.65 -2.04 25.28
N ARG E 111 12.44 -1.72 25.73
CA ARG E 111 12.26 -0.98 26.99
C ARG E 111 12.72 -1.77 28.21
N VAL E 112 12.45 -3.09 28.24
CA VAL E 112 12.92 -3.94 29.36
C VAL E 112 14.43 -3.86 29.43
N ALA E 113 15.10 -4.00 28.27
CA ALA E 113 16.56 -3.91 28.18
C ALA E 113 17.11 -2.59 28.71
N ASN E 114 16.52 -1.48 28.26
CA ASN E 114 16.93 -0.15 28.73
C ASN E 114 16.89 -0.08 30.27
N VAL E 115 15.78 -0.54 30.83
CA VAL E 115 15.56 -0.50 32.28
C VAL E 115 16.54 -1.38 33.05
N VAL E 116 16.78 -2.58 32.54
CA VAL E 116 17.75 -3.49 33.15
C VAL E 116 19.12 -2.85 33.17
N ALA E 117 19.50 -2.22 32.05
CA ALA E 117 20.83 -1.63 31.94
C ALA E 117 20.98 -0.42 32.85
N PHE E 118 19.91 0.36 32.96
CA PHE E 118 19.90 1.54 33.80
C PHE E 118 20.11 1.14 35.27
N VAL E 119 19.28 0.23 35.73
CA VAL E 119 19.33 -0.26 37.13
C VAL E 119 20.69 -0.87 37.49
N LYS E 120 21.29 -1.61 36.54
CA LYS E 120 22.62 -2.18 36.69
C LYS E 120 23.74 -1.12 36.70
N GLU E 121 23.67 -0.15 35.79
CA GLU E 121 24.80 0.75 35.58
C GLU E 121 24.67 2.14 36.21
N TYR E 122 23.43 2.60 36.40
CA TYR E 122 23.23 3.98 36.82
C TYR E 122 22.35 4.17 38.03
N GLY E 123 21.74 3.12 38.52
CA GLY E 123 21.12 3.20 39.82
C GLY E 123 19.65 2.91 39.79
N LYS E 124 18.98 3.20 40.90
CA LYS E 124 17.61 2.76 41.10
C LYS E 124 16.54 3.78 40.75
N ASN E 125 16.96 4.99 40.37
CA ASN E 125 16.01 6.07 40.06
C ASN E 125 16.36 6.78 38.77
N GLY E 126 15.42 6.83 37.84
CA GLY E 126 15.72 7.56 36.62
C GLY E 126 14.63 7.62 35.59
N ILE E 127 14.81 8.55 34.66
CA ILE E 127 13.93 8.68 33.51
C ILE E 127 14.75 8.35 32.26
N ILE E 128 14.28 7.37 31.49
CA ILE E 128 14.92 6.94 30.26
C ILE E 128 14.19 7.49 29.04
N ILE E 129 14.88 8.26 28.21
CA ILE E 129 14.30 8.70 26.95
C ILE E 129 14.96 7.96 25.79
N ASP E 130 14.17 7.29 24.99
CA ASP E 130 14.72 6.50 23.89
C ASP E 130 14.13 7.01 22.62
N MET E 131 14.95 7.70 21.85
CA MET E 131 14.47 8.30 20.62
C MET E 131 14.80 7.38 19.43
N GLY E 132 13.84 6.50 19.10
CA GLY E 132 14.01 5.57 17.98
C GLY E 132 12.82 5.66 17.03
N THR E 133 12.36 4.51 16.53
CA THR E 133 11.21 4.47 15.63
C THR E 133 10.05 5.20 16.31
N ALA E 134 9.79 4.82 17.56
CA ALA E 134 8.97 5.63 18.46
C ALA E 134 9.90 6.29 19.45
N THR E 135 9.45 7.39 20.02
CA THR E 135 10.16 8.01 21.10
C THR E 135 9.46 7.53 22.37
N THR E 136 10.23 6.96 23.30
CA THR E 136 9.63 6.47 24.54
C THR E 136 10.23 7.16 25.77
N VAL E 137 9.40 7.33 26.80
CA VAL E 137 9.85 7.72 28.13
C VAL E 137 9.61 6.52 29.03
N ASP E 138 10.58 6.15 29.85
CA ASP E 138 10.34 5.13 30.86
C ASP E 138 10.79 5.61 32.23
N LEU E 139 9.99 5.30 33.25
CA LEU E 139 10.31 5.75 34.59
C LEU E 139 10.71 4.59 35.48
N VAL E 140 11.82 4.72 36.18
CA VAL E 140 12.25 3.77 37.21
C VAL E 140 12.34 4.50 38.55
N VAL E 141 11.67 3.98 39.58
CA VAL E 141 11.66 4.60 40.90
C VAL E 141 11.95 3.54 41.96
N ASN E 142 13.07 3.70 42.66
CA ASN E 142 13.48 2.72 43.68
C ASN E 142 13.58 1.27 43.17
N GLY E 143 14.17 1.11 41.98
CA GLY E 143 14.39 -0.20 41.35
C GLY E 143 13.15 -0.79 40.71
N SER E 144 12.07 -0.03 40.75
CA SER E 144 10.81 -0.47 40.21
C SER E 144 10.48 0.33 38.92
N TYR E 145 10.13 -0.39 37.84
CA TYR E 145 9.63 0.20 36.61
C TYR E 145 8.20 0.64 36.82
N GLU E 146 7.93 1.92 36.60
CA GLU E 146 6.61 2.46 36.90
C GLU E 146 5.72 2.67 35.71
N GLY E 147 6.30 2.61 34.51
CA GLY E 147 5.53 2.85 33.29
C GLY E 147 6.17 3.95 32.47
N GLY E 148 5.42 4.53 31.55
CA GLY E 148 6.00 5.51 30.65
C GLY E 148 5.06 6.16 29.67
N ALA E 149 5.63 6.67 28.58
CA ALA E 149 4.89 7.33 27.52
C ALA E 149 5.48 6.87 26.22
N ILE E 150 4.67 6.81 25.18
CA ILE E 150 5.13 6.51 23.82
C ILE E 150 4.60 7.60 22.90
N LEU E 151 5.47 8.14 22.05
CA LEU E 151 5.03 8.99 20.94
C LEU E 151 5.73 8.62 19.64
N PRO E 152 5.21 9.10 18.49
CA PRO E 152 5.92 8.81 17.25
C PRO E 152 7.32 9.41 17.27
N GLY E 153 8.29 8.72 16.67
CA GLY E 153 9.65 9.24 16.59
C GLY E 153 9.70 10.35 15.55
N PHE E 154 10.86 10.99 15.40
CA PHE E 154 10.95 12.15 14.53
C PHE E 154 10.69 11.78 13.09
N PHE E 155 11.35 10.74 12.58
CA PHE E 155 11.15 10.36 11.17
C PHE E 155 9.70 9.89 10.94
N MET E 156 9.18 9.07 11.85
CA MET E 156 7.81 8.65 11.82
C MET E 156 6.90 9.85 11.60
N MET E 157 7.15 10.95 12.33
CA MET E 157 6.32 12.15 12.30
C MET E 157 6.41 12.86 10.93
N VAL E 158 7.61 13.13 10.45
CA VAL E 158 7.75 13.76 9.12
C VAL E 158 7.19 12.89 7.99
N HIS E 159 7.43 11.58 8.07
CA HIS E 159 6.88 10.67 7.07
C HIS E 159 5.35 10.63 7.13
N SER E 160 4.79 10.75 8.33
CA SER E 160 3.31 10.74 8.47
C SER E 160 2.67 11.96 7.82
N LEU E 161 3.29 13.10 7.98
CA LEU E 161 2.80 14.35 7.34
C LEU E 161 2.86 14.27 5.79
N PHE E 162 3.91 13.60 5.28
CA PHE E 162 4.15 13.50 3.84
C PHE E 162 3.20 12.50 3.20
N ARG E 163 3.04 11.37 3.87
CA ARG E 163 2.15 10.32 3.46
C ARG E 163 0.69 10.78 3.56
N GLY E 164 0.40 11.51 4.62
CA GLY E 164 -0.97 11.78 5.04
C GLY E 164 -1.59 13.01 4.41
N THR E 165 -0.83 13.68 3.54
CA THR E 165 -1.34 14.86 2.86
C THR E 165 -1.01 14.90 1.38
N ALA E 166 -1.80 15.66 0.63
CA ALA E 166 -1.50 15.94 -0.77
C ALA E 166 -0.26 16.80 -0.93
N LYS E 167 -0.15 17.85 -0.10
CA LYS E 167 0.80 18.91 -0.40
C LYS E 167 2.09 18.98 0.43
N LEU E 168 2.16 18.34 1.60
CA LEU E 168 3.36 18.49 2.48
C LEU E 168 4.53 17.62 2.04
N PRO E 169 5.77 18.20 2.01
CA PRO E 169 6.90 17.41 1.51
C PRO E 169 7.42 16.48 2.60
N LEU E 170 8.30 15.55 2.22
CA LEU E 170 9.08 14.82 3.21
C LEU E 170 10.24 15.72 3.69
N VAL E 171 10.15 16.17 4.94
CA VAL E 171 11.14 17.09 5.51
C VAL E 171 12.28 16.37 6.21
N GLU E 172 13.50 16.87 5.97
CA GLU E 172 14.67 16.39 6.69
C GLU E 172 14.62 16.87 8.15
N VAL E 173 14.87 15.95 9.08
CA VAL E 173 14.73 16.20 10.52
C VAL E 173 15.90 17.04 11.01
N LYS E 174 15.62 18.31 11.31
CA LYS E 174 16.61 19.29 11.72
C LYS E 174 15.92 20.32 12.61
N PRO E 175 16.49 20.61 13.80
CA PRO E 175 15.92 21.55 14.77
C PRO E 175 15.66 22.94 14.20
N ALA E 176 14.58 23.57 14.64
CA ALA E 176 14.23 24.93 14.19
C ALA E 176 14.97 25.99 14.99
N ASP E 177 15.36 27.03 14.28
CA ASP E 177 16.23 28.12 14.71
C ASP E 177 15.45 29.40 14.99
N PHE E 178 14.12 29.33 15.01
CA PHE E 178 13.27 30.52 14.86
C PHE E 178 11.97 30.33 15.62
N VAL E 179 11.29 31.45 15.89
CA VAL E 179 10.05 31.45 16.66
C VAL E 179 8.87 30.82 15.91
N VAL E 180 8.79 31.09 14.60
CA VAL E 180 7.75 30.55 13.72
C VAL E 180 8.39 30.27 12.35
N GLY E 181 7.93 29.25 11.65
CA GLY E 181 8.55 28.92 10.36
C GLY E 181 8.03 29.81 9.26
N LYS E 182 8.88 30.11 8.28
CA LYS E 182 8.47 30.98 7.18
C LYS E 182 8.37 30.31 5.83
N ASP E 183 8.47 28.98 5.82
CA ASP E 183 8.12 28.16 4.70
C ASP E 183 7.65 26.79 5.23
N THR E 184 7.19 25.93 4.33
CA THR E 184 6.64 24.64 4.73
C THR E 184 7.64 23.82 5.56
N GLU E 185 8.87 23.70 5.06
CA GLU E 185 9.91 22.92 5.73
C GLU E 185 10.23 23.44 7.11
N GLU E 186 10.27 24.77 7.28
CA GLU E 186 10.54 25.37 8.59
C GLU E 186 9.38 25.15 9.56
N ASN E 187 8.16 25.17 9.04
CA ASN E 187 6.94 24.88 9.80
C ASN E 187 6.98 23.49 10.41
N ILE E 188 7.41 22.53 9.60
CA ILE E 188 7.45 21.12 10.00
C ILE E 188 8.60 20.90 10.98
N ARG E 189 9.75 21.52 10.75
CA ARG E 189 10.89 21.32 11.64
C ARG E 189 10.51 21.83 13.01
N LEU E 190 9.85 22.97 13.05
CA LEU E 190 9.41 23.55 14.32
C LEU E 190 8.38 22.71 15.08
N GLY E 191 7.34 22.23 14.40
CA GLY E 191 6.30 21.44 15.07
C GLY E 191 6.77 20.05 15.45
N VAL E 192 7.53 19.39 14.56
CA VAL E 192 7.99 18.03 14.83
C VAL E 192 9.20 17.98 15.77
N VAL E 193 10.23 18.76 15.46
CA VAL E 193 11.50 18.59 16.18
C VAL E 193 11.40 19.35 17.48
N ASN E 194 11.26 20.66 17.41
CA ASN E 194 11.18 21.42 18.67
C ASN E 194 9.94 21.03 19.46
N GLY E 195 8.85 20.77 18.73
CA GLY E 195 7.59 20.39 19.31
C GLY E 195 7.74 19.09 20.06
N SER E 196 8.41 18.08 19.47
CA SER E 196 8.68 16.82 20.24
C SER E 196 9.52 17.01 21.51
N VAL E 197 10.46 17.95 21.47
CA VAL E 197 11.31 18.24 22.61
C VAL E 197 10.46 18.85 23.75
N TYR E 198 9.56 19.77 23.41
CA TYR E 198 8.63 20.36 24.39
C TYR E 198 7.70 19.29 24.96
N ALA E 199 7.26 18.36 24.12
CA ALA E 199 6.44 17.25 24.57
C ALA E 199 7.17 16.45 25.68
N LEU E 200 8.39 16.03 25.35
CA LEU E 200 9.27 15.34 26.29
C LEU E 200 9.51 16.14 27.58
N GLU E 201 9.89 17.42 27.45
CA GLU E 201 10.09 18.29 28.60
C GLU E 201 8.85 18.37 29.49
N GLY E 202 7.67 18.42 28.88
CA GLY E 202 6.39 18.48 29.60
C GLY E 202 6.12 17.19 30.35
N ILE E 203 6.36 16.06 29.70
CA ILE E 203 6.17 14.75 30.31
C ILE E 203 7.19 14.52 31.46
N ILE E 204 8.47 14.77 31.21
CA ILE E 204 9.51 14.74 32.25
C ILE E 204 9.22 15.68 33.42
N GLY E 205 8.75 16.89 33.11
CA GLY E 205 8.42 17.87 34.14
C GLY E 205 7.34 17.39 35.09
N ARG E 206 6.30 16.79 34.54
CA ARG E 206 5.18 16.30 35.33
C ARG E 206 5.58 15.10 36.21
N ILE E 207 6.44 14.23 35.67
CA ILE E 207 7.03 13.15 36.43
C ILE E 207 7.82 13.71 37.62
N LYS E 208 8.63 14.71 37.37
CA LYS E 208 9.50 15.25 38.43
C LYS E 208 8.68 15.93 39.53
N GLU E 209 7.54 16.48 39.18
CA GLU E 209 6.64 17.07 40.17
C GLU E 209 6.16 16.07 41.20
N VAL E 210 5.93 14.83 40.77
CA VAL E 210 5.40 13.81 41.66
C VAL E 210 6.53 13.06 42.34
N TYR E 211 7.59 12.78 41.58
CA TYR E 211 8.64 11.87 42.05
C TYR E 211 9.92 12.58 42.42
N GLY E 212 9.98 13.89 42.20
CA GLY E 212 11.18 14.67 42.53
C GLY E 212 12.16 14.65 41.38
N ASP E 213 13.26 15.40 41.52
CA ASP E 213 14.29 15.45 40.50
C ASP E 213 14.89 14.05 40.34
N LEU E 214 15.02 13.61 39.10
CA LEU E 214 15.60 12.30 38.82
C LEU E 214 16.58 12.46 37.69
N PRO E 215 17.66 11.65 37.67
CA PRO E 215 18.52 11.75 36.50
C PRO E 215 17.78 11.32 35.23
N VAL E 216 18.08 11.98 34.11
CA VAL E 216 17.49 11.63 32.81
C VAL E 216 18.60 11.04 31.95
N VAL E 217 18.33 9.87 31.36
CA VAL E 217 19.28 9.30 30.39
C VAL E 217 18.66 9.37 29.01
N LEU E 218 19.47 9.77 28.04
CA LEU E 218 19.05 9.84 26.65
C LEU E 218 19.72 8.76 25.87
N THR E 219 18.95 8.02 25.07
CA THR E 219 19.51 7.03 24.15
C THR E 219 18.70 6.98 22.86
N GLY E 220 19.11 6.16 21.88
CA GLY E 220 18.31 5.88 20.69
C GLY E 220 18.93 6.39 19.40
N GLY E 221 18.55 5.77 18.28
CA GLY E 221 19.14 6.12 16.99
C GLY E 221 18.99 7.58 16.58
N GLN E 222 17.92 8.24 17.04
CA GLN E 222 17.63 9.62 16.63
C GLN E 222 17.88 10.64 17.73
N SER E 223 18.66 10.28 18.75
CA SER E 223 18.87 11.13 19.93
C SER E 223 19.98 12.18 19.82
N LYS E 224 21.04 11.90 19.06
CA LYS E 224 22.14 12.85 18.88
C LYS E 224 21.64 14.21 18.40
N ILE E 225 20.81 14.20 17.37
CA ILE E 225 20.33 15.44 16.74
C ILE E 225 19.76 16.45 17.73
N VAL E 226 19.19 15.92 18.81
CA VAL E 226 18.48 16.73 19.78
C VAL E 226 19.18 16.74 21.15
N LYS E 227 20.36 16.12 21.24
CA LYS E 227 21.12 16.03 22.48
C LYS E 227 21.30 17.37 23.23
N ASP E 228 21.64 18.41 22.46
CA ASP E 228 21.87 19.75 22.98
C ASP E 228 20.56 20.44 23.40
N MET E 229 19.42 19.89 23.00
CA MET E 229 18.12 20.53 23.23
C MET E 229 17.38 20.07 24.46
N ILE E 230 17.76 18.90 24.99
CA ILE E 230 17.09 18.36 26.19
C ILE E 230 18.08 18.25 27.33
N LYS E 231 17.66 18.68 28.52
CA LYS E 231 18.49 18.53 29.70
C LYS E 231 18.64 17.05 30.03
N HIS E 232 19.86 16.60 30.26
CA HIS E 232 20.07 15.22 30.66
C HIS E 232 21.38 15.05 31.42
N GLU E 233 21.41 14.01 32.24
CA GLU E 233 22.56 13.69 33.05
C GLU E 233 23.44 12.64 32.37
N ILE E 234 22.81 11.73 31.61
CA ILE E 234 23.55 10.63 30.96
C ILE E 234 23.17 10.54 29.49
N PHE E 235 24.17 10.42 28.63
CA PHE E 235 23.94 10.15 27.23
C PHE E 235 24.61 8.82 26.87
N ASP E 236 23.80 7.79 26.59
CA ASP E 236 24.36 6.43 26.43
C ASP E 236 23.69 5.76 25.26
N GLU E 237 24.35 5.84 24.10
CA GLU E 237 23.85 5.20 22.89
C GLU E 237 23.79 3.67 22.94
N ASP E 238 24.49 3.07 23.89
CA ASP E 238 24.53 1.61 24.00
C ASP E 238 23.66 1.05 25.09
N LEU E 239 22.77 1.87 25.64
CA LEU E 239 21.90 1.41 26.71
C LEU E 239 21.14 0.10 26.39
N THR E 240 20.50 0.02 25.22
CA THR E 240 19.70 -1.17 24.91
C THR E 240 20.57 -2.45 24.83
N ILE E 241 21.69 -2.37 24.12
CA ILE E 241 22.58 -3.52 23.96
C ILE E 241 23.23 -3.91 25.30
N LYS E 242 23.56 -2.92 26.12
CA LYS E 242 23.99 -3.22 27.49
C LYS E 242 22.94 -4.00 28.24
N GLY E 243 21.68 -3.61 28.08
CA GLY E 243 20.58 -4.30 28.76
C GLY E 243 20.44 -5.75 28.34
N VAL E 244 20.69 -6.00 27.06
CA VAL E 244 20.71 -7.32 26.52
C VAL E 244 21.81 -8.10 27.19
N TYR E 245 22.99 -7.51 27.27
CA TYR E 245 24.11 -8.17 27.91
C TYR E 245 23.77 -8.49 29.37
N HIS E 246 23.31 -7.48 30.12
CA HIS E 246 23.08 -7.69 31.51
C HIS E 246 21.97 -8.71 31.75
N PHE E 247 20.88 -8.61 31.02
CA PHE E 247 19.76 -9.58 31.19
C PHE E 247 20.21 -11.01 30.91
N CYS E 248 20.93 -11.21 29.79
CA CYS E 248 21.18 -12.56 29.28
C CYS E 248 22.38 -13.20 29.94
N PHE E 249 23.44 -12.40 30.12
CA PHE E 249 24.77 -12.90 30.45
C PHE E 249 25.37 -12.30 31.72
N GLY E 250 24.73 -11.27 32.27
CA GLY E 250 25.24 -10.64 33.49
C GLY E 250 25.06 -11.57 34.69
N MET F 3 -30.97 41.79 1.20
CA MET F 3 -30.96 40.49 0.47
C MET F 3 -30.49 39.28 1.30
N ASP F 4 -30.88 38.08 0.85
CA ASP F 4 -30.42 36.82 1.43
C ASP F 4 -29.84 35.92 0.32
N PRO F 5 -28.59 36.22 -0.13
CA PRO F 5 -27.97 35.33 -1.12
C PRO F 5 -27.29 34.15 -0.42
N MET F 6 -27.78 32.94 -0.68
CA MET F 6 -27.27 31.69 -0.10
C MET F 6 -25.91 31.31 -0.70
N TYR F 7 -24.91 31.12 0.14
CA TYR F 7 -23.59 30.77 -0.31
C TYR F 7 -23.20 29.39 0.23
N LEU F 8 -22.58 28.59 -0.64
CA LEU F 8 -21.99 27.34 -0.24
C LEU F 8 -20.48 27.51 -0.03
N LEU F 9 -20.02 27.15 1.15
CA LEU F 9 -18.61 27.31 1.51
C LEU F 9 -18.05 25.93 1.70
N VAL F 10 -16.88 25.67 1.12
CA VAL F 10 -16.31 24.33 1.12
C VAL F 10 -14.88 24.41 1.64
N ASP F 11 -14.56 23.55 2.59
CA ASP F 11 -13.19 23.39 3.06
C ASP F 11 -12.73 21.96 2.76
N VAL F 12 -11.97 21.78 1.69
CA VAL F 12 -11.52 20.45 1.25
C VAL F 12 -10.21 20.10 1.92
N GLY F 13 -10.26 19.11 2.81
CA GLY F 13 -9.11 18.58 3.50
C GLY F 13 -8.72 17.21 2.97
N ASN F 14 -7.54 16.76 3.39
CA ASN F 14 -7.01 15.48 2.91
C ASN F 14 -7.91 14.29 3.16
N THR F 15 -8.61 14.36 4.27
CA THR F 15 -9.35 13.24 4.77
C THR F 15 -10.88 13.51 4.72
N HIS F 16 -11.26 14.75 5.07
CA HIS F 16 -12.66 15.18 5.13
C HIS F 16 -12.83 16.53 4.44
N SER F 17 -14.03 16.79 3.93
CA SER F 17 -14.39 18.09 3.41
C SER F 17 -15.61 18.58 4.18
N VAL F 18 -15.57 19.84 4.57
CA VAL F 18 -16.66 20.52 5.26
C VAL F 18 -17.42 21.34 4.23
N PHE F 19 -18.75 21.17 4.22
CA PHE F 19 -19.65 21.94 3.40
C PHE F 19 -20.54 22.74 4.31
N SER F 20 -20.73 24.02 4.00
CA SER F 20 -21.52 24.88 4.88
C SER F 20 -22.33 25.85 4.05
N ILE F 21 -23.52 26.20 4.52
CA ILE F 21 -24.29 27.20 3.81
C ILE F 21 -24.57 28.38 4.76
N THR F 22 -24.55 29.59 4.19
CA THR F 22 -24.87 30.77 4.95
C THR F 22 -25.57 31.76 4.03
N GLU F 23 -26.50 32.50 4.62
CA GLU F 23 -27.19 33.59 3.92
C GLU F 23 -26.49 34.90 4.18
N ASP F 24 -25.75 34.98 5.27
CA ASP F 24 -25.30 36.28 5.78
C ASP F 24 -23.85 36.32 6.23
N GLY F 25 -23.20 35.16 6.27
CA GLY F 25 -21.87 35.05 6.86
C GLY F 25 -21.87 35.30 8.36
N LYS F 26 -23.02 35.08 9.00
CA LYS F 26 -23.18 35.22 10.43
C LYS F 26 -23.57 33.88 11.07
N THR F 27 -24.57 33.25 10.47
CA THR F 27 -25.06 31.94 10.88
C THR F 27 -24.68 30.92 9.81
N PHE F 28 -24.19 29.74 10.24
CA PHE F 28 -23.75 28.67 9.34
C PHE F 28 -24.39 27.35 9.69
N ARG F 29 -24.91 26.64 8.68
CA ARG F 29 -25.21 25.21 8.83
C ARG F 29 -24.10 24.47 8.12
N ARG F 30 -23.67 23.36 8.71
CA ARG F 30 -22.52 22.66 8.19
C ARG F 30 -22.65 21.15 8.22
N TRP F 31 -21.96 20.52 7.29
CA TRP F 31 -21.95 19.06 7.11
C TRP F 31 -20.51 18.68 6.82
N ARG F 32 -20.16 17.40 7.04
CA ARG F 32 -18.83 16.91 6.81
C ARG F 32 -18.96 15.58 6.07
N LEU F 33 -18.13 15.41 5.03
CA LEU F 33 -18.13 14.18 4.22
C LEU F 33 -16.68 13.75 4.09
N SER F 34 -16.44 12.51 3.73
CA SER F 34 -15.07 12.10 3.41
C SER F 34 -14.67 12.69 2.06
N THR F 35 -13.39 13.00 1.92
CA THR F 35 -12.90 13.59 0.69
C THR F 35 -12.84 12.52 -0.39
N GLY F 36 -12.33 11.37 -0.03
CA GLY F 36 -12.48 10.20 -0.88
C GLY F 36 -11.36 10.16 -1.90
N VAL F 37 -11.50 9.30 -2.88
CA VAL F 37 -10.55 9.19 -3.98
C VAL F 37 -11.42 8.87 -5.16
N PHE F 38 -11.17 9.58 -6.27
CA PHE F 38 -11.86 9.36 -7.54
C PHE F 38 -13.33 9.77 -7.45
N GLN F 39 -13.62 10.67 -6.51
CA GLN F 39 -14.97 11.16 -6.38
C GLN F 39 -15.30 12.12 -7.52
N THR F 40 -16.54 12.07 -7.98
CA THR F 40 -16.92 12.84 -9.13
C THR F 40 -17.91 13.89 -8.70
N GLU F 41 -18.24 14.81 -9.60
CA GLU F 41 -19.23 15.84 -9.32
C GLU F 41 -20.64 15.29 -9.07
N ASP F 42 -20.99 14.22 -9.78
CA ASP F 42 -22.27 13.53 -9.56
C ASP F 42 -22.30 12.86 -8.20
N GLU F 43 -21.20 12.24 -7.77
CA GLU F 43 -21.21 11.67 -6.40
C GLU F 43 -21.35 12.75 -5.35
N LEU F 44 -20.64 13.86 -5.52
CA LEU F 44 -20.76 14.95 -4.56
C LEU F 44 -22.22 15.44 -4.49
N PHE F 45 -22.85 15.69 -5.63
CA PHE F 45 -24.26 16.13 -5.65
C PHE F 45 -25.18 15.13 -4.94
N SER F 46 -24.99 13.86 -5.29
CA SER F 46 -25.71 12.76 -4.65
C SER F 46 -25.55 12.73 -3.13
N HIS F 47 -24.34 12.92 -2.63
CA HIS F 47 -24.12 12.92 -1.19
C HIS F 47 -24.77 14.14 -0.53
N LEU F 48 -24.70 15.30 -1.18
CA LEU F 48 -25.19 16.54 -0.59
C LEU F 48 -26.69 16.69 -0.68
N HIS F 49 -27.29 16.03 -1.68
CA HIS F 49 -28.74 16.17 -1.95
C HIS F 49 -29.67 16.04 -0.73
N PRO F 50 -29.66 14.89 -0.01
CA PRO F 50 -30.47 14.77 1.19
C PRO F 50 -29.99 15.65 2.34
N LEU F 51 -28.75 16.13 2.30
CA LEU F 51 -28.24 17.00 3.38
C LEU F 51 -28.68 18.45 3.27
N LEU F 52 -28.37 19.09 2.14
CA LEU F 52 -28.77 20.48 1.96
C LEU F 52 -30.27 20.64 1.73
N GLY F 53 -30.93 19.62 1.17
CA GLY F 53 -32.36 19.68 0.88
C GLY F 53 -32.77 20.80 -0.07
N ASP F 54 -33.80 21.56 0.32
CA ASP F 54 -34.32 22.67 -0.50
C ASP F 54 -33.25 23.75 -0.76
N ALA F 55 -32.39 23.96 0.23
CA ALA F 55 -31.31 24.94 0.15
C ALA F 55 -30.39 24.76 -1.05
N MET F 56 -30.30 23.54 -1.58
CA MET F 56 -29.44 23.30 -2.72
C MET F 56 -29.94 23.97 -4.01
N ARG F 57 -31.24 24.29 -4.06
CA ARG F 57 -31.77 24.97 -5.24
C ARG F 57 -31.55 26.50 -5.17
N GLU F 58 -31.09 27.00 -4.04
CA GLU F 58 -30.96 28.43 -3.84
C GLU F 58 -29.52 28.98 -3.79
N ILE F 59 -28.52 28.16 -4.06
CA ILE F 59 -27.11 28.57 -3.97
C ILE F 59 -26.76 29.59 -5.04
N LYS F 60 -26.15 30.70 -4.63
CA LYS F 60 -25.77 31.77 -5.54
C LYS F 60 -24.27 31.99 -5.65
N GLY F 61 -23.50 31.35 -4.79
CA GLY F 61 -22.05 31.43 -4.84
C GLY F 61 -21.45 30.21 -4.17
N ILE F 62 -20.31 29.78 -4.69
CA ILE F 62 -19.56 28.68 -4.08
C ILE F 62 -18.13 29.15 -3.83
N GLY F 63 -17.70 29.09 -2.60
CA GLY F 63 -16.33 29.49 -2.24
C GLY F 63 -15.63 28.30 -1.64
N VAL F 64 -14.33 28.16 -1.96
CA VAL F 64 -13.62 26.95 -1.60
C VAL F 64 -12.21 27.27 -1.12
N ALA F 65 -11.84 26.65 0.01
CA ALA F 65 -10.45 26.53 0.45
C ALA F 65 -10.09 25.08 0.27
N SER F 66 -8.99 24.80 -0.44
CA SER F 66 -8.65 23.42 -0.66
C SER F 66 -7.16 23.19 -0.54
N VAL F 67 -6.80 22.11 0.15
CA VAL F 67 -5.42 21.63 0.19
C VAL F 67 -5.25 20.31 -0.60
N VAL F 68 -6.23 19.97 -1.44
CA VAL F 68 -6.16 18.73 -2.25
C VAL F 68 -6.40 19.08 -3.69
N PRO F 69 -5.31 19.46 -4.40
CA PRO F 69 -5.42 19.88 -5.81
C PRO F 69 -6.11 18.90 -6.74
N THR F 70 -6.01 17.59 -6.54
CA THR F 70 -6.82 16.70 -7.41
C THR F 70 -8.32 16.82 -7.25
N GLN F 71 -8.81 17.29 -6.11
CA GLN F 71 -10.24 17.47 -5.89
C GLN F 71 -10.80 18.69 -6.59
N ASN F 72 -9.92 19.57 -7.04
CA ASN F 72 -10.34 20.89 -7.42
C ASN F 72 -11.18 20.89 -8.70
N THR F 73 -10.76 20.09 -9.69
CA THR F 73 -11.51 20.01 -10.92
C THR F 73 -12.86 19.35 -10.68
N VAL F 74 -12.95 18.49 -9.67
CA VAL F 74 -14.20 17.87 -9.29
C VAL F 74 -15.19 18.95 -8.80
N ILE F 75 -14.68 19.90 -8.01
CA ILE F 75 -15.46 21.00 -7.45
C ILE F 75 -15.87 22.00 -8.57
N GLU F 76 -14.93 22.31 -9.47
CA GLU F 76 -15.27 23.11 -10.64
C GLU F 76 -16.42 22.52 -11.41
N ARG F 77 -16.34 21.22 -11.71
CA ARG F 77 -17.34 20.56 -12.53
C ARG F 77 -18.68 20.50 -11.81
N PHE F 78 -18.63 20.30 -10.49
CA PHE F 78 -19.83 20.27 -9.64
C PHE F 78 -20.56 21.60 -9.73
N SER F 79 -19.84 22.68 -9.47
CA SER F 79 -20.46 24.00 -9.47
C SER F 79 -20.98 24.40 -10.85
N GLN F 80 -20.26 24.06 -11.91
CA GLN F 80 -20.76 24.34 -13.26
C GLN F 80 -22.01 23.55 -13.67
N LYS F 81 -21.94 22.25 -13.48
CA LYS F 81 -23.03 21.36 -13.85
C LYS F 81 -24.31 21.67 -13.09
N TYR F 82 -24.18 21.83 -11.79
CA TYR F 82 -25.37 21.94 -10.97
C TYR F 82 -25.76 23.36 -10.69
N PHE F 83 -24.84 24.30 -10.83
CA PHE F 83 -25.18 25.72 -10.50
C PHE F 83 -24.84 26.76 -11.58
N HIS F 84 -24.17 26.33 -12.67
CA HIS F 84 -23.79 27.25 -13.75
C HIS F 84 -22.87 28.37 -13.28
N ILE F 85 -22.09 28.10 -12.24
CA ILE F 85 -21.14 29.07 -11.74
C ILE F 85 -19.78 28.44 -11.56
N SER F 86 -18.76 29.27 -11.46
CA SER F 86 -17.47 28.75 -11.07
C SER F 86 -17.21 29.11 -9.60
N PRO F 87 -16.47 28.23 -8.91
CA PRO F 87 -16.13 28.50 -7.52
C PRO F 87 -15.13 29.62 -7.39
N ILE F 88 -15.11 30.25 -6.23
CA ILE F 88 -14.06 31.17 -5.88
C ILE F 88 -13.09 30.42 -4.96
N TRP F 89 -11.82 30.50 -5.27
CA TRP F 89 -10.78 29.78 -4.55
C TRP F 89 -10.03 30.69 -3.61
N VAL F 90 -9.94 30.27 -2.34
CA VAL F 90 -9.22 31.02 -1.32
C VAL F 90 -7.73 30.89 -1.64
N LYS F 91 -7.03 32.03 -1.61
CA LYS F 91 -5.62 32.18 -1.94
C LYS F 91 -5.01 33.28 -1.09
N ALA F 92 -3.71 33.23 -0.84
CA ALA F 92 -3.05 34.36 -0.18
C ALA F 92 -2.88 35.46 -1.23
N LYS F 93 -3.52 36.60 -1.02
CA LYS F 93 -3.42 37.70 -1.95
C LYS F 93 -3.44 38.98 -1.13
N ASN F 94 -3.12 40.12 -1.75
CA ASN F 94 -3.06 41.34 -0.95
C ASN F 94 -4.44 41.82 -0.55
N GLY F 95 -4.51 42.41 0.63
CA GLY F 95 -5.77 42.76 1.28
C GLY F 95 -5.41 43.09 2.71
N CYS F 96 -6.31 42.78 3.63
CA CYS F 96 -6.11 43.15 5.04
C CYS F 96 -5.08 42.29 5.77
N VAL F 97 -4.70 41.16 5.18
CA VAL F 97 -3.59 40.41 5.76
C VAL F 97 -2.33 40.58 4.92
N LYS F 98 -1.22 41.01 5.55
CA LYS F 98 0.07 40.89 4.89
C LYS F 98 0.62 39.50 5.14
N TRP F 99 0.98 38.81 4.07
CA TRP F 99 1.47 37.45 4.12
C TRP F 99 2.98 37.50 4.19
N ASN F 100 3.50 37.65 5.41
CA ASN F 100 4.92 37.93 5.63
C ASN F 100 5.74 36.63 5.74
N VAL F 101 5.72 35.82 4.68
CA VAL F 101 6.49 34.57 4.65
C VAL F 101 7.18 34.52 3.32
N LYS F 102 8.11 33.57 3.16
CA LYS F 102 8.91 33.44 1.95
C LYS F 102 8.06 33.40 0.67
N ASN F 103 7.07 32.51 0.62
CA ASN F 103 6.22 32.35 -0.56
C ASN F 103 4.73 32.21 -0.17
N PRO F 104 4.00 33.34 -0.17
CA PRO F 104 2.58 33.28 0.21
C PRO F 104 1.78 32.22 -0.56
N SER F 105 2.13 31.96 -1.81
CA SER F 105 1.36 31.00 -2.62
C SER F 105 1.49 29.59 -2.09
N GLU F 106 2.45 29.34 -1.21
CA GLU F 106 2.66 28.02 -0.69
C GLU F 106 1.92 27.75 0.64
N VAL F 107 1.35 28.80 1.23
CA VAL F 107 0.59 28.58 2.45
C VAL F 107 -0.77 27.99 2.13
N GLY F 108 -1.09 26.93 2.86
CA GLY F 108 -2.32 26.19 2.60
C GLY F 108 -3.55 27.06 2.72
N ALA F 109 -4.54 26.79 1.87
CA ALA F 109 -5.71 27.66 1.76
C ALA F 109 -6.55 27.62 3.03
N ASP F 110 -6.47 26.52 3.77
CA ASP F 110 -7.14 26.39 5.07
C ASP F 110 -6.54 27.38 6.06
N ARG F 111 -5.23 27.50 6.06
CA ARG F 111 -4.53 28.43 6.95
C ARG F 111 -4.75 29.89 6.54
N VAL F 112 -4.78 30.13 5.23
CA VAL F 112 -5.16 31.46 4.73
C VAL F 112 -6.55 31.84 5.23
N ALA F 113 -7.54 30.96 5.03
CA ALA F 113 -8.90 31.19 5.52
C ALA F 113 -8.99 31.49 7.01
N ASN F 114 -8.29 30.70 7.83
CA ASN F 114 -8.26 30.96 9.28
C ASN F 114 -7.78 32.37 9.64
N VAL F 115 -6.69 32.78 9.01
CA VAL F 115 -6.12 34.11 9.26
C VAL F 115 -7.04 35.24 8.76
N VAL F 116 -7.61 35.07 7.58
CA VAL F 116 -8.58 36.02 7.08
C VAL F 116 -9.75 36.15 8.07
N ALA F 117 -10.28 35.02 8.53
CA ALA F 117 -11.39 35.07 9.48
C ALA F 117 -10.96 35.75 10.78
N PHE F 118 -9.75 35.43 11.23
CA PHE F 118 -9.30 35.97 12.49
C PHE F 118 -9.20 37.49 12.42
N VAL F 119 -8.61 37.98 11.35
CA VAL F 119 -8.43 39.41 11.16
C VAL F 119 -9.77 40.11 10.96
N LYS F 120 -10.70 39.48 10.25
CA LYS F 120 -12.05 40.06 10.10
C LYS F 120 -12.89 40.14 11.38
N GLU F 121 -12.84 39.09 12.21
CA GLU F 121 -13.74 39.00 13.38
C GLU F 121 -13.12 39.25 14.75
N TYR F 122 -11.84 38.97 14.90
CA TYR F 122 -11.23 38.98 16.21
C TYR F 122 -10.09 39.98 16.32
N GLY F 123 -9.56 40.46 15.23
CA GLY F 123 -8.61 41.56 15.36
C GLY F 123 -7.24 41.21 14.83
N LYS F 124 -6.27 42.07 15.12
CA LYS F 124 -5.04 42.09 14.37
C LYS F 124 -3.93 41.24 14.96
N ASN F 125 -4.15 40.70 16.15
CA ASN F 125 -3.09 39.98 16.88
C ASN F 125 -3.63 38.68 17.46
N GLY F 126 -2.94 37.58 17.17
CA GLY F 126 -3.43 36.33 17.67
C GLY F 126 -2.62 35.15 17.26
N ILE F 127 -2.82 34.06 18.03
CA ILE F 127 -2.26 32.77 17.74
C ILE F 127 -3.42 31.82 17.47
N ILE F 128 -3.38 31.19 16.30
CA ILE F 128 -4.45 30.28 15.85
C ILE F 128 -3.97 28.87 15.92
N ILE F 129 -4.70 28.03 16.66
CA ILE F 129 -4.35 26.62 16.76
C ILE F 129 -5.43 25.81 16.08
N ASP F 130 -5.05 25.14 15.00
CA ASP F 130 -6.02 24.38 14.20
C ASP F 130 -5.70 22.91 14.31
N MET F 131 -6.50 22.22 15.08
CA MET F 131 -6.26 20.80 15.34
C MET F 131 -7.09 19.93 14.38
N GLY F 132 -6.53 19.57 13.25
CA GLY F 132 -7.24 18.74 12.26
C GLY F 132 -6.33 17.61 11.83
N THR F 133 -6.37 17.27 10.53
CA THR F 133 -5.46 16.28 9.93
C THR F 133 -4.03 16.48 10.41
N ALA F 134 -3.50 17.67 10.17
CA ALA F 134 -2.32 18.12 10.87
C ALA F 134 -2.78 19.09 11.96
N THR F 135 -1.97 19.26 12.99
CA THR F 135 -2.22 20.30 13.97
C THR F 135 -1.32 21.47 13.59
N THR F 136 -1.90 22.66 13.44
CA THR F 136 -1.09 23.79 13.00
C THR F 136 -1.21 24.97 13.96
N VAL F 137 -0.14 25.78 14.04
CA VAL F 137 -0.11 27.03 14.79
C VAL F 137 0.16 28.10 13.75
N ASP F 138 -0.62 29.17 13.77
CA ASP F 138 -0.38 30.31 12.89
C ASP F 138 -0.37 31.59 13.69
N LEU F 139 0.61 32.43 13.36
CA LEU F 139 0.82 33.65 14.11
C LEU F 139 0.40 34.85 13.24
N VAL F 140 -0.44 35.72 13.82
CA VAL F 140 -0.74 37.01 13.21
C VAL F 140 -0.38 38.16 14.16
N VAL F 141 0.50 39.04 13.71
CA VAL F 141 0.97 40.16 14.54
C VAL F 141 0.74 41.45 13.79
N ASN F 142 -0.09 42.32 14.36
CA ASN F 142 -0.46 43.56 13.70
C ASN F 142 -0.98 43.35 12.27
N GLY F 143 -1.80 42.31 12.07
CA GLY F 143 -2.45 42.05 10.78
C GLY F 143 -1.49 41.45 9.75
N SER F 144 -0.30 41.09 10.20
CA SER F 144 0.66 40.46 9.34
C SER F 144 0.77 38.97 9.75
N TYR F 145 0.47 38.07 8.83
CA TYR F 145 0.74 36.66 9.00
C TYR F 145 2.23 36.43 8.99
N GLU F 146 2.74 35.95 10.11
CA GLU F 146 4.17 35.81 10.36
C GLU F 146 4.69 34.41 10.11
N GLY F 147 3.77 33.43 10.09
CA GLY F 147 4.18 32.03 9.87
C GLY F 147 3.67 31.15 10.98
N GLY F 148 4.23 29.95 11.09
CA GLY F 148 3.72 29.01 12.06
C GLY F 148 4.50 27.73 12.22
N ALA F 149 3.78 26.69 12.61
CA ALA F 149 4.33 25.37 12.85
C ALA F 149 3.30 24.35 12.41
N ILE F 150 3.77 23.18 11.96
CA ILE F 150 2.94 22.05 11.59
C ILE F 150 3.45 20.79 12.31
N LEU F 151 2.51 20.06 12.89
CA LEU F 151 2.82 18.74 13.42
C LEU F 151 1.69 17.81 13.09
N PRO F 152 1.92 16.48 13.16
CA PRO F 152 0.83 15.54 12.90
C PRO F 152 -0.34 15.74 13.87
N GLY F 153 -1.57 15.59 13.37
CA GLY F 153 -2.75 15.67 14.24
C GLY F 153 -2.79 14.42 15.12
N PHE F 154 -3.73 14.40 16.06
CA PHE F 154 -3.75 13.33 17.02
C PHE F 154 -3.95 11.96 16.33
N PHE F 155 -4.93 11.88 15.43
CA PHE F 155 -5.21 10.60 14.77
C PHE F 155 -4.05 10.20 13.89
N MET F 156 -3.50 11.15 13.14
CA MET F 156 -2.29 10.88 12.36
C MET F 156 -1.24 10.18 13.23
N MET F 157 -1.05 10.66 14.46
CA MET F 157 -0.04 10.16 15.39
C MET F 157 -0.31 8.72 15.86
N VAL F 158 -1.54 8.50 16.35
CA VAL F 158 -1.90 7.15 16.81
C VAL F 158 -1.85 6.17 15.64
N HIS F 159 -2.26 6.60 14.46
CA HIS F 159 -2.19 5.72 13.28
C HIS F 159 -0.76 5.42 12.83
N SER F 160 0.14 6.43 12.90
CA SER F 160 1.54 6.21 12.53
C SER F 160 2.22 5.20 13.45
N LEU F 161 1.85 5.20 14.73
CA LEU F 161 2.36 4.21 15.69
C LEU F 161 1.85 2.80 15.39
N PHE F 162 0.56 2.69 15.09
CA PHE F 162 -0.06 1.42 14.71
C PHE F 162 0.54 0.87 13.42
N ARG F 163 0.65 1.71 12.42
CA ARG F 163 1.14 1.28 11.13
C ARG F 163 2.64 0.97 11.09
N GLY F 164 3.40 1.67 11.92
CA GLY F 164 4.87 1.68 11.82
C GLY F 164 5.56 0.70 12.74
N THR F 165 4.78 -0.11 13.45
CA THR F 165 5.39 -1.05 14.38
C THR F 165 4.64 -2.36 14.30
N ALA F 166 5.35 -3.45 14.64
CA ALA F 166 4.69 -4.76 14.76
C ALA F 166 3.65 -4.84 15.92
N LYS F 167 3.98 -4.30 17.10
CA LYS F 167 3.23 -4.60 18.33
C LYS F 167 2.24 -3.54 18.83
N LEU F 168 2.43 -2.28 18.44
CA LEU F 168 1.60 -1.19 18.99
C LEU F 168 0.19 -1.20 18.38
N PRO F 169 -0.86 -1.14 19.22
CA PRO F 169 -2.23 -1.16 18.72
C PRO F 169 -2.59 0.21 18.16
N LEU F 170 -3.78 0.32 17.56
CA LEU F 170 -4.37 1.62 17.25
C LEU F 170 -5.15 2.09 18.46
N VAL F 171 -4.77 3.24 18.98
CA VAL F 171 -5.34 3.75 20.22
C VAL F 171 -6.36 4.85 19.93
N GLU F 172 -7.47 4.81 20.64
CA GLU F 172 -8.44 5.90 20.71
C GLU F 172 -7.80 7.12 21.34
N VAL F 173 -8.00 8.28 20.71
CA VAL F 173 -7.48 9.56 21.18
C VAL F 173 -8.32 10.07 22.34
N LYS F 174 -7.67 10.25 23.51
CA LYS F 174 -8.31 10.57 24.79
C LYS F 174 -7.24 10.99 25.81
N PRO F 175 -7.39 12.17 26.45
CA PRO F 175 -6.33 12.64 27.35
C PRO F 175 -5.96 11.64 28.43
N ALA F 176 -4.71 11.68 28.86
CA ALA F 176 -4.23 10.89 29.97
C ALA F 176 -4.45 11.70 31.26
N ASP F 177 -4.83 11.00 32.32
CA ASP F 177 -5.09 11.62 33.59
C ASP F 177 -4.13 11.06 34.63
N PHE F 178 -2.97 10.60 34.19
CA PHE F 178 -1.99 9.92 35.03
C PHE F 178 -0.59 10.41 34.62
N VAL F 179 0.39 10.25 35.50
CA VAL F 179 1.70 10.84 35.22
C VAL F 179 2.56 9.95 34.34
N VAL F 180 2.35 8.63 34.40
CA VAL F 180 2.93 7.66 33.45
C VAL F 180 1.89 6.59 33.16
N GLY F 181 1.90 6.03 31.96
CA GLY F 181 0.94 4.97 31.61
C GLY F 181 1.38 3.64 32.15
N LYS F 182 0.43 2.81 32.53
CA LYS F 182 0.72 1.47 33.07
C LYS F 182 0.30 0.36 32.09
N ASP F 183 -0.10 0.72 30.88
CA ASP F 183 -0.21 -0.24 29.80
C ASP F 183 0.04 0.46 28.47
N THR F 184 -0.02 -0.30 27.38
CA THR F 184 0.36 0.25 26.09
C THR F 184 -0.54 1.40 25.67
N GLU F 185 -1.84 1.21 25.83
CA GLU F 185 -2.86 2.21 25.54
C GLU F 185 -2.64 3.53 26.28
N GLU F 186 -2.38 3.40 27.59
CA GLU F 186 -2.12 4.55 28.43
C GLU F 186 -0.84 5.25 28.04
N ASN F 187 0.19 4.47 27.69
CA ASN F 187 1.46 5.03 27.23
C ASN F 187 1.28 5.95 26.03
N ILE F 188 0.48 5.49 25.07
CA ILE F 188 0.27 6.23 23.83
C ILE F 188 -0.61 7.49 24.02
N ARG F 189 -1.65 7.38 24.85
CA ARG F 189 -2.50 8.52 25.18
C ARG F 189 -1.67 9.59 25.82
N LEU F 190 -0.82 9.19 26.78
CA LEU F 190 0.08 10.15 27.40
C LEU F 190 1.02 10.87 26.41
N GLY F 191 1.73 10.11 25.59
CA GLY F 191 2.71 10.67 24.65
C GLY F 191 2.09 11.46 23.52
N VAL F 192 0.98 10.95 22.99
CA VAL F 192 0.34 11.58 21.84
C VAL F 192 -0.55 12.73 22.22
N VAL F 193 -1.46 12.50 23.18
CA VAL F 193 -2.45 13.52 23.47
C VAL F 193 -1.88 14.60 24.36
N ASN F 194 -1.45 14.23 25.56
CA ASN F 194 -0.83 15.20 26.48
C ASN F 194 0.45 15.79 25.90
N GLY F 195 1.27 14.93 25.29
CA GLY F 195 2.52 15.37 24.67
C GLY F 195 2.29 16.43 23.61
N SER F 196 1.30 16.23 22.74
CA SER F 196 0.98 17.22 21.70
C SER F 196 0.53 18.56 22.31
N VAL F 197 -0.18 18.49 23.44
CA VAL F 197 -0.61 19.68 24.13
C VAL F 197 0.61 20.42 24.73
N TYR F 198 1.51 19.66 25.33
CA TYR F 198 2.77 20.20 25.81
C TYR F 198 3.57 20.81 24.66
N ALA F 199 3.58 20.15 23.49
CA ALA F 199 4.23 20.75 22.31
C ALA F 199 3.65 22.12 21.92
N LEU F 200 2.32 22.18 21.82
CA LEU F 200 1.61 23.44 21.55
C LEU F 200 1.87 24.53 22.60
N GLU F 201 1.85 24.14 23.87
CA GLU F 201 2.12 25.12 24.92
C GLU F 201 3.56 25.63 24.82
N GLY F 202 4.48 24.78 24.36
CA GLY F 202 5.87 25.21 24.23
C GLY F 202 6.02 26.21 23.09
N ILE F 203 5.40 25.86 21.97
CA ILE F 203 5.44 26.72 20.79
C ILE F 203 4.73 28.04 21.08
N ILE F 204 3.55 27.97 21.67
CA ILE F 204 2.85 29.23 22.03
C ILE F 204 3.69 30.09 22.98
N GLY F 205 4.29 29.45 23.98
CA GLY F 205 5.17 30.08 24.98
C GLY F 205 6.33 30.83 24.36
N ARG F 206 7.09 30.17 23.49
CA ARG F 206 8.16 30.83 22.75
C ARG F 206 7.69 32.05 21.92
N ILE F 207 6.57 31.92 21.23
CA ILE F 207 5.96 33.05 20.51
C ILE F 207 5.65 34.21 21.46
N LYS F 208 5.01 33.91 22.59
CA LYS F 208 4.64 34.96 23.54
C LYS F 208 5.88 35.63 24.11
N GLU F 209 6.99 34.91 24.20
CA GLU F 209 8.24 35.46 24.69
C GLU F 209 8.69 36.57 23.78
N VAL F 210 8.55 36.37 22.47
CA VAL F 210 8.99 37.37 21.50
C VAL F 210 7.91 38.45 21.27
N TYR F 211 6.64 38.03 21.20
CA TYR F 211 5.59 38.94 20.73
C TYR F 211 4.70 39.45 21.82
N GLY F 212 4.90 38.93 23.03
CA GLY F 212 4.03 39.30 24.14
C GLY F 212 2.76 38.47 24.10
N ASP F 213 1.91 38.68 25.09
CA ASP F 213 0.70 37.91 25.30
C ASP F 213 -0.31 38.20 24.20
N LEU F 214 -0.56 37.23 23.34
CA LEU F 214 -1.54 37.36 22.28
C LEU F 214 -2.77 36.50 22.59
N PRO F 215 -3.96 36.91 22.11
CA PRO F 215 -5.04 35.92 22.26
C PRO F 215 -4.83 34.63 21.45
N VAL F 216 -5.36 33.52 21.96
CA VAL F 216 -5.24 32.24 21.29
C VAL F 216 -6.65 31.77 20.92
N VAL F 217 -6.85 31.45 19.65
CA VAL F 217 -8.09 30.80 19.20
C VAL F 217 -7.83 29.33 18.89
N LEU F 218 -8.76 28.50 19.32
CA LEU F 218 -8.72 27.10 19.02
C LEU F 218 -9.80 26.77 18.01
N THR F 219 -9.43 25.96 17.02
CA THR F 219 -10.38 25.47 16.03
C THR F 219 -9.96 24.07 15.57
N GLY F 220 -10.74 23.46 14.66
CA GLY F 220 -10.39 22.20 14.00
C GLY F 220 -11.24 21.03 14.48
N GLY F 221 -11.41 20.01 13.64
CA GLY F 221 -12.16 18.83 14.02
C GLY F 221 -11.64 17.99 15.18
N GLN F 222 -10.40 18.18 15.63
CA GLN F 222 -9.89 17.38 16.77
C GLN F 222 -9.74 18.26 18.01
N SER F 223 -10.29 19.46 17.94
CA SER F 223 -10.10 20.48 18.96
C SER F 223 -10.87 20.31 20.28
N LYS F 224 -12.09 19.77 20.22
CA LYS F 224 -12.93 19.66 21.42
C LYS F 224 -12.31 18.77 22.48
N ILE F 225 -11.72 17.66 22.06
CA ILE F 225 -11.18 16.67 22.99
C ILE F 225 -10.08 17.30 23.87
N VAL F 226 -9.56 18.45 23.41
CA VAL F 226 -8.41 19.11 24.00
C VAL F 226 -8.74 20.45 24.64
N LYS F 227 -9.93 20.98 24.34
CA LYS F 227 -10.31 22.35 24.69
C LYS F 227 -9.95 22.78 26.11
N ASP F 228 -10.20 21.91 27.09
CA ASP F 228 -9.96 22.27 28.47
C ASP F 228 -8.50 22.11 28.91
N MET F 229 -7.64 21.61 28.03
CA MET F 229 -6.24 21.36 28.36
C MET F 229 -5.31 22.49 27.91
N ILE F 230 -5.77 23.32 26.98
CA ILE F 230 -4.94 24.40 26.46
C ILE F 230 -5.61 25.72 26.76
N LYS F 231 -4.87 26.65 27.32
CA LYS F 231 -5.42 27.96 27.61
C LYS F 231 -5.70 28.69 26.29
N HIS F 232 -6.90 29.27 26.20
CA HIS F 232 -7.32 29.91 24.96
C HIS F 232 -8.37 30.93 25.30
N GLU F 233 -8.53 31.90 24.40
CA GLU F 233 -9.38 33.03 24.65
C GLU F 233 -10.62 32.88 23.80
N ILE F 234 -10.46 32.20 22.65
CA ILE F 234 -11.53 32.04 21.69
C ILE F 234 -11.59 30.59 21.29
N PHE F 235 -12.80 30.08 21.19
CA PHE F 235 -13.00 28.75 20.68
C PHE F 235 -13.98 28.88 19.53
N ASP F 236 -13.55 28.61 18.31
CA ASP F 236 -14.41 28.86 17.14
C ASP F 236 -14.23 27.78 16.11
N GLU F 237 -15.12 26.80 16.16
CA GLU F 237 -15.07 25.70 15.19
C GLU F 237 -15.40 26.06 13.75
N ASP F 238 -16.02 27.22 13.52
CA ASP F 238 -16.36 27.66 12.17
C ASP F 238 -15.35 28.63 11.59
N LEU F 239 -14.19 28.77 12.26
CA LEU F 239 -13.16 29.72 11.79
C LEU F 239 -12.83 29.61 10.30
N THR F 240 -12.53 28.38 9.84
CA THR F 240 -12.07 28.19 8.45
C THR F 240 -13.18 28.54 7.45
N ILE F 241 -14.39 28.05 7.73
CA ILE F 241 -15.55 28.31 6.88
C ILE F 241 -15.87 29.82 6.87
N LYS F 242 -15.80 30.46 8.03
CA LYS F 242 -16.00 31.92 8.07
C LYS F 242 -14.97 32.63 7.17
N GLY F 243 -13.75 32.15 7.16
CA GLY F 243 -12.70 32.77 6.36
C GLY F 243 -12.92 32.58 4.87
N VAL F 244 -13.49 31.42 4.51
CA VAL F 244 -13.93 31.14 3.13
C VAL F 244 -14.99 32.16 2.74
N TYR F 245 -15.97 32.32 3.61
CA TYR F 245 -16.97 33.36 3.41
C TYR F 245 -16.38 34.75 3.25
N HIS F 246 -15.63 35.21 4.26
CA HIS F 246 -15.04 36.55 4.21
C HIS F 246 -14.20 36.76 2.97
N PHE F 247 -13.35 35.77 2.62
CA PHE F 247 -12.48 35.94 1.43
C PHE F 247 -13.29 36.06 0.13
N CYS F 248 -14.25 35.15 -0.07
CA CYS F 248 -14.93 35.01 -1.34
C CYS F 248 -16.09 35.98 -1.53
N PHE F 249 -16.83 36.27 -0.46
CA PHE F 249 -18.11 36.97 -0.59
C PHE F 249 -18.25 38.21 0.31
N GLY F 250 -17.30 38.44 1.22
CA GLY F 250 -17.27 39.64 2.07
C GLY F 250 -18.47 39.85 3.00
#